data_4A8G
# 
_entry.id   4A8G 
# 
_audit_conform.dict_name       mmcif_pdbx.dic 
_audit_conform.dict_version    5.383 
_audit_conform.dict_location   http://mmcif.pdb.org/dictionaries/ascii/mmcif_pdbx.dic 
# 
loop_
_database_2.database_id 
_database_2.database_code 
_database_2.pdbx_database_accession 
_database_2.pdbx_DOI 
PDB   4A8G         pdb_00004a8g 10.2210/pdb4a8g/pdb 
PDBE  EBI-50368    ?            ?                   
WWPDB D_1290050368 ?            ?                   
# 
loop_
_pdbx_database_related.db_name 
_pdbx_database_related.db_id 
_pdbx_database_related.content_type 
_pdbx_database_related.details 
PDB 1FSK unspecified 
'COMPLEX FORMATION BETWEEN A FAB FRAGMENT OF A MONOCLONALIGG ANTIBODY AND THE MAJOR ALLERGEN FROM BIRCH POLLEN BET V1' 
PDB 1B6F unspecified 'BIRCH POLLEN ALLERGEN BET V 1' 
PDB 4A84 unspecified 'CRYSTAL STRUCTURE OF MAJOR BIRCH POLLEN ALLERGEN BET V 1 A F30V MUTANT IN COMPLEX WITH DEOXYCHOLATE.' 
PDB 1BV1 unspecified 'BIRCH POLLEN ALLERGEN BET V 1' 
PDB 4A80 unspecified 
'CRYSTAL STRUCTURE OF MAJOR BIRCH POLLEN ALLERGEN BET V 1 A IN COMPLEX WITH 8-ANILINONAPHTHALENE-1-SULFONATE (ANS)' 
PDB 4A85 unspecified 'CRYSTAL STRUCTURE OF MAJOR BIRCH POLLEN ALLERGEN BET V 1 A IN COMPLEX WITH KINETIN.' 
PDB 4A88 unspecified 'CRYSTAL STRUCTURE OF NATIVE MAJOR BIRCH POLLEN ALLERGEN BET V 1 ISOFORM A' 
PDB 4A81 unspecified 
;CRYSTAL STRUCTURE OF MAJOR BIRCH POLLEN ALLERGEN BET V 1 A IN TERNARY COMPLEX WITH 8-ANILINONAPHTHALENE-1- SULFONATE (ANS) AND DEOXYCHOLIC ACID
;
PDB 1LLT unspecified 'BIRCH POLLEN ALLERGEN BET V 1 MUTANT E45S' 
PDB 1QMR unspecified 'BIRCH POLLEN ALLERGEN BET V 1 MUTANT N28T, K32Q, E45S, P108G' 
PDB 4A86 unspecified 
;CRYSTAL STRUCTURE OF MAJOR BIRCH POLLEN ALLERGEN BET V 1 A IN TERNARY COMPLEX WITH KINETIN AND 8- ANILINONAPHTHALENE-1-SULFONATE (ANS)
;
PDB 1BTV unspecified 'STRUCTURE OF BET V 1, NMR, 20 STRUCTURES' 
PDB 4A83 unspecified 'CRYSTAL STRUCTURE OF MAJOR BIRCH POLLEN ALLERGEN BET V 1 A IN COMPLEX WITH DEOXYCHOLATE.' 
PDB 4A87 unspecified 'CRYSTAL STRUCTURE OF MAJOR BIRCH POLLEN ALLERGEN BET V 1 A IN COMPLEX NARINGENIN.' 
# 
_pdbx_database_status.status_code                     REL 
_pdbx_database_status.entry_id                        4A8G 
_pdbx_database_status.deposit_site                    PDBE 
_pdbx_database_status.process_site                    PDBE 
_pdbx_database_status.SG_entry                        . 
_pdbx_database_status.recvd_initial_deposition_date   2011-11-21 
_pdbx_database_status.pdb_format_compatible           Y 
_pdbx_database_status.status_code_sf                  REL 
_pdbx_database_status.status_code_mr                  ? 
_pdbx_database_status.status_code_cs                  ? 
_pdbx_database_status.methods_development_category    ? 
_pdbx_database_status.status_code_nmr_data            ? 
# 
loop_
_audit_author.name 
_audit_author.pdbx_ordinal 
'Kofler, S.'       1 
'Brandstetter, H.' 2 
# 
_citation.id                        primary 
_citation.title                     
'Crystallographically Mapped Ligand Binding Differs in High and Low Ige Binding Isoforms of Birch Pollen Allergen Bet V 1.' 
_citation.journal_abbrev            J.Mol.Biol. 
_citation.journal_volume            422 
_citation.page_first                109 
_citation.page_last                 ? 
_citation.year                      2012 
_citation.journal_id_ASTM           JMOBAK 
_citation.country                   UK 
_citation.journal_id_ISSN           0022-2836 
_citation.journal_id_CSD            0070 
_citation.book_publisher            ? 
_citation.pdbx_database_id_PubMed   22634284 
_citation.pdbx_database_id_DOI      10.1016/J.JMB.2012.05.016 
# 
loop_
_citation_author.citation_id 
_citation_author.name 
_citation_author.ordinal 
_citation_author.identifier_ORCID 
primary 'Kofler, S.'       1 ? 
primary 'Asam, C.'         2 ? 
primary 'Eckhard, U.'      3 ? 
primary 'Wallner, M.'      4 ? 
primary 'Ferreira, F.'     5 ? 
primary 'Brandstetter, H.' 6 ? 
# 
_cell.entry_id           4A8G 
_cell.length_a           32.720 
_cell.length_b           55.690 
_cell.length_c           38.030 
_cell.angle_alpha        90.00 
_cell.angle_beta         93.12 
_cell.angle_gamma        90.00 
_cell.Z_PDB              2 
_cell.pdbx_unique_axis   ? 
# 
_symmetry.entry_id                         4A8G 
_symmetry.space_group_name_H-M             'P 1 21 1' 
_symmetry.pdbx_full_space_group_name_H-M   ? 
_symmetry.cell_setting                     ? 
_symmetry.Int_Tables_number                4 
# 
loop_
_entity.id 
_entity.type 
_entity.src_method 
_entity.pdbx_description 
_entity.formula_weight 
_entity.pdbx_number_of_molecules 
_entity.pdbx_ec 
_entity.pdbx_mutation 
_entity.pdbx_fragment 
_entity.details 
1 polymer     man 'MAJOR POLLEN ALLERGEN BET V 1-A'                17461.594 1   ? ? ? ? 
2 non-polymer syn '3-[BENZYL(DIMETHYL)AMMONIO]PROPANE-1-SULFONATE' 257.349   1   ? ? ? ? 
3 non-polymer syn 'SULFATE ION'                                    96.063    3   ? ? ? ? 
4 water       nat water                                            18.015    120 ? ? ? ? 
# 
_entity_name_com.entity_id   1 
_entity_name_com.name        'BET V 1 A, ALLERGEN BET V I-A, BET V 1-A' 
# 
_entity_poly.entity_id                      1 
_entity_poly.type                           'polypeptide(L)' 
_entity_poly.nstd_linkage                   no 
_entity_poly.nstd_monomer                   no 
_entity_poly.pdbx_seq_one_letter_code       
;GVFNYETETTSVIPAARLFKAFILDGDNLFPKVAPQAISSVENIEGNGGPGTIKKISFPEGFPFKYVKDRVDEVDHTNFK
YNYSVIEGGPIGDTLEKISNEIKIVATPDGGSILKISNKYHTKGDHEVKAEQVKASKEMGETLLRAVESYLLAHSDAYN
;
_entity_poly.pdbx_seq_one_letter_code_can   
;GVFNYETETTSVIPAARLFKAFILDGDNLFPKVAPQAISSVENIEGNGGPGTIKKISFPEGFPFKYVKDRVDEVDHTNFK
YNYSVIEGGPIGDTLEKISNEIKIVATPDGGSILKISNKYHTKGDHEVKAEQVKASKEMGETLLRAVESYLLAHSDAYN
;
_entity_poly.pdbx_strand_id                 A 
_entity_poly.pdbx_target_identifier         ? 
# 
loop_
_entity_poly_seq.entity_id 
_entity_poly_seq.num 
_entity_poly_seq.mon_id 
_entity_poly_seq.hetero 
1 1   GLY n 
1 2   VAL n 
1 3   PHE n 
1 4   ASN n 
1 5   TYR n 
1 6   GLU n 
1 7   THR n 
1 8   GLU n 
1 9   THR n 
1 10  THR n 
1 11  SER n 
1 12  VAL n 
1 13  ILE n 
1 14  PRO n 
1 15  ALA n 
1 16  ALA n 
1 17  ARG n 
1 18  LEU n 
1 19  PHE n 
1 20  LYS n 
1 21  ALA n 
1 22  PHE n 
1 23  ILE n 
1 24  LEU n 
1 25  ASP n 
1 26  GLY n 
1 27  ASP n 
1 28  ASN n 
1 29  LEU n 
1 30  PHE n 
1 31  PRO n 
1 32  LYS n 
1 33  VAL n 
1 34  ALA n 
1 35  PRO n 
1 36  GLN n 
1 37  ALA n 
1 38  ILE n 
1 39  SER n 
1 40  SER n 
1 41  VAL n 
1 42  GLU n 
1 43  ASN n 
1 44  ILE n 
1 45  GLU n 
1 46  GLY n 
1 47  ASN n 
1 48  GLY n 
1 49  GLY n 
1 50  PRO n 
1 51  GLY n 
1 52  THR n 
1 53  ILE n 
1 54  LYS n 
1 55  LYS n 
1 56  ILE n 
1 57  SER n 
1 58  PHE n 
1 59  PRO n 
1 60  GLU n 
1 61  GLY n 
1 62  PHE n 
1 63  PRO n 
1 64  PHE n 
1 65  LYS n 
1 66  TYR n 
1 67  VAL n 
1 68  LYS n 
1 69  ASP n 
1 70  ARG n 
1 71  VAL n 
1 72  ASP n 
1 73  GLU n 
1 74  VAL n 
1 75  ASP n 
1 76  HIS n 
1 77  THR n 
1 78  ASN n 
1 79  PHE n 
1 80  LYS n 
1 81  TYR n 
1 82  ASN n 
1 83  TYR n 
1 84  SER n 
1 85  VAL n 
1 86  ILE n 
1 87  GLU n 
1 88  GLY n 
1 89  GLY n 
1 90  PRO n 
1 91  ILE n 
1 92  GLY n 
1 93  ASP n 
1 94  THR n 
1 95  LEU n 
1 96  GLU n 
1 97  LYS n 
1 98  ILE n 
1 99  SER n 
1 100 ASN n 
1 101 GLU n 
1 102 ILE n 
1 103 LYS n 
1 104 ILE n 
1 105 VAL n 
1 106 ALA n 
1 107 THR n 
1 108 PRO n 
1 109 ASP n 
1 110 GLY n 
1 111 GLY n 
1 112 SER n 
1 113 ILE n 
1 114 LEU n 
1 115 LYS n 
1 116 ILE n 
1 117 SER n 
1 118 ASN n 
1 119 LYS n 
1 120 TYR n 
1 121 HIS n 
1 122 THR n 
1 123 LYS n 
1 124 GLY n 
1 125 ASP n 
1 126 HIS n 
1 127 GLU n 
1 128 VAL n 
1 129 LYS n 
1 130 ALA n 
1 131 GLU n 
1 132 GLN n 
1 133 VAL n 
1 134 LYS n 
1 135 ALA n 
1 136 SER n 
1 137 LYS n 
1 138 GLU n 
1 139 MET n 
1 140 GLY n 
1 141 GLU n 
1 142 THR n 
1 143 LEU n 
1 144 LEU n 
1 145 ARG n 
1 146 ALA n 
1 147 VAL n 
1 148 GLU n 
1 149 SER n 
1 150 TYR n 
1 151 LEU n 
1 152 LEU n 
1 153 ALA n 
1 154 HIS n 
1 155 SER n 
1 156 ASP n 
1 157 ALA n 
1 158 TYR n 
1 159 ASN n 
# 
_entity_src_gen.entity_id                          1 
_entity_src_gen.pdbx_src_id                        1 
_entity_src_gen.pdbx_alt_source_flag               sample 
_entity_src_gen.pdbx_seq_type                      ? 
_entity_src_gen.pdbx_beg_seq_num                   ? 
_entity_src_gen.pdbx_end_seq_num                   ? 
_entity_src_gen.gene_src_common_name               'EUROPEAN WHITE BIRCH' 
_entity_src_gen.gene_src_genus                     ? 
_entity_src_gen.pdbx_gene_src_gene                 ? 
_entity_src_gen.gene_src_species                   ? 
_entity_src_gen.gene_src_strain                    ? 
_entity_src_gen.gene_src_tissue                    ? 
_entity_src_gen.gene_src_tissue_fraction           ? 
_entity_src_gen.gene_src_details                   ? 
_entity_src_gen.pdbx_gene_src_fragment             ? 
_entity_src_gen.pdbx_gene_src_scientific_name      'BETULA PENDULA' 
_entity_src_gen.pdbx_gene_src_ncbi_taxonomy_id     3505 
_entity_src_gen.pdbx_gene_src_variant              ? 
_entity_src_gen.pdbx_gene_src_cell_line            ? 
_entity_src_gen.pdbx_gene_src_atcc                 ? 
_entity_src_gen.pdbx_gene_src_organ                ? 
_entity_src_gen.pdbx_gene_src_organelle            ? 
_entity_src_gen.pdbx_gene_src_cell                 ? 
_entity_src_gen.pdbx_gene_src_cellular_location    ? 
_entity_src_gen.host_org_common_name               ? 
_entity_src_gen.pdbx_host_org_scientific_name      'ESCHERICHIA COLI' 
_entity_src_gen.pdbx_host_org_ncbi_taxonomy_id     469008 
_entity_src_gen.host_org_genus                     ? 
_entity_src_gen.pdbx_host_org_gene                 ? 
_entity_src_gen.pdbx_host_org_organ                ? 
_entity_src_gen.host_org_species                   ? 
_entity_src_gen.pdbx_host_org_tissue               ? 
_entity_src_gen.pdbx_host_org_tissue_fraction      ? 
_entity_src_gen.pdbx_host_org_strain               'BL21(DE3)' 
_entity_src_gen.pdbx_host_org_variant              ? 
_entity_src_gen.pdbx_host_org_cell_line            ? 
_entity_src_gen.pdbx_host_org_atcc                 ? 
_entity_src_gen.pdbx_host_org_culture_collection   ? 
_entity_src_gen.pdbx_host_org_cell                 ? 
_entity_src_gen.pdbx_host_org_organelle            ? 
_entity_src_gen.pdbx_host_org_cellular_location    ? 
_entity_src_gen.pdbx_host_org_vector_type          PLASMID 
_entity_src_gen.pdbx_host_org_vector               PET-28B 
_entity_src_gen.host_org_details                   ? 
_entity_src_gen.expression_system_id               ? 
_entity_src_gen.plasmid_name                       ? 
_entity_src_gen.plasmid_details                    ? 
_entity_src_gen.pdbx_description                   ? 
# 
_struct_ref.id                         1 
_struct_ref.db_name                    UNP 
_struct_ref.db_code                    BEV1A_BETPN 
_struct_ref.entity_id                  1 
_struct_ref.pdbx_seq_one_letter_code   ? 
_struct_ref.pdbx_align_begin           ? 
_struct_ref.pdbx_db_accession          P15494 
_struct_ref.pdbx_db_isoform            ? 
# 
_struct_ref_seq.align_id                      1 
_struct_ref_seq.ref_id                        1 
_struct_ref_seq.pdbx_PDB_id_code              4A8G 
_struct_ref_seq.pdbx_strand_id                A 
_struct_ref_seq.seq_align_beg                 1 
_struct_ref_seq.pdbx_seq_align_beg_ins_code   ? 
_struct_ref_seq.seq_align_end                 159 
_struct_ref_seq.pdbx_seq_align_end_ins_code   ? 
_struct_ref_seq.pdbx_db_accession             P15494 
_struct_ref_seq.db_align_beg                  2 
_struct_ref_seq.pdbx_db_align_beg_ins_code    ? 
_struct_ref_seq.db_align_end                  160 
_struct_ref_seq.pdbx_db_align_end_ins_code    ? 
_struct_ref_seq.pdbx_auth_seq_align_beg       1 
_struct_ref_seq.pdbx_auth_seq_align_end       159 
# 
loop_
_chem_comp.id 
_chem_comp.type 
_chem_comp.mon_nstd_flag 
_chem_comp.name 
_chem_comp.pdbx_synonyms 
_chem_comp.formula 
_chem_comp.formula_weight 
ALA 'L-peptide linking' y ALANINE                                          ? 'C3 H7 N O2'     89.093  
ARG 'L-peptide linking' y ARGININE                                         ? 'C6 H15 N4 O2 1' 175.209 
ASN 'L-peptide linking' y ASPARAGINE                                       ? 'C4 H8 N2 O3'    132.118 
ASP 'L-peptide linking' y 'ASPARTIC ACID'                                  ? 'C4 H7 N O4'     133.103 
DMX non-polymer         . '3-[BENZYL(DIMETHYL)AMMONIO]PROPANE-1-SULFONATE' ? 'C12 H19 N O3 S' 257.349 
GLN 'L-peptide linking' y GLUTAMINE                                        ? 'C5 H10 N2 O3'   146.144 
GLU 'L-peptide linking' y 'GLUTAMIC ACID'                                  ? 'C5 H9 N O4'     147.129 
GLY 'peptide linking'   y GLYCINE                                          ? 'C2 H5 N O2'     75.067  
HIS 'L-peptide linking' y HISTIDINE                                        ? 'C6 H10 N3 O2 1' 156.162 
HOH non-polymer         . WATER                                            ? 'H2 O'           18.015  
ILE 'L-peptide linking' y ISOLEUCINE                                       ? 'C6 H13 N O2'    131.173 
LEU 'L-peptide linking' y LEUCINE                                          ? 'C6 H13 N O2'    131.173 
LYS 'L-peptide linking' y LYSINE                                           ? 'C6 H15 N2 O2 1' 147.195 
MET 'L-peptide linking' y METHIONINE                                       ? 'C5 H11 N O2 S'  149.211 
PHE 'L-peptide linking' y PHENYLALANINE                                    ? 'C9 H11 N O2'    165.189 
PRO 'L-peptide linking' y PROLINE                                          ? 'C5 H9 N O2'     115.130 
SER 'L-peptide linking' y SERINE                                           ? 'C3 H7 N O3'     105.093 
SO4 non-polymer         . 'SULFATE ION'                                    ? 'O4 S -2'        96.063  
THR 'L-peptide linking' y THREONINE                                        ? 'C4 H9 N O3'     119.119 
TYR 'L-peptide linking' y TYROSINE                                         ? 'C9 H11 N O3'    181.189 
VAL 'L-peptide linking' y VALINE                                           ? 'C5 H11 N O2'    117.146 
# 
_exptl.entry_id          4A8G 
_exptl.method            'X-RAY DIFFRACTION' 
_exptl.crystals_number   1 
# 
_exptl_crystal.id                    1 
_exptl_crystal.density_meas          ? 
_exptl_crystal.density_Matthews      1.98 
_exptl_crystal.density_percent_sol   37.85 
_exptl_crystal.description           NONE 
# 
_exptl_crystal_grow.crystal_id      1 
_exptl_crystal_grow.method          ? 
_exptl_crystal_grow.temp            ? 
_exptl_crystal_grow.temp_details    ? 
_exptl_crystal_grow.pH              7 
_exptl_crystal_grow.pdbx_pH_range   ? 
_exptl_crystal_grow.pdbx_details    'pH 7' 
# 
_diffrn.id                     1 
_diffrn.ambient_temp           100 
_diffrn.ambient_temp_details   ? 
_diffrn.crystal_id             1 
# 
_diffrn_detector.diffrn_id              1 
_diffrn_detector.detector               'IMAGE PLATE' 
_diffrn_detector.type                   'MAR scanner 345 mm plate' 
_diffrn_detector.pdbx_collection_date   2010-09-28 
_diffrn_detector.details                ? 
# 
_diffrn_radiation.diffrn_id                        1 
_diffrn_radiation.wavelength_id                    1 
_diffrn_radiation.pdbx_monochromatic_or_laue_m_l   M 
_diffrn_radiation.monochromator                    MIRRORS 
_diffrn_radiation.pdbx_diffrn_protocol             'SINGLE WAVELENGTH' 
_diffrn_radiation.pdbx_scattering_type             x-ray 
# 
_diffrn_radiation_wavelength.id           1 
_diffrn_radiation_wavelength.wavelength   1.5418 
_diffrn_radiation_wavelength.wt           1.0 
# 
_diffrn_source.diffrn_id                   1 
_diffrn_source.source                      'ROTATING ANODE' 
_diffrn_source.type                        'BRUKER AXS MICROSTAR' 
_diffrn_source.pdbx_synchrotron_site       ? 
_diffrn_source.pdbx_synchrotron_beamline   ? 
_diffrn_source.pdbx_wavelength             1.5418 
_diffrn_source.pdbx_wavelength_list        ? 
# 
_reflns.pdbx_diffrn_id               1 
_reflns.pdbx_ordinal                 1 
_reflns.entry_id                     4A8G 
_reflns.observed_criterion_sigma_I   0.0 
_reflns.observed_criterion_sigma_F   ? 
_reflns.d_resolution_low             37.97 
_reflns.d_resolution_high            2.10 
_reflns.number_obs                   7052 
_reflns.number_all                   ? 
_reflns.percent_possible_obs         87.9 
_reflns.pdbx_Rmerge_I_obs            0.06 
_reflns.pdbx_Rsym_value              ? 
_reflns.pdbx_netI_over_sigmaI        15.60 
_reflns.B_iso_Wilson_estimate        ? 
_reflns.pdbx_redundancy              3.5 
# 
_reflns_shell.pdbx_diffrn_id         1 
_reflns_shell.pdbx_ordinal           1 
_reflns_shell.d_res_high             2.10 
_reflns_shell.d_res_low              2.21 
_reflns_shell.percent_possible_all   93.7 
_reflns_shell.Rmerge_I_obs           0.14 
_reflns_shell.pdbx_Rsym_value        ? 
_reflns_shell.meanI_over_sigI_obs    8.00 
_reflns_shell.pdbx_redundancy        3.5 
# 
_refine.pdbx_refine_id                           'X-RAY DIFFRACTION' 
_refine.entry_id                                 4A8G 
_refine.pdbx_diffrn_id                           1 
_refine.pdbx_TLS_residual_ADP_flag               ? 
_refine.ls_number_reflns_obs                     6705 
_refine.ls_number_reflns_all                     ? 
_refine.pdbx_ls_sigma_I                          ? 
_refine.pdbx_ls_sigma_F                          . 
_refine.pdbx_data_cutoff_high_absF               ? 
_refine.pdbx_data_cutoff_low_absF                ? 
_refine.pdbx_data_cutoff_high_rms_absF           ? 
_refine.ls_d_res_low                             37.97 
_refine.ls_d_res_high                            2.10 
_refine.ls_percent_reflns_obs                    87.41 
_refine.ls_R_factor_obs                          0.16670 
_refine.ls_R_factor_all                          ? 
_refine.ls_R_factor_R_work                       0.16254 
_refine.ls_R_factor_R_free                       0.24906 
_refine.ls_R_factor_R_free_error                 ? 
_refine.ls_R_factor_R_free_error_details         ? 
_refine.ls_percent_reflns_R_free                 4.7 
_refine.ls_number_reflns_R_free                  331 
_refine.ls_number_parameters                     ? 
_refine.ls_number_restraints                     ? 
_refine.occupancy_min                            ? 
_refine.occupancy_max                            ? 
_refine.correlation_coeff_Fo_to_Fc               0.948 
_refine.correlation_coeff_Fo_to_Fc_free          0.888 
_refine.B_iso_mean                               16.549 
_refine.aniso_B[1][1]                            0.27 
_refine.aniso_B[2][2]                            0.17 
_refine.aniso_B[3][3]                            -0.42 
_refine.aniso_B[1][2]                            0.00 
_refine.aniso_B[1][3]                            0.17 
_refine.aniso_B[2][3]                            0.00 
_refine.solvent_model_details                    MASK 
_refine.solvent_model_param_ksol                 ? 
_refine.solvent_model_param_bsol                 ? 
_refine.pdbx_solvent_vdw_probe_radii             1.20 
_refine.pdbx_solvent_ion_probe_radii             0.80 
_refine.pdbx_solvent_shrinkage_radii             0.80 
_refine.pdbx_ls_cross_valid_method               THROUGHOUT 
_refine.details                                  
'HYDROGENS HAVE BEEN ADDED IN THE RIDING POSITIONS. U VALUES REFINED INDIVIDUALLY.' 
_refine.pdbx_starting_model                      'PDB ENTRY 4A80' 
_refine.pdbx_method_to_determine_struct          'MOLECULAR REPLACEMENT' 
_refine.pdbx_isotropic_thermal_model             ? 
_refine.pdbx_stereochemistry_target_values       'MAXIMUM LIKELIHOOD' 
_refine.pdbx_stereochem_target_val_spec_case     ? 
_refine.pdbx_R_Free_selection_details            RANDOM 
_refine.pdbx_overall_ESU_R                       0.436 
_refine.pdbx_overall_ESU_R_Free                  0.257 
_refine.overall_SU_ML                            0.161 
_refine.pdbx_overall_phase_error                 ? 
_refine.overall_SU_B                             6.036 
_refine.overall_SU_R_Cruickshank_DPI             ? 
_refine.pdbx_overall_SU_R_free_Cruickshank_DPI   ? 
_refine.pdbx_overall_SU_R_Blow_DPI               ? 
_refine.pdbx_overall_SU_R_free_Blow_DPI          ? 
# 
_refine_hist.pdbx_refine_id                   'X-RAY DIFFRACTION' 
_refine_hist.cycle_id                         LAST 
_refine_hist.pdbx_number_atoms_protein        1232 
_refine_hist.pdbx_number_atoms_nucleic_acid   0 
_refine_hist.pdbx_number_atoms_ligand         32 
_refine_hist.number_atoms_solvent             120 
_refine_hist.number_atoms_total               1384 
_refine_hist.d_res_high                       2.10 
_refine_hist.d_res_low                        37.97 
# 
loop_
_refine_ls_restr.type 
_refine_ls_restr.dev_ideal 
_refine_ls_restr.dev_ideal_target 
_refine_ls_restr.weight 
_refine_ls_restr.number 
_refine_ls_restr.pdbx_refine_id 
_refine_ls_restr.pdbx_restraint_function 
r_bond_refined_d             0.015  0.020  ? 1338 'X-RAY DIFFRACTION' ? 
r_bond_other_d               ?      ?      ? ?    'X-RAY DIFFRACTION' ? 
r_angle_refined_deg          1.681  1.987  ? 1821 'X-RAY DIFFRACTION' ? 
r_angle_other_deg            ?      ?      ? ?    'X-RAY DIFFRACTION' ? 
r_dihedral_angle_1_deg       6.251  5.000  ? 170  'X-RAY DIFFRACTION' ? 
r_dihedral_angle_2_deg       39.581 25.614 ? 57   'X-RAY DIFFRACTION' ? 
r_dihedral_angle_3_deg       15.363 15.000 ? 230  'X-RAY DIFFRACTION' ? 
r_dihedral_angle_4_deg       29.233 15.000 ? 3    'X-RAY DIFFRACTION' ? 
r_chiral_restr               0.101  0.200  ? 202  'X-RAY DIFFRACTION' ? 
r_gen_planes_refined         0.006  0.021  ? 1006 'X-RAY DIFFRACTION' ? 
r_gen_planes_other           ?      ?      ? ?    'X-RAY DIFFRACTION' ? 
r_nbd_refined                0.235  0.200  ? 669  'X-RAY DIFFRACTION' ? 
r_nbd_other                  ?      ?      ? ?    'X-RAY DIFFRACTION' ? 
r_nbtor_refined              0.316  0.200  ? 868  'X-RAY DIFFRACTION' ? 
r_nbtor_other                ?      ?      ? ?    'X-RAY DIFFRACTION' ? 
r_xyhbond_nbd_refined        0.149  0.200  ? 64   'X-RAY DIFFRACTION' ? 
r_xyhbond_nbd_other          ?      ?      ? ?    'X-RAY DIFFRACTION' ? 
r_metal_ion_refined          ?      ?      ? ?    'X-RAY DIFFRACTION' ? 
r_metal_ion_other            ?      ?      ? ?    'X-RAY DIFFRACTION' ? 
r_symmetry_vdw_refined       0.263  0.200  ? 78   'X-RAY DIFFRACTION' ? 
r_symmetry_vdw_other         ?      ?      ? ?    'X-RAY DIFFRACTION' ? 
r_symmetry_hbond_refined     0.167  0.200  ? 5    'X-RAY DIFFRACTION' ? 
r_symmetry_hbond_other       ?      ?      ? ?    'X-RAY DIFFRACTION' ? 
r_symmetry_metal_ion_refined ?      ?      ? ?    'X-RAY DIFFRACTION' ? 
r_symmetry_metal_ion_other   ?      ?      ? ?    'X-RAY DIFFRACTION' ? 
r_mcbond_it                  0.916  1.500  ? 804  'X-RAY DIFFRACTION' ? 
r_mcbond_other               ?      ?      ? ?    'X-RAY DIFFRACTION' ? 
r_mcangle_it                 1.697  2.000  ? 1299 'X-RAY DIFFRACTION' ? 
r_mcangle_other              ?      ?      ? ?    'X-RAY DIFFRACTION' ? 
r_scbond_it                  2.776  3.000  ? 502  'X-RAY DIFFRACTION' ? 
r_scbond_other               ?      ?      ? ?    'X-RAY DIFFRACTION' ? 
r_scangle_it                 4.528  4.500  ? 470  'X-RAY DIFFRACTION' ? 
r_scangle_other              ?      ?      ? ?    'X-RAY DIFFRACTION' ? 
r_long_range_B_refined       ?      ?      ? ?    'X-RAY DIFFRACTION' ? 
r_long_range_B_other         ?      ?      ? ?    'X-RAY DIFFRACTION' ? 
r_rigid_bond_restr           ?      ?      ? ?    'X-RAY DIFFRACTION' ? 
r_sphericity_free            ?      ?      ? ?    'X-RAY DIFFRACTION' ? 
r_sphericity_bonded          ?      ?      ? ?    'X-RAY DIFFRACTION' ? 
# 
_refine_ls_shell.pdbx_refine_id                   'X-RAY DIFFRACTION' 
_refine_ls_shell.pdbx_total_number_of_bins_used   20 
_refine_ls_shell.d_res_high                       2.100 
_refine_ls_shell.d_res_low                        2.154 
_refine_ls_shell.number_reflns_R_work             510 
_refine_ls_shell.R_factor_R_work                  0.155 
_refine_ls_shell.percent_reflns_obs               92.28 
_refine_ls_shell.R_factor_R_free                  0.295 
_refine_ls_shell.R_factor_R_free_error            ? 
_refine_ls_shell.percent_reflns_R_free            ? 
_refine_ls_shell.number_reflns_R_free             28 
_refine_ls_shell.number_reflns_all                ? 
_refine_ls_shell.R_factor_all                     ? 
# 
_struct.entry_id                  4A8G 
_struct.title                     
'Crystal Structure of Major Birch Pollen Allergen Bet v 1 a in complex with dimethylbenzylammonium propane sulfonate' 
_struct.pdbx_model_details        ? 
_struct.pdbx_CASP_flag            ? 
_struct.pdbx_model_type_details   ? 
# 
_struct_keywords.entry_id        4A8G 
_struct_keywords.pdbx_keywords   ALLERGEN 
_struct_keywords.text            'ALLERGEN, PR-10 PROTEIN' 
# 
loop_
_struct_asym.id 
_struct_asym.pdbx_blank_PDB_chainid_flag 
_struct_asym.pdbx_modified 
_struct_asym.entity_id 
_struct_asym.details 
A N N 1 ? 
B N N 2 ? 
C N N 3 ? 
D N N 3 ? 
E N N 3 ? 
F N N 4 ? 
# 
_struct_biol.id   1 
# 
loop_
_struct_conf.conf_type_id 
_struct_conf.id 
_struct_conf.pdbx_PDB_helix_id 
_struct_conf.beg_label_comp_id 
_struct_conf.beg_label_asym_id 
_struct_conf.beg_label_seq_id 
_struct_conf.pdbx_beg_PDB_ins_code 
_struct_conf.end_label_comp_id 
_struct_conf.end_label_asym_id 
_struct_conf.end_label_seq_id 
_struct_conf.pdbx_end_PDB_ins_code 
_struct_conf.beg_auth_comp_id 
_struct_conf.beg_auth_asym_id 
_struct_conf.beg_auth_seq_id 
_struct_conf.end_auth_comp_id 
_struct_conf.end_auth_asym_id 
_struct_conf.end_auth_seq_id 
_struct_conf.pdbx_PDB_helix_class 
_struct_conf.details 
_struct_conf.pdbx_PDB_helix_length 
HELX_P HELX_P1 1 PRO A 14  ? ILE A 23  ? PRO A 14  ILE A 23  1 ? 10 
HELX_P HELX_P2 2 ASP A 25  ? ALA A 34  ? ASP A 25  ALA A 34  1 ? 10 
HELX_P HELX_P3 3 LYS A 129 ? HIS A 154 ? LYS A 129 HIS A 154 1 ? 26 
# 
_struct_conf_type.id          HELX_P 
_struct_conf_type.criteria    ? 
_struct_conf_type.reference   ? 
# 
_struct_sheet.id               AA 
_struct_sheet.type             ? 
_struct_sheet.number_strands   7 
_struct_sheet.details          ? 
# 
loop_
_struct_sheet_order.sheet_id 
_struct_sheet_order.range_id_1 
_struct_sheet_order.range_id_2 
_struct_sheet_order.offset 
_struct_sheet_order.sense 
AA 1 2 ? anti-parallel 
AA 2 3 ? anti-parallel 
AA 3 4 ? anti-parallel 
AA 4 5 ? anti-parallel 
AA 5 6 ? anti-parallel 
AA 6 7 ? anti-parallel 
# 
loop_
_struct_sheet_range.sheet_id 
_struct_sheet_range.id 
_struct_sheet_range.beg_label_comp_id 
_struct_sheet_range.beg_label_asym_id 
_struct_sheet_range.beg_label_seq_id 
_struct_sheet_range.pdbx_beg_PDB_ins_code 
_struct_sheet_range.end_label_comp_id 
_struct_sheet_range.end_label_asym_id 
_struct_sheet_range.end_label_seq_id 
_struct_sheet_range.pdbx_end_PDB_ins_code 
_struct_sheet_range.beg_auth_comp_id 
_struct_sheet_range.beg_auth_asym_id 
_struct_sheet_range.beg_auth_seq_id 
_struct_sheet_range.end_auth_comp_id 
_struct_sheet_range.end_auth_asym_id 
_struct_sheet_range.end_auth_seq_id 
AA 1 VAL A 2   ? SER A 11  ? VAL A 2   SER A 11  
AA 2 SER A 112 ? HIS A 121 ? SER A 112 HIS A 121 
AA 3 LYS A 97  ? ALA A 106 ? LYS A 97  ALA A 106 
AA 4 LYS A 80  ? GLY A 88  ? LYS A 80  GLY A 88  
AA 5 TYR A 66  ? ASP A 75  ? TYR A 66  ASP A 75  
AA 6 ILE A 53  ? SER A 57  ? ILE A 53  SER A 57  
AA 7 SER A 40  ? GLU A 45  ? SER A 40  GLU A 45  
# 
loop_
_pdbx_struct_sheet_hbond.sheet_id 
_pdbx_struct_sheet_hbond.range_id_1 
_pdbx_struct_sheet_hbond.range_id_2 
_pdbx_struct_sheet_hbond.range_1_label_atom_id 
_pdbx_struct_sheet_hbond.range_1_label_comp_id 
_pdbx_struct_sheet_hbond.range_1_label_asym_id 
_pdbx_struct_sheet_hbond.range_1_label_seq_id 
_pdbx_struct_sheet_hbond.range_1_PDB_ins_code 
_pdbx_struct_sheet_hbond.range_1_auth_atom_id 
_pdbx_struct_sheet_hbond.range_1_auth_comp_id 
_pdbx_struct_sheet_hbond.range_1_auth_asym_id 
_pdbx_struct_sheet_hbond.range_1_auth_seq_id 
_pdbx_struct_sheet_hbond.range_2_label_atom_id 
_pdbx_struct_sheet_hbond.range_2_label_comp_id 
_pdbx_struct_sheet_hbond.range_2_label_asym_id 
_pdbx_struct_sheet_hbond.range_2_label_seq_id 
_pdbx_struct_sheet_hbond.range_2_PDB_ins_code 
_pdbx_struct_sheet_hbond.range_2_auth_atom_id 
_pdbx_struct_sheet_hbond.range_2_auth_comp_id 
_pdbx_struct_sheet_hbond.range_2_auth_asym_id 
_pdbx_struct_sheet_hbond.range_2_auth_seq_id 
AA 1 2 N SER A 11  ? N SER A 11  O SER A 112 ? O SER A 112 
AA 2 3 N HIS A 121 ? N HIS A 121 O LYS A 97  ? O LYS A 97  
AA 3 4 N ILE A 102 ? N ILE A 102 O TYR A 81  ? O TYR A 81  
AA 4 5 N ILE A 86  ? N ILE A 86  O LYS A 68  ? O LYS A 68  
AA 5 6 N ASP A 69  ? N ASP A 69  O LYS A 54  ? O LYS A 54  
AA 6 7 N SER A 57  ? N SER A 57  O SER A 40  ? O SER A 40  
# 
loop_
_struct_site.id 
_struct_site.pdbx_evidence_code 
_struct_site.pdbx_auth_asym_id 
_struct_site.pdbx_auth_comp_id 
_struct_site.pdbx_auth_seq_id 
_struct_site.pdbx_auth_ins_code 
_struct_site.pdbx_num_residues 
_struct_site.details 
AC1 Software A DMX 1160 ? 11 'BINDING SITE FOR RESIDUE DMX A 1160' 
AC2 Software A SO4 1161 ? 4  'BINDING SITE FOR RESIDUE SO4 A 1161' 
AC3 Software A SO4 1162 ? 2  'BINDING SITE FOR RESIDUE SO4 A 1162' 
AC4 Software A SO4 1163 ? 2  'BINDING SITE FOR RESIDUE SO4 A 1163' 
# 
loop_
_struct_site_gen.id 
_struct_site_gen.site_id 
_struct_site_gen.pdbx_num_res 
_struct_site_gen.label_comp_id 
_struct_site_gen.label_asym_id 
_struct_site_gen.label_seq_id 
_struct_site_gen.pdbx_auth_ins_code 
_struct_site_gen.auth_comp_id 
_struct_site_gen.auth_asym_id 
_struct_site_gen.auth_seq_id 
_struct_site_gen.label_atom_id 
_struct_site_gen.label_alt_id 
_struct_site_gen.symmetry 
_struct_site_gen.details 
1  AC1 11 PHE A 22  ? PHE A 22   . ? 1_555 ? 
2  AC1 11 ASP A 27  ? ASP A 27   . ? 1_555 ? 
3  AC1 11 PHE A 30  ? PHE A 30   . ? 1_555 ? 
4  AC1 11 LYS A 54  ? LYS A 54   . ? 1_555 ? 
5  AC1 11 TYR A 81  ? TYR A 81   . ? 1_555 ? 
6  AC1 11 TYR A 83  ? TYR A 83   . ? 1_555 ? 
7  AC1 11 ILE A 102 ? ILE A 102  . ? 1_555 ? 
8  AC1 11 ILE A 116 ? ILE A 116  . ? 1_555 ? 
9  AC1 11 GLY A 140 ? GLY A 140  . ? 1_555 ? 
10 AC1 11 HOH F .   ? HOH A 2020 . ? 1_555 ? 
11 AC1 11 HOH F .   ? HOH A 2107 . ? 1_555 ? 
12 AC2 4  THR A 7   ? THR A 7    . ? 1_655 ? 
13 AC2 4  GLU A 8   ? GLU A 8    . ? 1_655 ? 
14 AC2 4  LYS A 32  ? LYS A 32   . ? 1_555 ? 
15 AC2 4  TYR A 150 ? TYR A 150  . ? 1_555 ? 
16 AC3 2  GLU A 131 ? GLU A 131  . ? 1_555 ? 
17 AC3 2  HOH F .   ? HOH A 2119 . ? 1_555 ? 
18 AC4 2  ASP A 75  ? ASP A 75   . ? 1_555 ? 
19 AC4 2  THR A 77  ? THR A 77   . ? 1_555 ? 
# 
_atom_sites.entry_id                    4A8G 
_atom_sites.fract_transf_matrix[1][1]   -0.00642200 
_atom_sites.fract_transf_matrix[1][2]   0.02987551 
_atom_sites.fract_transf_matrix[1][3]   -0.00173881 
_atom_sites.fract_transf_matrix[2][1]   0.01592462 
_atom_sites.fract_transf_matrix[2][2]   0.00297221 
_atom_sites.fract_transf_matrix[2][3]   -0.00774766 
_atom_sites.fract_transf_matrix[3][1]   -0.01112735 
_atom_sites.fract_transf_matrix[3][2]   -0.00230605 
_atom_sites.fract_transf_matrix[3][3]   -0.02375592 
_atom_sites.fract_transf_vector[1]      0.323894 
_atom_sites.fract_transf_vector[2]      0.005824 
_atom_sites.fract_transf_vector[3]      0.272898 
# 
loop_
_atom_type.symbol 
C 
N 
O 
S 
# 
loop_
_atom_site.group_PDB 
_atom_site.id 
_atom_site.type_symbol 
_atom_site.label_atom_id 
_atom_site.label_alt_id 
_atom_site.label_comp_id 
_atom_site.label_asym_id 
_atom_site.label_entity_id 
_atom_site.label_seq_id 
_atom_site.pdbx_PDB_ins_code 
_atom_site.Cartn_x 
_atom_site.Cartn_y 
_atom_site.Cartn_z 
_atom_site.occupancy 
_atom_site.B_iso_or_equiv 
_atom_site.pdbx_formal_charge 
_atom_site.auth_seq_id 
_atom_site.auth_comp_id 
_atom_site.auth_asym_id 
_atom_site.auth_atom_id 
_atom_site.pdbx_PDB_model_num 
ATOM   1    N N   . GLY A 1 1   ? -10.210 -19.485 -4.273  1.00 16.62 ? 1    GLY A N   1 
ATOM   2    C CA  . GLY A 1 1   ? -9.322  -19.742 -3.091  1.00 14.37 ? 1    GLY A CA  1 
ATOM   3    C C   . GLY A 1 1   ? -8.394  -18.560 -2.918  1.00 14.18 ? 1    GLY A C   1 
ATOM   4    O O   . GLY A 1 1   ? -8.590  -17.489 -3.559  1.00 13.61 ? 1    GLY A O   1 
ATOM   5    N N   . VAL A 1 2   ? -7.372  -18.745 -2.088  1.00 13.03 ? 2    VAL A N   1 
ATOM   6    C CA  . VAL A 1 2   ? -6.471  -17.656 -1.751  1.00 12.64 ? 2    VAL A CA  1 
ATOM   7    C C   . VAL A 1 2   ? -5.034  -18.028 -2.082  1.00 12.40 ? 2    VAL A C   1 
ATOM   8    O O   . VAL A 1 2   ? -4.570  -19.111 -1.668  1.00 11.92 ? 2    VAL A O   1 
ATOM   9    C CB  . VAL A 1 2   ? -6.519  -17.287 -0.244  1.00 12.61 ? 2    VAL A CB  1 
ATOM   10   C CG1 . VAL A 1 2   ? -5.544  -16.146 0.016   1.00 13.30 ? 2    VAL A CG1 1 
ATOM   11   C CG2 . VAL A 1 2   ? -7.908  -16.836 0.173   1.00 12.66 ? 2    VAL A CG2 1 
ATOM   12   N N   . PHE A 1 3   ? -4.336  -17.113 -2.765  1.00 12.03 ? 3    PHE A N   1 
ATOM   13   C CA  . PHE A 1 3   ? -2.889  -17.160 -2.920  1.00 12.85 ? 3    PHE A CA  1 
ATOM   14   C C   . PHE A 1 3   ? -2.241  -16.163 -1.989  1.00 14.32 ? 3    PHE A C   1 
ATOM   15   O O   . PHE A 1 3   ? -2.592  -14.962 -2.009  1.00 13.84 ? 3    PHE A O   1 
ATOM   16   C CB  . PHE A 1 3   ? -2.453  -16.813 -4.331  1.00 11.93 ? 3    PHE A CB  1 
ATOM   17   C CG  . PHE A 1 3   ? -3.043  -17.698 -5.393  1.00 11.31 ? 3    PHE A CG  1 
ATOM   18   C CD1 . PHE A 1 3   ? -4.369  -17.490 -5.840  1.00 11.51 ? 3    PHE A CD1 1 
ATOM   19   C CD2 . PHE A 1 3   ? -2.292  -18.715 -5.958  1.00 10.91 ? 3    PHE A CD2 1 
ATOM   20   C CE1 . PHE A 1 3   ? -4.913  -18.292 -6.806  1.00 10.86 ? 3    PHE A CE1 1 
ATOM   21   C CE2 . PHE A 1 3   ? -2.826  -19.499 -6.949  1.00 10.62 ? 3    PHE A CE2 1 
ATOM   22   C CZ  . PHE A 1 3   ? -4.130  -19.283 -7.368  1.00 11.20 ? 3    PHE A CZ  1 
ATOM   23   N N   A ASN A 1 4   ? -1.310  -16.653 -1.161  0.70 14.74 ? 4    ASN A N   1 
ATOM   24   N N   B ASN A 1 4   ? -1.275  -16.658 -1.214  0.30 14.00 ? 4    ASN A N   1 
ATOM   25   C CA  A ASN A 1 4   ? -0.629  -15.830 -0.154  0.70 15.51 ? 4    ASN A CA  1 
ATOM   26   C CA  B ASN A 1 4   ? -0.583  -15.884 -0.192  0.30 14.25 ? 4    ASN A CA  1 
ATOM   27   C C   A ASN A 1 4   ? 0.821   -15.522 -0.557  0.70 15.32 ? 4    ASN A C   1 
ATOM   28   C C   B ASN A 1 4   ? 0.848   -15.523 -0.586  0.30 14.64 ? 4    ASN A C   1 
ATOM   29   O O   A ASN A 1 4   ? 1.598   -16.434 -0.870  0.70 13.64 ? 4    ASN A O   1 
ATOM   30   O O   B ASN A 1 4   ? 1.652   -16.407 -0.891  0.30 14.03 ? 4    ASN A O   1 
ATOM   31   C CB  A ASN A 1 4   ? -0.712  -16.513 1.231   0.70 17.15 ? 4    ASN A CB  1 
ATOM   32   C CB  B ASN A 1 4   ? -0.585  -16.672 1.121   0.30 14.15 ? 4    ASN A CB  1 
ATOM   33   C CG  A ASN A 1 4   ? 0.082   -15.786 2.314   0.70 19.41 ? 4    ASN A CG  1 
ATOM   34   C CG  B ASN A 1 4   ? -1.909  -16.580 1.846   0.30 14.03 ? 4    ASN A CG  1 
ATOM   35   O OD1 A ASN A 1 4   ? -0.073  -14.569 2.543   0.70 21.05 ? 4    ASN A OD1 1 
ATOM   36   O OD1 B ASN A 1 4   ? -2.198  -15.571 2.472   0.30 14.58 ? 4    ASN A OD1 1 
ATOM   37   N ND2 A ASN A 1 4   ? 0.942   -16.536 2.999   0.70 20.05 ? 4    ASN A ND2 1 
ATOM   38   N ND2 B ASN A 1 4   ? -2.717  -17.641 1.779   0.30 14.03 ? 4    ASN A ND2 1 
ATOM   39   N N   . TYR A 1 5   ? 1.155   -14.223 -0.580  1.00 15.35 ? 5    TYR A N   1 
ATOM   40   C CA  . TYR A 1 5   ? 2.531   -13.730 -0.860  1.00 15.93 ? 5    TYR A CA  1 
ATOM   41   C C   . TYR A 1 5   ? 2.990   -12.797 0.289   1.00 17.60 ? 5    TYR A C   1 
ATOM   42   O O   . TYR A 1 5   ? 2.259   -11.911 0.723   1.00 15.45 ? 5    TYR A O   1 
ATOM   43   C CB  . TYR A 1 5   ? 2.625   -13.021 -2.239  1.00 16.58 ? 5    TYR A CB  1 
ATOM   44   C CG  . TYR A 1 5   ? 2.201   -13.899 -3.436  1.00 17.84 ? 5    TYR A CG  1 
ATOM   45   C CD1 . TYR A 1 5   ? 3.104   -14.777 -4.042  1.00 17.79 ? 5    TYR A CD1 1 
ATOM   46   C CD2 . TYR A 1 5   ? 0.887   -13.870 -3.935  1.00 18.08 ? 5    TYR A CD2 1 
ATOM   47   C CE1 . TYR A 1 5   ? 2.725   -15.591 -5.112  1.00 18.08 ? 5    TYR A CE1 1 
ATOM   48   C CE2 . TYR A 1 5   ? 0.493   -14.683 -4.997  1.00 17.52 ? 5    TYR A CE2 1 
ATOM   49   C CZ  . TYR A 1 5   ? 1.419   -15.545 -5.593  1.00 19.23 ? 5    TYR A CZ  1 
ATOM   50   O OH  . TYR A 1 5   ? 1.059   -16.356 -6.686  1.00 18.60 ? 5    TYR A OH  1 
ATOM   51   N N   . GLU A 1 6   ? 4.209   -13.024 0.777   1.00 19.36 ? 6    GLU A N   1 
ATOM   52   C CA  . GLU A 1 6   ? 4.811   -12.253 1.851   1.00 19.67 ? 6    GLU A CA  1 
ATOM   53   C C   . GLU A 1 6   ? 6.113   -11.685 1.323   1.00 19.59 ? 6    GLU A C   1 
ATOM   54   O O   . GLU A 1 6   ? 6.840   -12.378 0.584   1.00 18.42 ? 6    GLU A O   1 
ATOM   55   C CB  . GLU A 1 6   ? 5.099   -13.165 3.041   1.00 22.80 ? 6    GLU A CB  1 
ATOM   56   C CG  . GLU A 1 6   ? 5.121   -12.485 4.407   1.00 27.56 ? 6    GLU A CG  1 
ATOM   57   C CD  . GLU A 1 6   ? 6.444   -11.783 4.783   1.00 31.90 ? 6    GLU A CD  1 
ATOM   58   O OE1 . GLU A 1 6   ? 7.542   -12.193 4.281   1.00 32.30 ? 6    GLU A OE1 1 
ATOM   59   O OE2 . GLU A 1 6   ? 6.369   -10.838 5.632   1.00 30.04 ? 6    GLU A OE2 1 
ATOM   60   N N   . THR A 1 7   ? 6.371   -10.417 1.639   1.00 17.16 ? 7    THR A N   1 
ATOM   61   C CA  . THR A 1 7   ? 7.666   -9.820  1.379   1.00 18.11 ? 7    THR A CA  1 
ATOM   62   C C   . THR A 1 7   ? 8.088   -8.861  2.501   1.00 17.29 ? 7    THR A C   1 
ATOM   63   O O   . THR A 1 7   ? 7.232   -8.362  3.249   1.00 16.85 ? 7    THR A O   1 
ATOM   64   C CB  . THR A 1 7   ? 7.769   -9.162  -0.036  1.00 19.27 ? 7    THR A CB  1 
ATOM   65   O OG1 . THR A 1 7   ? 9.155   -9.138  -0.441  1.00 18.64 ? 7    THR A OG1 1 
ATOM   66   C CG2 . THR A 1 7   ? 7.171   -7.746  -0.095  1.00 16.71 ? 7    THR A CG2 1 
ATOM   67   N N   . GLU A 1 8   ? 9.402   -8.648  2.623   1.00 16.74 ? 8    GLU A N   1 
ATOM   68   C CA  . GLU A 1 8   ? 9.974   -7.677  3.558   1.00 17.06 ? 8    GLU A CA  1 
ATOM   69   C C   . GLU A 1 8   ? 10.915  -6.673  2.945   1.00 15.58 ? 8    GLU A C   1 
ATOM   70   O O   . GLU A 1 8   ? 11.661  -6.990  2.035   1.00 15.60 ? 8    GLU A O   1 
ATOM   71   C CB  . GLU A 1 8   ? 10.724  -8.384  4.678   1.00 19.86 ? 8    GLU A CB  1 
ATOM   72   C CG  . GLU A 1 8   ? 9.799   -8.817  5.783   1.00 23.83 ? 8    GLU A CG  1 
ATOM   73   C CD  . GLU A 1 8   ? 10.539  -9.441  6.918   1.00 28.26 ? 8    GLU A CD  1 
ATOM   74   O OE1 . GLU A 1 8   ? 11.766  -9.215  7.026   1.00 34.14 ? 8    GLU A OE1 1 
ATOM   75   O OE2 . GLU A 1 8   ? 9.894   -10.163 7.696   1.00 32.38 ? 8    GLU A OE2 1 
ATOM   76   N N   . THR A 1 9   ? 10.930  -5.466  3.493   1.00 14.21 ? 9    THR A N   1 
ATOM   77   C CA  . THR A 1 9   ? 11.885  -4.462  3.040   1.00 13.92 ? 9    THR A CA  1 
ATOM   78   C C   . THR A 1 9   ? 12.297  -3.575  4.217   1.00 13.89 ? 9    THR A C   1 
ATOM   79   O O   . THR A 1 9   ? 11.646  -3.544  5.232   1.00 14.68 ? 9    THR A O   1 
ATOM   80   C CB  . THR A 1 9   ? 11.361  -3.675  1.792   1.00 14.16 ? 9    THR A CB  1 
ATOM   81   O OG1 . THR A 1 9   ? 12.420  -2.899  1.205   1.00 13.89 ? 9    THR A OG1 1 
ATOM   82   C CG2 . THR A 1 9   ? 10.170  -2.761  2.121   1.00 13.46 ? 9    THR A CG2 1 
ATOM   83   N N   . THR A 1 10  ? 13.398  -2.861  4.101   1.00 14.45 ? 10   THR A N   1 
ATOM   84   C CA  . THR A 1 10  ? 13.809  -1.996  5.195   1.00 13.11 ? 10   THR A CA  1 
ATOM   85   C C   . THR A 1 10  ? 13.708  -0.524  4.789   1.00 12.02 ? 10   THR A C   1 
ATOM   86   O O   . THR A 1 10  ? 13.633  -0.179  3.589   1.00 11.79 ? 10   THR A O   1 
ATOM   87   C CB  . THR A 1 10  ? 15.270  -2.273  5.592   1.00 13.76 ? 10   THR A CB  1 
ATOM   88   O OG1 . THR A 1 10  ? 16.067  -2.052  4.449   1.00 14.45 ? 10   THR A OG1 1 
ATOM   89   C CG2 . THR A 1 10  ? 15.451  -3.724  6.008   1.00 14.23 ? 10   THR A CG2 1 
ATOM   90   N N   . SER A 1 11  ? 13.712  0.336   5.802   1.00 10.33 ? 11   SER A N   1 
ATOM   91   C CA  . SER A 1 11  ? 13.685  1.749   5.582   1.00 9.38  ? 11   SER A CA  1 
ATOM   92   C C   . SER A 1 11  ? 14.689  2.367   6.514   1.00 8.72  ? 11   SER A C   1 
ATOM   93   O O   . SER A 1 11  ? 14.956  1.819   7.561   1.00 8.49  ? 11   SER A O   1 
ATOM   94   C CB  . SER A 1 11  ? 12.292  2.300   5.859   1.00 9.53  ? 11   SER A CB  1 
ATOM   95   O OG  . SER A 1 11  ? 12.275  3.706   5.708   1.00 9.66  ? 11   SER A OG  1 
ATOM   96   N N   . VAL A 1 12  ? 15.222  3.523   6.146   1.00 7.97  ? 12   VAL A N   1 
ATOM   97   C CA  . VAL A 1 12  ? 16.138  4.203   7.020   1.00 7.74  ? 12   VAL A CA  1 
ATOM   98   C C   . VAL A 1 12  ? 15.402  5.114   8.000   1.00 7.74  ? 12   VAL A C   1 
ATOM   99   O O   . VAL A 1 12  ? 16.051  5.708   8.866   1.00 7.46  ? 12   VAL A O   1 
ATOM   100  C CB  . VAL A 1 12  ? 17.253  4.987   6.230   1.00 7.81  ? 12   VAL A CB  1 
ATOM   101  C CG1 . VAL A 1 12  ? 18.163  3.997   5.482   1.00 7.53  ? 12   VAL A CG1 1 
ATOM   102  C CG2 . VAL A 1 12  ? 16.649  6.045   5.300   1.00 7.27  ? 12   VAL A CG2 1 
ATOM   103  N N   . ILE A 1 13  ? 14.069  5.208   7.860   1.00 7.60  ? 13   ILE A N   1 
ATOM   104  C CA  . ILE A 1 13  ? 13.199  6.095   8.682   1.00 7.43  ? 13   ILE A CA  1 
ATOM   105  C C   . ILE A 1 13  ? 12.631  5.269   9.848   1.00 7.45  ? 13   ILE A C   1 
ATOM   106  O O   . ILE A 1 13  ? 12.148  4.153   9.635   1.00 7.58  ? 13   ILE A O   1 
ATOM   107  C CB  . ILE A 1 13  ? 11.995  6.647   7.836   1.00 7.31  ? 13   ILE A CB  1 
ATOM   108  C CG1 . ILE A 1 13  ? 12.454  7.430   6.613   1.00 6.83  ? 13   ILE A CG1 1 
ATOM   109  C CG2 . ILE A 1 13  ? 11.110  7.620   8.619   1.00 7.35  ? 13   ILE A CG2 1 
ATOM   110  C CD1 . ILE A 1 13  ? 13.366  8.583   6.956   1.00 6.86  ? 13   ILE A CD1 1 
ATOM   111  N N   . PRO A 1 14  ? 12.681  5.809   11.089  1.00 7.31  ? 14   PRO A N   1 
ATOM   112  C CA  . PRO A 1 14  ? 12.049  5.156   12.269  1.00 7.09  ? 14   PRO A CA  1 
ATOM   113  C C   . PRO A 1 14  ? 10.573  4.765   12.058  1.00 7.06  ? 14   PRO A C   1 
ATOM   114  O O   . PRO A 1 14  ? 9.821   5.481   11.357  1.00 7.15  ? 14   PRO A O   1 
ATOM   115  C CB  . PRO A 1 14  ? 12.125  6.235   13.365  1.00 7.02  ? 14   PRO A CB  1 
ATOM   116  C CG  . PRO A 1 14  ? 13.262  7.119   12.951  1.00 7.00  ? 14   PRO A CG  1 
ATOM   117  C CD  . PRO A 1 14  ? 13.353  7.079   11.447  1.00 7.10  ? 14   PRO A CD  1 
ATOM   118  N N   . ALA A 1 15  ? 10.165  3.659   12.664  1.00 6.74  ? 15   ALA A N   1 
ATOM   119  C CA  . ALA A 1 15  ? 8.846   3.044   12.382  1.00 7.07  ? 15   ALA A CA  1 
ATOM   120  C C   . ALA A 1 15  ? 7.687   4.016   12.575  1.00 7.32  ? 15   ALA A C   1 
ATOM   121  O O   . ALA A 1 15  ? 6.823   4.059   11.716  1.00 7.79  ? 15   ALA A O   1 
ATOM   122  C CB  . ALA A 1 15  ? 8.629   1.803   13.239  1.00 6.70  ? 15   ALA A CB  1 
ATOM   123  N N   . ALA A 1 16  ? 7.657   4.786   13.682  1.00 7.19  ? 16   ALA A N   1 
ATOM   124  C CA  . ALA A 1 16  ? 6.489   5.648   14.003  1.00 7.36  ? 16   ALA A CA  1 
ATOM   125  C C   . ALA A 1 16  ? 6.306   6.767   12.992  1.00 7.65  ? 16   ALA A C   1 
ATOM   126  O O   . ALA A 1 16  ? 5.205   7.005   12.476  1.00 7.67  ? 16   ALA A O   1 
ATOM   127  C CB  . ALA A 1 16  ? 6.594   6.239   15.411  1.00 7.38  ? 16   ALA A CB  1 
ATOM   128  N N   . ARG A 1 17  ? 7.402   7.452   12.696  1.00 7.45  ? 17   ARG A N   1 
ATOM   129  C CA  . ARG A 1 17  ? 7.384   8.497   11.680  1.00 7.35  ? 17   ARG A CA  1 
ATOM   130  C C   . ARG A 1 17  ? 6.987   7.943   10.301  1.00 7.30  ? 17   ARG A C   1 
ATOM   131  O O   . ARG A 1 17  ? 6.085   8.509   9.627   1.00 7.46  ? 17   ARG A O   1 
ATOM   132  C CB  . ARG A 1 17  ? 8.748   9.236   11.658  1.00 7.07  ? 17   ARG A CB  1 
ATOM   133  C CG  . ARG A 1 17  ? 8.720   10.467  10.731  1.00 7.20  ? 17   ARG A CG  1 
ATOM   134  C CD  . ARG A 1 17  ? 9.973   11.325  10.836  1.00 6.90  ? 17   ARG A CD  1 
ATOM   135  N NE  . ARG A 1 17  ? 9.859   12.485  9.941   1.00 7.16  ? 17   ARG A NE  1 
ATOM   136  C CZ  . ARG A 1 17  ? 10.768  12.823  9.035   1.00 6.92  ? 17   ARG A CZ  1 
ATOM   137  N NH1 . ARG A 1 17  ? 11.897  12.131  8.955   1.00 6.80  ? 17   ARG A NH1 1 
ATOM   138  N NH2 . ARG A 1 17  ? 10.552  13.864  8.233   1.00 7.06  ? 17   ARG A NH2 1 
ATOM   139  N N   . LEU A 1 18  ? 7.622   6.853   9.880   1.00 6.98  ? 18   LEU A N   1 
ATOM   140  C CA  . LEU A 1 18  ? 7.268   6.239   8.597   1.00 7.47  ? 18   LEU A CA  1 
ATOM   141  C C   . LEU A 1 18  ? 5.768   5.866   8.505   1.00 7.72  ? 18   LEU A C   1 
ATOM   142  O O   . LEU A 1 18  ? 5.117   6.120   7.478   1.00 7.87  ? 18   LEU A O   1 
ATOM   143  C CB  . LEU A 1 18  ? 8.181   5.026   8.250   1.00 7.25  ? 18   LEU A CB  1 
ATOM   144  C CG  . LEU A 1 18  ? 8.026   4.316   6.890   1.00 7.09  ? 18   LEU A CG  1 
ATOM   145  C CD1 . LEU A 1 18  ? 8.253   5.321   5.769   1.00 7.08  ? 18   LEU A CD1 1 
ATOM   146  C CD2 . LEU A 1 18  ? 9.007   3.175   6.813   1.00 7.12  ? 18   LEU A CD2 1 
ATOM   147  N N   . PHE A 1 19  ? 5.243   5.309   9.596   1.00 8.15  ? 19   PHE A N   1 
ATOM   148  C CA  . PHE A 1 19  ? 3.851   4.899   9.682   1.00 8.73  ? 19   PHE A CA  1 
ATOM   149  C C   . PHE A 1 19  ? 2.964   6.124   9.532   1.00 9.44  ? 19   PHE A C   1 
ATOM   150  O O   . PHE A 1 19  ? 2.011   6.086   8.770   1.00 9.27  ? 19   PHE A O   1 
ATOM   151  C CB  . PHE A 1 19  ? 3.569   4.093   10.974  1.00 8.50  ? 19   PHE A CB  1 
ATOM   152  C CG  . PHE A 1 19  ? 2.177   3.525   11.031  1.00 8.68  ? 19   PHE A CG  1 
ATOM   153  C CD1 . PHE A 1 19  ? 1.845   2.406   10.261  1.00 8.62  ? 19   PHE A CD1 1 
ATOM   154  C CD2 . PHE A 1 19  ? 1.176   4.145   11.791  1.00 8.42  ? 19   PHE A CD2 1 
ATOM   155  C CE1 . PHE A 1 19  ? 0.552   1.870   10.299  1.00 9.03  ? 19   PHE A CE1 1 
ATOM   156  C CE2 . PHE A 1 19  ? -0.112  3.608   11.845  1.00 8.73  ? 19   PHE A CE2 1 
ATOM   157  C CZ  . PHE A 1 19  ? -0.428  2.482   11.079  1.00 8.92  ? 19   PHE A CZ  1 
ATOM   158  N N   . LYS A 1 20  ? 3.321   7.232   10.197  1.00 10.36 ? 20   LYS A N   1 
ATOM   159  C CA  . LYS A 1 20  ? 2.544   8.475   10.123  1.00 11.52 ? 20   LYS A CA  1 
ATOM   160  C C   . LYS A 1 20  ? 2.505   9.055   8.711   1.00 11.53 ? 20   LYS A C   1 
ATOM   161  O O   . LYS A 1 20  ? 1.449   9.533   8.279   1.00 12.46 ? 20   LYS A O   1 
ATOM   162  C CB  . LYS A 1 20  ? 3.084   9.540   11.105  1.00 12.98 ? 20   LYS A CB  1 
ATOM   163  C CG  . LYS A 1 20  ? 2.081   10.641  11.482  1.00 15.34 ? 20   LYS A CG  1 
ATOM   164  C CD  . LYS A 1 20  ? 2.477   11.324  12.806  1.00 17.79 ? 20   LYS A CD  1 
ATOM   165  C CE  . LYS A 1 20  ? 1.332   12.079  13.518  1.00 20.71 ? 20   LYS A CE  1 
ATOM   166  N NZ  . LYS A 1 20  ? 0.638   13.102  12.665  1.00 23.30 ? 20   LYS A NZ  1 
ATOM   167  N N   . ALA A 1 21  ? 3.629   8.981   7.985   1.00 10.57 ? 21   ALA A N   1 
ATOM   168  C CA  . ALA A 1 21  ? 3.710   9.555   6.662   1.00 10.67 ? 21   ALA A CA  1 
ATOM   169  C C   . ALA A 1 21  ? 3.222   8.561   5.612   1.00 11.04 ? 21   ALA A C   1 
ATOM   170  O O   . ALA A 1 21  ? 2.245   8.843   4.904   1.00 10.96 ? 21   ALA A O   1 
ATOM   171  C CB  . ALA A 1 21  ? 5.140   9.964   6.352   1.00 10.50 ? 21   ALA A CB  1 
ATOM   172  N N   . PHE A 1 22  ? 3.914   7.414   5.527   1.00 11.06 ? 22   PHE A N   1 
ATOM   173  C CA  . PHE A 1 22  ? 3.747   6.460   4.432   1.00 12.49 ? 22   PHE A CA  1 
ATOM   174  C C   . PHE A 1 22  ? 2.362   5.787   4.459   1.00 13.00 ? 22   PHE A C   1 
ATOM   175  O O   . PHE A 1 22  ? 1.739   5.574   3.385   1.00 12.91 ? 22   PHE A O   1 
ATOM   176  C CB  . PHE A 1 22  ? 4.871   5.405   4.452   1.00 13.66 ? 22   PHE A CB  1 
ATOM   177  C CG  . PHE A 1 22  ? 4.754   4.342   3.390   1.00 15.01 ? 22   PHE A CG  1 
ATOM   178  C CD1 . PHE A 1 22  ? 4.951   4.646   2.049   1.00 15.55 ? 22   PHE A CD1 1 
ATOM   179  C CD2 . PHE A 1 22  ? 4.469   3.020   3.735   1.00 16.12 ? 22   PHE A CD2 1 
ATOM   180  C CE1 . PHE A 1 22  ? 4.857   3.662   1.060   1.00 14.63 ? 22   PHE A CE1 1 
ATOM   181  C CE2 . PHE A 1 22  ? 4.373   2.032   2.749   1.00 16.91 ? 22   PHE A CE2 1 
ATOM   182  C CZ  . PHE A 1 22  ? 4.574   2.364   1.406   1.00 16.37 ? 22   PHE A CZ  1 
ATOM   183  N N   . ILE A 1 23  ? 1.873   5.490   5.671   1.00 12.66 ? 23   ILE A N   1 
ATOM   184  C CA  . ILE A 1 23  ? 0.559   4.842   5.834   1.00 12.56 ? 23   ILE A CA  1 
ATOM   185  C C   . ILE A 1 23  ? -0.512  5.881   6.084   1.00 12.39 ? 23   ILE A C   1 
ATOM   186  O O   . ILE A 1 23  ? -1.355  6.102   5.250   1.00 13.75 ? 23   ILE A O   1 
ATOM   187  C CB  . ILE A 1 23  ? 0.540   3.772   6.945   1.00 11.58 ? 23   ILE A CB  1 
ATOM   188  C CG1 . ILE A 1 23  ? 1.403   2.568   6.551   1.00 11.50 ? 23   ILE A CG1 1 
ATOM   189  C CG2 . ILE A 1 23  ? -0.889  3.378   7.239   1.00 11.63 ? 23   ILE A CG2 1 
ATOM   190  C CD1 . ILE A 1 23  ? 1.252   2.124   5.101   1.00 12.67 ? 23   ILE A CD1 1 
ATOM   191  N N   . LEU A 1 24  ? -0.436  6.582   7.202   1.00 12.69 ? 24   LEU A N   1 
ATOM   192  C CA  . LEU A 1 24  ? -1.479  7.494   7.585   1.00 12.53 ? 24   LEU A CA  1 
ATOM   193  C C   . LEU A 1 24  ? -1.622  8.736   6.673   1.00 13.06 ? 24   LEU A C   1 
ATOM   194  O O   . LEU A 1 24  ? -2.663  9.331   6.678   1.00 14.41 ? 24   LEU A O   1 
ATOM   195  C CB  . LEU A 1 24  ? -1.328  7.901   9.080   1.00 12.20 ? 24   LEU A CB  1 
ATOM   196  C CG  . LEU A 1 24  ? -1.302  6.836   10.205  1.00 12.42 ? 24   LEU A CG  1 
ATOM   197  C CD1 . LEU A 1 24  ? -1.126  7.501   11.581  1.00 11.16 ? 24   LEU A CD1 1 
ATOM   198  C CD2 . LEU A 1 24  ? -2.548  5.951   10.189  1.00 13.13 ? 24   LEU A CD2 1 
ATOM   199  N N   . ASP A 1 25  ? -0.612  9.174   5.913   1.00 13.67 ? 25   ASP A N   1 
ATOM   200  C CA  . ASP A 1 25  ? -0.835  10.354  5.067   1.00 12.75 ? 25   ASP A CA  1 
ATOM   201  C C   . ASP A 1 25  ? -0.618  10.018  3.590   1.00 12.94 ? 25   ASP A C   1 
ATOM   202  O O   . ASP A 1 25  ? -0.340  10.912  2.774   1.00 12.89 ? 25   ASP A O   1 
ATOM   203  C CB  . ASP A 1 25  ? 0.055   11.520  5.497   1.00 13.35 ? 25   ASP A CB  1 
ATOM   204  C CG  . ASP A 1 25  ? -0.536  12.911  5.142   1.00 13.50 ? 25   ASP A CG  1 
ATOM   205  O OD1 . ASP A 1 25  ? -1.760  13.093  5.226   1.00 14.00 ? 25   ASP A OD1 1 
ATOM   206  O OD2 . ASP A 1 25  ? 0.204   13.854  4.813   1.00 12.58 ? 25   ASP A OD2 1 
ATOM   207  N N   . GLY A 1 26  ? -0.720  8.733   3.263   1.00 12.51 ? 26   GLY A N   1 
ATOM   208  C CA  . GLY A 1 26  ? -0.612  8.222   1.905   1.00 12.19 ? 26   GLY A CA  1 
ATOM   209  C C   . GLY A 1 26  ? -1.410  8.984   0.839   1.00 13.65 ? 26   GLY A C   1 
ATOM   210  O O   . GLY A 1 26  ? -0.872  9.239   -0.258  1.00 14.20 ? 26   GLY A O   1 
ATOM   211  N N   . ASP A 1 27  ? -2.661  9.357   1.144   1.00 12.44 ? 27   ASP A N   1 
ATOM   212  C CA  . ASP A 1 27  ? -3.546  10.072  0.219   1.00 12.64 ? 27   ASP A CA  1 
ATOM   213  C C   . ASP A 1 27  ? -2.986  11.365  -0.240  1.00 12.32 ? 27   ASP A C   1 
ATOM   214  O O   . ASP A 1 27  ? -3.215  11.787  -1.369  1.00 11.16 ? 27   ASP A O   1 
ATOM   215  C CB  . ASP A 1 27  ? -4.856  10.430  0.900   1.00 14.09 ? 27   ASP A CB  1 
ATOM   216  C CG  . ASP A 1 27  ? -5.710  9.224   1.223   1.00 15.01 ? 27   ASP A CG  1 
ATOM   217  O OD1 . ASP A 1 27  ? -5.274  8.076   1.055   1.00 14.47 ? 27   ASP A OD1 1 
ATOM   218  O OD2 . ASP A 1 27  ? -6.860  9.454   1.675   1.00 18.29 ? 27   ASP A OD2 1 
ATOM   219  N N   . ASN A 1 28  ? -2.329  12.044  0.693   1.00 12.47 ? 28   ASN A N   1 
ATOM   220  C CA  . ASN A 1 28  ? -1.634  13.271  0.422   1.00 12.87 ? 28   ASN A CA  1 
ATOM   221  C C   . ASN A 1 28  ? -0.254  13.101  -0.257  1.00 12.54 ? 28   ASN A C   1 
ATOM   222  O O   . ASN A 1 28  ? 0.011   13.722  -1.300  1.00 11.46 ? 28   ASN A O   1 
ATOM   223  C CB  . ASN A 1 28  ? -1.503  14.072  1.728   1.00 14.87 ? 28   ASN A CB  1 
ATOM   224  C CG  . ASN A 1 28  ? -0.768  15.373  1.542   1.00 17.49 ? 28   ASN A CG  1 
ATOM   225  O OD1 . ASN A 1 28  ? -1.118  16.189  0.655   1.00 20.42 ? 28   ASN A OD1 1 
ATOM   226  N ND2 . ASN A 1 28  ? 0.251   15.608  2.390   1.00 18.62 ? 28   ASN A ND2 1 
ATOM   227  N N   . LEU A 1 29  ? 0.617   12.286  0.362   1.00 11.10 ? 29   LEU A N   1 
ATOM   228  C CA  . LEU A 1 29  ? 2.007   12.126  -0.050  1.00 10.48 ? 29   LEU A CA  1 
ATOM   229  C C   . LEU A 1 29  ? 2.218   11.417  -1.375  1.00 10.10 ? 29   LEU A C   1 
ATOM   230  O O   . LEU A 1 29  ? 3.126   11.759  -2.110  1.00 9.56  ? 29   LEU A O   1 
ATOM   231  C CB  . LEU A 1 29  ? 2.791   11.323  1.010   1.00 10.32 ? 29   LEU A CB  1 
ATOM   232  C CG  . LEU A 1 29  ? 3.355   12.146  2.158   1.00 11.12 ? 29   LEU A CG  1 
ATOM   233  C CD1 . LEU A 1 29  ? 4.300   11.304  3.040   1.00 11.27 ? 29   LEU A CD1 1 
ATOM   234  C CD2 . LEU A 1 29  ? 4.016   13.442  1.686   1.00 11.38 ? 29   LEU A CD2 1 
ATOM   235  N N   . PHE A 1 30  ? 1.424   10.387  -1.663  1.00 10.30 ? 30   PHE A N   1 
ATOM   236  C CA  . PHE A 1 30  ? 1.743   9.583   -2.839  1.00 10.77 ? 30   PHE A CA  1 
ATOM   237  C C   . PHE A 1 30  ? 1.682   10.390  -4.120  1.00 10.05 ? 30   PHE A C   1 
ATOM   238  O O   . PHE A 1 30  ? 2.615   10.324  -4.899  1.00 10.41 ? 30   PHE A O   1 
ATOM   239  C CB  . PHE A 1 30  ? 0.916   8.299   -2.920  1.00 11.21 ? 30   PHE A CB  1 
ATOM   240  C CG  . PHE A 1 30  ? 1.229   7.298   -1.828  1.00 12.43 ? 30   PHE A CG  1 
ATOM   241  C CD1 . PHE A 1 30  ? 2.483   7.298   -1.161  1.00 12.42 ? 30   PHE A CD1 1 
ATOM   242  C CD2 . PHE A 1 30  ? 0.300   6.301   -1.499  1.00 12.47 ? 30   PHE A CD2 1 
ATOM   243  C CE1 . PHE A 1 30  ? 2.767   6.370   -0.175  1.00 12.54 ? 30   PHE A CE1 1 
ATOM   244  C CE2 . PHE A 1 30  ? 0.594   5.371   -0.509  1.00 13.33 ? 30   PHE A CE2 1 
ATOM   245  C CZ  . PHE A 1 30  ? 1.823   5.413   0.156   1.00 13.17 ? 30   PHE A CZ  1 
ATOM   246  N N   . PRO A 1 31  ? 0.596   11.154  -4.339  1.00 9.98  ? 31   PRO A N   1 
ATOM   247  C CA  . PRO A 1 31  ? 0.599   11.940  -5.560  1.00 10.23 ? 31   PRO A CA  1 
ATOM   248  C C   . PRO A 1 31  ? 1.608   13.096  -5.579  1.00 10.36 ? 31   PRO A C   1 
ATOM   249  O O   . PRO A 1 31  ? 2.008   13.549  -6.661  1.00 10.54 ? 31   PRO A O   1 
ATOM   250  C CB  . PRO A 1 31  ? -0.835  12.489  -5.641  1.00 10.05 ? 31   PRO A CB  1 
ATOM   251  C CG  . PRO A 1 31  ? -1.660  11.664  -4.679  1.00 10.03 ? 31   PRO A CG  1 
ATOM   252  C CD  . PRO A 1 31  ? -0.695  11.274  -3.616  1.00 10.17 ? 31   PRO A CD  1 
ATOM   253  N N   . LYS A 1 32  ? 1.967   13.594  -4.404  1.00 10.23 ? 32   LYS A N   1 
ATOM   254  C CA  . LYS A 1 32  ? 2.904   14.691  -4.281  1.00 10.92 ? 32   LYS A CA  1 
ATOM   255  C C   . LYS A 1 32  ? 4.357   14.225  -4.574  1.00 10.43 ? 32   LYS A C   1 
ATOM   256  O O   . LYS A 1 32  ? 5.057   14.803  -5.413  1.00 8.97  ? 32   LYS A O   1 
ATOM   257  C CB  . LYS A 1 32  ? 2.816   15.304  -2.875  1.00 11.79 ? 32   LYS A CB  1 
ATOM   258  C CG  . LYS A 1 32  ? 3.732   16.517  -2.693  1.00 13.35 ? 32   LYS A CG  1 
ATOM   259  C CD  . LYS A 1 32  ? 3.897   16.842  -1.208  1.00 15.35 ? 32   LYS A CD  1 
ATOM   260  C CE  . LYS A 1 32  ? 2.710   17.580  -0.676  1.00 16.39 ? 32   LYS A CE  1 
ATOM   261  N NZ  . LYS A 1 32  ? 2.947   17.790  0.773   1.00 17.39 ? 32   LYS A NZ  1 
ATOM   262  N N   . VAL A 1 33  ? 4.779   13.163  -3.899  1.00 10.28 ? 33   VAL A N   1 
ATOM   263  C CA  . VAL A 1 33  ? 6.179   12.708  -4.009  1.00 10.61 ? 33   VAL A CA  1 
ATOM   264  C C   . VAL A 1 33  ? 6.404   11.695  -5.138  1.00 11.19 ? 33   VAL A C   1 
ATOM   265  O O   . VAL A 1 33  ? 7.505   11.589  -5.665  1.00 12.25 ? 33   VAL A O   1 
ATOM   266  C CB  . VAL A 1 33  ? 6.739   12.194  -2.641  1.00 11.02 ? 33   VAL A CB  1 
ATOM   267  C CG1 . VAL A 1 33  ? 6.565   13.268  -1.551  1.00 11.11 ? 33   VAL A CG1 1 
ATOM   268  C CG2 . VAL A 1 33  ? 6.085   10.885  -2.213  1.00 10.42 ? 33   VAL A CG2 1 
ATOM   269  N N   . ALA A 1 34  ? 5.362   10.944  -5.518  1.00 11.60 ? 34   ALA A N   1 
ATOM   270  C CA  . ALA A 1 34  ? 5.492   9.979   -6.617  1.00 11.56 ? 34   ALA A CA  1 
ATOM   271  C C   . ALA A 1 34  ? 4.389   10.113  -7.679  1.00 12.13 ? 34   ALA A C   1 
ATOM   272  O O   . ALA A 1 34  ? 3.636   9.175   -7.895  1.00 11.39 ? 34   ALA A O   1 
ATOM   273  C CB  . ALA A 1 34  ? 5.536   8.573   -6.055  1.00 10.92 ? 34   ALA A CB  1 
ATOM   274  N N   . PRO A 1 35  ? 4.330   11.261  -8.379  1.00 13.58 ? 35   PRO A N   1 
ATOM   275  C CA  . PRO A 1 35  ? 3.312   11.554  -9.442  1.00 15.25 ? 35   PRO A CA  1 
ATOM   276  C C   . PRO A 1 35  ? 3.384   10.644  -10.674 1.00 16.68 ? 35   PRO A C   1 
ATOM   277  O O   . PRO A 1 35  ? 2.397   10.439  -11.386 1.00 17.48 ? 35   PRO A O   1 
ATOM   278  C CB  . PRO A 1 35  ? 3.610   13.011  -9.838  1.00 15.87 ? 35   PRO A CB  1 
ATOM   279  C CG  . PRO A 1 35  ? 5.033   13.261  -9.398  1.00 14.87 ? 35   PRO A CG  1 
ATOM   280  C CD  . PRO A 1 35  ? 5.237   12.403  -8.162  1.00 14.32 ? 35   PRO A CD  1 
ATOM   281  N N   . GLN A 1 36  ? 4.555   10.075  -10.911 1.00 18.67 ? 36   GLN A N   1 
ATOM   282  C CA  . GLN A 1 36  ? 4.755   9.149   -12.007 1.00 19.16 ? 36   GLN A CA  1 
ATOM   283  C C   . GLN A 1 36  ? 4.373   7.705   -11.627 1.00 18.61 ? 36   GLN A C   1 
ATOM   284  O O   . GLN A 1 36  ? 4.481   6.800   -12.456 1.00 19.19 ? 36   GLN A O   1 
ATOM   285  C CB  . GLN A 1 36  ? 6.205   9.299   -12.559 1.00 21.46 ? 36   GLN A CB  1 
ATOM   286  C CG  . GLN A 1 36  ? 7.375   8.737   -11.702 1.00 24.53 ? 36   GLN A CG  1 
ATOM   287  C CD  . GLN A 1 36  ? 7.272   8.875   -10.153 1.00 25.39 ? 36   GLN A CD  1 
ATOM   288  O OE1 . GLN A 1 36  ? 6.997   9.959   -9.598  1.00 23.10 ? 36   GLN A OE1 1 
ATOM   289  N NE2 . GLN A 1 36  ? 7.556   7.755   -9.449  1.00 24.93 ? 36   GLN A NE2 1 
ATOM   290  N N   . ALA A 1 37  ? 3.921   7.494   -10.385 1.00 14.83 ? 37   ALA A N   1 
ATOM   291  C CA  . ALA A 1 37  ? 3.383   6.209   -9.963  1.00 13.92 ? 37   ALA A CA  1 
ATOM   292  C C   . ALA A 1 37  ? 1.878   6.302   -9.636  1.00 13.09 ? 37   ALA A C   1 
ATOM   293  O O   . ALA A 1 37  ? 1.132   5.409   -10.009 1.00 13.27 ? 37   ALA A O   1 
ATOM   294  C CB  . ALA A 1 37  ? 4.157   5.644   -8.767  1.00 13.07 ? 37   ALA A CB  1 
ATOM   295  N N   . ILE A 1 38  ? 1.460   7.377   -8.948  1.00 12.08 ? 38   ILE A N   1 
ATOM   296  C CA  . ILE A 1 38  ? 0.055   7.583   -8.503  1.00 11.43 ? 38   ILE A CA  1 
ATOM   297  C C   . ILE A 1 38  ? -0.321  8.981   -8.918  1.00 10.12 ? 38   ILE A C   1 
ATOM   298  O O   . ILE A 1 38  ? 0.328   9.958   -8.475  1.00 9.82  ? 38   ILE A O   1 
ATOM   299  C CB  . ILE A 1 38  ? -0.144  7.473   -6.959  1.00 12.07 ? 38   ILE A CB  1 
ATOM   300  C CG1 . ILE A 1 38  ? 0.348   6.125   -6.405  1.00 12.43 ? 38   ILE A CG1 1 
ATOM   301  C CG2 . ILE A 1 38  ? -1.605  7.773   -6.509  1.00 11.62 ? 38   ILE A CG2 1 
ATOM   302  C CD1 . ILE A 1 38  ? -0.438  4.952   -6.868  1.00 11.77 ? 38   ILE A CD1 1 
ATOM   303  N N   . SER A 1 39  ? -1.343  9.075   -9.772  1.00 9.05  ? 39   SER A N   1 
ATOM   304  C CA  . SER A 1 39  ? -1.801  10.364  -10.255 1.00 8.75  ? 39   SER A CA  1 
ATOM   305  C C   . SER A 1 39  ? -2.717  11.089  -9.241  1.00 8.45  ? 39   SER A C   1 
ATOM   306  O O   . SER A 1 39  ? -2.561  12.276  -9.016  1.00 8.07  ? 39   SER A O   1 
ATOM   307  C CB  . SER A 1 39  ? -2.356  10.319  -11.709 1.00 8.77  ? 39   SER A CB  1 
ATOM   308  O OG  . SER A 1 39  ? -3.659  9.792   -11.788 1.00 9.98  ? 39   SER A OG  1 
ATOM   309  N N   . SER A 1 40  ? -3.623  10.385  -8.574  1.00 7.71  ? 40   SER A N   1 
ATOM   310  C CA  . SER A 1 40  ? -4.413  11.052  -7.538  1.00 7.40  ? 40   SER A CA  1 
ATOM   311  C C   . SER A 1 40  ? -4.984  10.008  -6.596  1.00 7.14  ? 40   SER A C   1 
ATOM   312  O O   . SER A 1 40  ? -4.952  8.842   -6.902  1.00 6.98  ? 40   SER A O   1 
ATOM   313  C CB  . SER A 1 40  ? -5.537  11.883  -8.162  1.00 6.87  ? 40   SER A CB  1 
ATOM   314  O OG  . SER A 1 40  ? -6.444  11.026  -8.826  1.00 6.57  ? 40   SER A OG  1 
ATOM   315  N N   . VAL A 1 41  ? -5.477  10.437  -5.446  1.00 7.52  ? 41   VAL A N   1 
ATOM   316  C CA  . VAL A 1 41  ? -6.139  9.538   -4.488  1.00 7.64  ? 41   VAL A CA  1 
ATOM   317  C C   . VAL A 1 41  ? -7.375  10.285  -4.083  1.00 8.11  ? 41   VAL A C   1 
ATOM   318  O O   . VAL A 1 41  ? -7.289  11.431  -3.615  1.00 8.70  ? 41   VAL A O   1 
ATOM   319  C CB  . VAL A 1 41  ? -5.296  9.327   -3.227  1.00 7.51  ? 41   VAL A CB  1 
ATOM   320  C CG1 . VAL A 1 41  ? -6.036  8.436   -2.228  1.00 7.61  ? 41   VAL A CG1 1 
ATOM   321  C CG2 . VAL A 1 41  ? -3.923  8.742   -3.565  1.00 7.78  ? 41   VAL A CG2 1 
ATOM   322  N N   . GLU A 1 42  ? -8.525  9.669   -4.273  1.00 8.61  ? 42   GLU A N   1 
ATOM   323  C CA  . GLU A 1 42  ? -9.808  10.295  -3.927  1.00 9.23  ? 42   GLU A CA  1 
ATOM   324  C C   . GLU A 1 42  ? -10.473 9.547   -2.800  1.00 9.10  ? 42   GLU A C   1 
ATOM   325  O O   . GLU A 1 42  ? -10.572 8.339   -2.849  1.00 8.60  ? 42   GLU A O   1 
ATOM   326  C CB  . GLU A 1 42  ? -10.755 10.263  -5.117  1.00 10.27 ? 42   GLU A CB  1 
ATOM   327  C CG  . GLU A 1 42  ? -12.203 10.617  -4.774  1.00 10.89 ? 42   GLU A CG  1 
ATOM   328  C CD  . GLU A 1 42  ? -13.058 10.713  -6.003  1.00 12.04 ? 42   GLU A CD  1 
ATOM   329  O OE1 . GLU A 1 42  ? -12.661 10.081  -7.004  1.00 11.51 ? 42   GLU A OE1 1 
ATOM   330  O OE2 . GLU A 1 42  ? -14.117 11.413  -5.960  1.00 12.95 ? 42   GLU A OE2 1 
ATOM   331  N N   . ASN A 1 43  ? -10.913 10.259  -1.779  1.00 9.18  ? 43   ASN A N   1 
ATOM   332  C CA  . ASN A 1 43  ? -11.646 9.606   -0.708  1.00 10.11 ? 43   ASN A CA  1 
ATOM   333  C C   . ASN A 1 43  ? -13.102 9.463   -1.149  1.00 9.61  ? 43   ASN A C   1 
ATOM   334  O O   . ASN A 1 43  ? -13.736 10.439  -1.415  1.00 8.86  ? 43   ASN A O   1 
ATOM   335  C CB  . ASN A 1 43  ? -11.554 10.414  0.571   1.00 10.99 ? 43   ASN A CB  1 
ATOM   336  C CG  . ASN A 1 43  ? -12.267 9.745   1.721   1.00 12.48 ? 43   ASN A CG  1 
ATOM   337  O OD1 . ASN A 1 43  ? -11.668 8.939   2.438   1.00 14.21 ? 43   ASN A OD1 1 
ATOM   338  N ND2 . ASN A 1 43  ? -13.544 10.081  1.907   1.00 12.04 ? 43   ASN A ND2 1 
ATOM   339  N N   . ILE A 1 44  ? -13.597 8.239   -1.286  1.00 9.54  ? 44   ILE A N   1 
ATOM   340  C CA  . ILE A 1 44  ? -14.952 8.026   -1.756  1.00 10.09 ? 44   ILE A CA  1 
ATOM   341  C C   . ILE A 1 44  ? -15.943 8.056   -0.577  1.00 10.71 ? 44   ILE A C   1 
ATOM   342  O O   . ILE A 1 44  ? -16.999 8.652   -0.680  1.00 10.68 ? 44   ILE A O   1 
ATOM   343  C CB  . ILE A 1 44  ? -15.083 6.680   -2.521  1.00 9.94  ? 44   ILE A CB  1 
ATOM   344  C CG1 . ILE A 1 44  ? -14.036 6.574   -3.629  1.00 10.11 ? 44   ILE A CG1 1 
ATOM   345  C CG2 . ILE A 1 44  ? -16.511 6.495   -3.072  1.00 10.02 ? 44   ILE A CG2 1 
ATOM   346  C CD1 . ILE A 1 44  ? -14.430 7.360   -4.885  1.00 10.07 ? 44   ILE A CD1 1 
ATOM   347  N N   . GLU A 1 45  ? -15.593 7.396   0.527   1.00 11.33 ? 45   GLU A N   1 
ATOM   348  C CA  . GLU A 1 45  ? -16.473 7.284   1.682   1.00 12.41 ? 45   GLU A CA  1 
ATOM   349  C C   . GLU A 1 45  ? -15.607 7.010   2.914   1.00 12.31 ? 45   GLU A C   1 
ATOM   350  O O   . GLU A 1 45  ? -14.613 6.270   2.849   1.00 11.80 ? 45   GLU A O   1 
ATOM   351  C CB  . GLU A 1 45  ? -17.509 6.162   1.488   1.00 14.14 ? 45   GLU A CB  1 
ATOM   352  C CG  . GLU A 1 45  ? -18.679 6.167   2.474   1.00 16.15 ? 45   GLU A CG  1 
ATOM   353  C CD  . GLU A 1 45  ? -19.751 7.207   2.134   1.00 18.79 ? 45   GLU A CD  1 
ATOM   354  O OE1 . GLU A 1 45  ? -20.088 7.387   0.918   1.00 20.72 ? 45   GLU A OE1 1 
ATOM   355  O OE2 . GLU A 1 45  ? -20.284 7.849   3.093   1.00 18.98 ? 45   GLU A OE2 1 
ATOM   356  N N   . GLY A 1 46  ? -15.954 7.656   4.026   1.00 12.36 ? 46   GLY A N   1 
ATOM   357  C CA  . GLY A 1 46  ? -15.428 7.243   5.336   1.00 12.95 ? 46   GLY A CA  1 
ATOM   358  C C   . GLY A 1 46  ? -14.411 8.224   5.852   1.00 13.62 ? 46   GLY A C   1 
ATOM   359  O O   . GLY A 1 46  ? -13.932 9.066   5.104   1.00 13.23 ? 46   GLY A O   1 
ATOM   360  N N   . ASN A 1 47  ? -14.077 8.122   7.140   1.00 14.45 ? 47   ASN A N   1 
ATOM   361  C CA  . ASN A 1 47  ? -13.258 9.131   7.809   1.00 14.05 ? 47   ASN A CA  1 
ATOM   362  C C   . ASN A 1 47  ? -11.925 8.535   8.187   1.00 14.55 ? 47   ASN A C   1 
ATOM   363  O O   . ASN A 1 47  ? -11.194 9.094   9.007   1.00 15.13 ? 47   ASN A O   1 
ATOM   364  C CB  . ASN A 1 47  ? -13.956 9.622   9.082   1.00 14.62 ? 47   ASN A CB  1 
ATOM   365  C CG  . ASN A 1 47  ? -13.607 11.065  9.454   1.00 15.71 ? 47   ASN A CG  1 
ATOM   366  O OD1 . ASN A 1 47  ? -14.084 11.576  10.466  1.00 17.55 ? 47   ASN A OD1 1 
ATOM   367  N ND2 . ASN A 1 47  ? -12.838 11.735  8.628   1.00 15.46 ? 47   ASN A ND2 1 
ATOM   368  N N   . GLY A 1 48  ? -11.602 7.381   7.611   1.00 13.33 ? 48   GLY A N   1 
ATOM   369  C CA  . GLY A 1 48  ? -10.221 6.907   7.653   1.00 12.54 ? 48   GLY A CA  1 
ATOM   370  C C   . GLY A 1 48  ? -10.017 5.601   8.394   1.00 11.71 ? 48   GLY A C   1 
ATOM   371  O O   . GLY A 1 48  ? -8.936  5.066   8.367   1.00 12.44 ? 48   GLY A O   1 
ATOM   372  N N   . GLY A 1 49  ? -11.041 5.091   9.068   1.00 11.11 ? 49   GLY A N   1 
ATOM   373  C CA  . GLY A 1 49  ? -10.935 3.782   9.729   1.00 9.80  ? 49   GLY A CA  1 
ATOM   374  C C   . GLY A 1 49  ? -11.537 2.678   8.860   1.00 9.00  ? 49   GLY A C   1 
ATOM   375  O O   . GLY A 1 49  ? -11.779 2.908   7.674   1.00 9.07  ? 49   GLY A O   1 
ATOM   376  N N   . PRO A 1 50  ? -11.785 1.486   9.452   1.00 8.41  ? 50   PRO A N   1 
ATOM   377  C CA  . PRO A 1 50  ? -12.360 0.354   8.775   1.00 8.24  ? 50   PRO A CA  1 
ATOM   378  C C   . PRO A 1 50  ? -13.491 0.789   7.841   1.00 8.39  ? 50   PRO A C   1 
ATOM   379  O O   . PRO A 1 50  ? -14.418 1.524   8.276   1.00 8.43  ? 50   PRO A O   1 
ATOM   380  C CB  . PRO A 1 50  ? -12.960 -0.465  9.950   1.00 8.00  ? 50   PRO A CB  1 
ATOM   381  C CG  . PRO A 1 50  ? -11.995 -0.236  11.057  1.00 8.15  ? 50   PRO A CG  1 
ATOM   382  C CD  . PRO A 1 50  ? -11.434 1.150   10.855  1.00 8.00  ? 50   PRO A CD  1 
ATOM   383  N N   . GLY A 1 51  ? -13.472 0.274   6.618   1.00 7.85  ? 51   GLY A N   1 
ATOM   384  C CA  . GLY A 1 51  ? -14.516 0.571   5.667   1.00 8.27  ? 51   GLY A CA  1 
ATOM   385  C C   . GLY A 1 51  ? -14.338 1.780   4.766   1.00 8.63  ? 51   GLY A C   1 
ATOM   386  O O   . GLY A 1 51  ? -15.072 1.899   3.774   1.00 8.65  ? 51   GLY A O   1 
ATOM   387  N N   . THR A 1 52  ? -13.380 2.665   5.089   1.00 9.08  ? 52   THR A N   1 
ATOM   388  C CA  . THR A 1 52  ? -13.080 3.844   4.272   1.00 9.07  ? 52   THR A CA  1 
ATOM   389  C C   . THR A 1 52  ? -12.683 3.427   2.855   1.00 9.43  ? 52   THR A C   1 
ATOM   390  O O   . THR A 1 52  ? -11.757 2.606   2.685   1.00 8.98  ? 52   THR A O   1 
ATOM   391  C CB  . THR A 1 52  ? -11.943 4.692   4.921   1.00 9.14  ? 52   THR A CB  1 
ATOM   392  O OG1 . THR A 1 52  ? -12.389 5.159   6.197   1.00 8.93  ? 52   THR A OG1 1 
ATOM   393  C CG2 . THR A 1 52  ? -11.575 5.937   4.087   1.00 8.75  ? 52   THR A CG2 1 
ATOM   394  N N   . ILE A 1 53  ? -13.371 3.994   1.844   1.00 9.71  ? 53   ILE A N   1 
ATOM   395  C CA  . ILE A 1 53  ? -13.057 3.702   0.437   1.00 9.97  ? 53   ILE A CA  1 
ATOM   396  C C   . ILE A 1 53  ? -12.318 4.870   -0.211  1.00 10.34 ? 53   ILE A C   1 
ATOM   397  O O   . ILE A 1 53  ? -12.758 6.018   -0.078  1.00 10.25 ? 53   ILE A O   1 
ATOM   398  C CB  . ILE A 1 53  ? -14.314 3.426   -0.433  1.00 10.10 ? 53   ILE A CB  1 
ATOM   399  C CG1 . ILE A 1 53  ? -15.263 2.402   0.216   1.00 10.26 ? 53   ILE A CG1 1 
ATOM   400  C CG2 . ILE A 1 53  ? -13.918 2.947   -1.824  1.00 9.64  ? 53   ILE A CG2 1 
ATOM   401  C CD1 . ILE A 1 53  ? -14.616 1.075   0.547   1.00 11.11 ? 53   ILE A CD1 1 
ATOM   402  N N   . LYS A 1 54  ? -11.224 4.554   -0.927  1.00 10.03 ? 54   LYS A N   1 
ATOM   403  C CA  . LYS A 1 54  ? -10.376 5.521   -1.611  1.00 10.33 ? 54   LYS A CA  1 
ATOM   404  C C   . LYS A 1 54  ? -10.265 5.014   -3.039  1.00 9.88  ? 54   LYS A C   1 
ATOM   405  O O   . LYS A 1 54  ? -10.287 3.793   -3.265  1.00 10.07 ? 54   LYS A O   1 
ATOM   406  C CB  . LYS A 1 54  ? -8.988  5.614   -0.945  1.00 11.14 ? 54   LYS A CB  1 
ATOM   407  C CG  . LYS A 1 54  ? -9.090  6.132   0.511   1.00 12.69 ? 54   LYS A CG  1 
ATOM   408  C CD  . LYS A 1 54  ? -7.840  5.898   1.356   1.00 14.66 ? 54   LYS A CD  1 
ATOM   409  C CE  . LYS A 1 54  ? -7.984  6.515   2.776   1.00 15.09 ? 54   LYS A CE  1 
ATOM   410  N NZ  . LYS A 1 54  ? -8.949  7.696   2.768   1.00 16.86 ? 54   LYS A NZ  1 
ATOM   411  N N   . LYS A 1 55  ? -10.174 5.919   -4.000  1.00 9.11  ? 55   LYS A N   1 
ATOM   412  C CA  . LYS A 1 55  ? -9.978  5.528   -5.414  1.00 9.61  ? 55   LYS A CA  1 
ATOM   413  C C   . LYS A 1 55  ? -8.588  6.059   -5.804  1.00 9.55  ? 55   LYS A C   1 
ATOM   414  O O   . LYS A 1 55  ? -8.352  7.256   -5.673  1.00 9.37  ? 55   LYS A O   1 
ATOM   415  C CB  . LYS A 1 55  ? -11.077 6.149   -6.298  1.00 9.64  ? 55   LYS A CB  1 
ATOM   416  C CG  . LYS A 1 55  ? -10.929 5.894   -7.788  1.00 9.63  ? 55   LYS A CG  1 
ATOM   417  C CD  . LYS A 1 55  ? -12.199 6.326   -8.507  1.00 10.36 ? 55   LYS A CD  1 
ATOM   418  C CE  . LYS A 1 55  ? -12.012 6.402   -10.028 1.00 11.13 ? 55   LYS A CE  1 
ATOM   419  N NZ  . LYS A 1 55  ? -13.313 6.288   -10.790 1.00 11.81 ? 55   LYS A NZ  1 
ATOM   420  N N   . ILE A 1 56  ? -7.685  5.156   -6.195  1.00 9.53  ? 56   ILE A N   1 
ATOM   421  C CA  . ILE A 1 56  ? -6.291  5.450   -6.526  1.00 9.48  ? 56   ILE A CA  1 
ATOM   422  C C   . ILE A 1 56  ? -6.156  5.405   -8.052  1.00 9.85  ? 56   ILE A C   1 
ATOM   423  O O   . ILE A 1 56  ? -6.375  4.344   -8.662  1.00 9.46  ? 56   ILE A O   1 
ATOM   424  C CB  . ILE A 1 56  ? -5.335  4.406   -5.904  1.00 9.88  ? 56   ILE A CB  1 
ATOM   425  C CG1 . ILE A 1 56  ? -5.342  4.458   -4.365  1.00 10.14 ? 56   ILE A CG1 1 
ATOM   426  C CG2 . ILE A 1 56  ? -3.906  4.688   -6.320  1.00 10.57 ? 56   ILE A CG2 1 
ATOM   427  C CD1 . ILE A 1 56  ? -6.492  3.702   -3.735  1.00 11.58 ? 56   ILE A CD1 1 
ATOM   428  N N   . SER A 1 57  ? -5.837  6.550   -8.677  1.00 9.36  ? 57   SER A N   1 
ATOM   429  C CA  . SER A 1 57  ? -5.746  6.590   -10.114 1.00 9.42  ? 57   SER A CA  1 
ATOM   430  C C   . SER A 1 57  ? -4.320  6.520   -10.527 1.00 9.62  ? 57   SER A C   1 
ATOM   431  O O   . SER A 1 57  ? -3.463  7.188   -9.920  1.00 9.47  ? 57   SER A O   1 
ATOM   432  C CB  . SER A 1 57  ? -6.397  7.854   -10.708 1.00 9.64  ? 57   SER A CB  1 
ATOM   433  O OG  . SER A 1 57  ? -7.802  7.904   -10.467 1.00 10.02 ? 57   SER A OG  1 
ATOM   434  N N   . PHE A 1 58  ? -4.047  5.733   -11.579 1.00 10.01 ? 58   PHE A N   1 
ATOM   435  C CA  . PHE A 1 58  ? -2.653  5.568   -12.080 1.00 9.96  ? 58   PHE A CA  1 
ATOM   436  C C   . PHE A 1 58  ? -2.363  6.514   -13.255 1.00 9.70  ? 58   PHE A C   1 
ATOM   437  O O   . PHE A 1 58  ? -3.279  6.919   -13.953 1.00 9.66  ? 58   PHE A O   1 
ATOM   438  C CB  . PHE A 1 58  ? -2.369  4.093   -12.394 1.00 10.33 ? 58   PHE A CB  1 
ATOM   439  C CG  . PHE A 1 58  ? -2.578  3.176   -11.202 1.00 10.85 ? 58   PHE A CG  1 
ATOM   440  C CD1 . PHE A 1 58  ? -1.763  3.272   -10.074 1.00 11.28 ? 58   PHE A CD1 1 
ATOM   441  C CD2 . PHE A 1 58  ? -3.624  2.282   -11.175 1.00 10.97 ? 58   PHE A CD2 1 
ATOM   442  C CE1 . PHE A 1 58  ? -1.980  2.462   -8.968  1.00 11.20 ? 58   PHE A CE1 1 
ATOM   443  C CE2 . PHE A 1 58  ? -3.837  1.471   -10.079 1.00 11.08 ? 58   PHE A CE2 1 
ATOM   444  C CZ  . PHE A 1 58  ? -3.012  1.563   -8.969  1.00 11.01 ? 58   PHE A CZ  1 
ATOM   445  N N   . PRO A 1 59  ? -1.085  6.867   -13.497 1.00 9.48  ? 59   PRO A N   1 
ATOM   446  C CA  . PRO A 1 59  ? -0.846  7.814   -14.589 1.00 9.61  ? 59   PRO A CA  1 
ATOM   447  C C   . PRO A 1 59  ? -1.223  7.189   -15.947 1.00 9.74  ? 59   PRO A C   1 
ATOM   448  O O   . PRO A 1 59  ? -1.404  5.984   -16.025 1.00 9.48  ? 59   PRO A O   1 
ATOM   449  C CB  . PRO A 1 59  ? 0.672   8.108   -14.496 1.00 9.56  ? 59   PRO A CB  1 
ATOM   450  C CG  . PRO A 1 59  ? 1.061   7.695   -13.109 1.00 9.80  ? 59   PRO A CG  1 
ATOM   451  C CD  . PRO A 1 59  ? 0.161   6.517   -12.790 1.00 9.94  ? 59   PRO A CD  1 
ATOM   452  N N   . GLU A 1 60  ? -1.379  8.005   -16.984 1.00 9.73  ? 60   GLU A N   1 
ATOM   453  C CA  . GLU A 1 60  ? -1.545  7.501   -18.325 1.00 10.08 ? 60   GLU A CA  1 
ATOM   454  C C   . GLU A 1 60  ? -0.427  6.503   -18.672 1.00 9.76  ? 60   GLU A C   1 
ATOM   455  O O   . GLU A 1 60  ? 0.706   6.621   -18.183 1.00 9.99  ? 60   GLU A O   1 
ATOM   456  C CB  . GLU A 1 60  ? -1.591  8.657   -19.337 1.00 10.58 ? 60   GLU A CB  1 
ATOM   457  C CG  . GLU A 1 60  ? -2.086  8.209   -20.701 1.00 10.75 ? 60   GLU A CG  1 
ATOM   458  C CD  . GLU A 1 60  ? -2.526  9.334   -21.610 1.00 12.53 ? 60   GLU A CD  1 
ATOM   459  O OE1 . GLU A 1 60  ? -2.116  10.526  -21.380 1.00 13.84 ? 60   GLU A OE1 1 
ATOM   460  O OE2 . GLU A 1 60  ? -3.239  9.015   -22.604 1.00 12.54 ? 60   GLU A OE2 1 
ATOM   461  N N   . GLY A 1 61  ? -0.784  5.494   -19.463 1.00 9.64  ? 61   GLY A N   1 
ATOM   462  C CA  . GLY A 1 61  ? 0.124   4.467   -19.938 1.00 9.66  ? 61   GLY A CA  1 
ATOM   463  C C   . GLY A 1 61  ? 0.432   3.323   -18.983 1.00 10.06 ? 61   GLY A C   1 
ATOM   464  O O   . GLY A 1 61  ? 1.144   2.402   -19.357 1.00 9.43  ? 61   GLY A O   1 
ATOM   465  N N   . PHE A 1 62  ? -0.128  3.348   -17.766 1.00 10.66 ? 62   PHE A N   1 
ATOM   466  C CA  . PHE A 1 62  ? 0.052   2.232   -16.796 1.00 10.66 ? 62   PHE A CA  1 
ATOM   467  C C   . PHE A 1 62  ? -0.872  1.064   -17.185 1.00 10.36 ? 62   PHE A C   1 
ATOM   468  O O   . PHE A 1 62  ? -1.834  1.318   -17.853 1.00 10.58 ? 62   PHE A O   1 
ATOM   469  C CB  . PHE A 1 62  ? -0.304  2.735   -15.393 1.00 11.03 ? 62   PHE A CB  1 
ATOM   470  C CG  . PHE A 1 62  ? 0.868   3.226   -14.648 1.00 11.29 ? 62   PHE A CG  1 
ATOM   471  C CD1 . PHE A 1 62  ? 1.724   4.162   -15.221 1.00 11.47 ? 62   PHE A CD1 1 
ATOM   472  C CD2 . PHE A 1 62  ? 1.161   2.729   -13.396 1.00 11.53 ? 62   PHE A CD2 1 
ATOM   473  C CE1 . PHE A 1 62  ? 2.840   4.618   -14.521 1.00 12.18 ? 62   PHE A CE1 1 
ATOM   474  C CE2 . PHE A 1 62  ? 2.265   3.177   -12.692 1.00 11.43 ? 62   PHE A CE2 1 
ATOM   475  C CZ  . PHE A 1 62  ? 3.112   4.126   -13.257 1.00 11.78 ? 62   PHE A CZ  1 
ATOM   476  N N   . PRO A 1 63  ? -0.588  -0.203  -16.775 1.00 10.33 ? 63   PRO A N   1 
ATOM   477  C CA  . PRO A 1 63  ? -1.470  -1.346  -17.144 1.00 9.73  ? 63   PRO A CA  1 
ATOM   478  C C   . PRO A 1 63  ? -2.922  -1.161  -16.763 1.00 10.15 ? 63   PRO A C   1 
ATOM   479  O O   . PRO A 1 63  ? -3.819  -1.592  -17.530 1.00 10.20 ? 63   PRO A O   1 
ATOM   480  C CB  . PRO A 1 63  ? -0.861  -2.520  -16.373 1.00 9.94  ? 63   PRO A CB  1 
ATOM   481  C CG  . PRO A 1 63  ? 0.594   -2.155  -16.220 1.00 9.61  ? 63   PRO A CG  1 
ATOM   482  C CD  . PRO A 1 63  ? 0.621   -0.666  -16.065 1.00 10.09 ? 63   PRO A CD  1 
ATOM   483  N N   . PHE A 1 64  ? -3.137  -0.500  -15.608 1.00 9.42  ? 64   PHE A N   1 
ATOM   484  C CA  . PHE A 1 64  ? -4.441  -0.219  -15.040 1.00 9.43  ? 64   PHE A CA  1 
ATOM   485  C C   . PHE A 1 64  ? -4.774  1.272   -14.924 1.00 8.95  ? 64   PHE A C   1 
ATOM   486  O O   . PHE A 1 64  ? -3.888  2.130   -14.790 1.00 8.14  ? 64   PHE A O   1 
ATOM   487  C CB  . PHE A 1 64  ? -4.587  -0.916  -13.659 1.00 9.93  ? 64   PHE A CB  1 
ATOM   488  C CG  . PHE A 1 64  ? -4.373  -2.412  -13.716 1.00 10.19 ? 64   PHE A CG  1 
ATOM   489  C CD1 . PHE A 1 64  ? -5.097  -3.191  -14.597 1.00 9.95  ? 64   PHE A CD1 1 
ATOM   490  C CD2 . PHE A 1 64  ? -3.462  -3.038  -12.867 1.00 10.77 ? 64   PHE A CD2 1 
ATOM   491  C CE1 . PHE A 1 64  ? -4.927  -4.565  -14.661 1.00 10.04 ? 64   PHE A CE1 1 
ATOM   492  C CE2 . PHE A 1 64  ? -3.270  -4.429  -12.915 1.00 10.83 ? 64   PHE A CE2 1 
ATOM   493  C CZ  . PHE A 1 64  ? -3.999  -5.185  -13.833 1.00 10.73 ? 64   PHE A CZ  1 
ATOM   494  N N   . LYS A 1 65  ? -6.074  1.557   -15.019 1.00 8.84  ? 65   LYS A N   1 
ATOM   495  C CA  . LYS A 1 65  ? -6.614  2.907   -14.841 1.00 9.26  ? 65   LYS A CA  1 
ATOM   496  C C   . LYS A 1 65  ? -6.714  3.377   -13.372 1.00 8.85  ? 65   LYS A C   1 
ATOM   497  O O   . LYS A 1 65  ? -6.301  4.472   -13.033 1.00 8.45  ? 65   LYS A O   1 
ATOM   498  C CB  . LYS A 1 65  ? -8.005  2.999   -15.463 1.00 10.03 ? 65   LYS A CB  1 
ATOM   499  C CG  . LYS A 1 65  ? -8.521  4.441   -15.570 1.00 11.71 ? 65   LYS A CG  1 
ATOM   500  C CD  . LYS A 1 65  ? -9.863  4.445   -16.297 1.00 13.14 ? 65   LYS A CD  1 
ATOM   501  C CE  . LYS A 1 65  ? -10.605 5.753   -16.092 1.00 14.67 ? 65   LYS A CE  1 
ATOM   502  N NZ  . LYS A 1 65  ? -12.013 5.587   -16.630 1.00 16.33 ? 65   LYS A NZ  1 
ATOM   503  N N   . TYR A 1 66  ? -7.285  2.539   -12.518 1.00 8.99  ? 66   TYR A N   1 
ATOM   504  C CA  . TYR A 1 66  ? -7.480  2.876   -11.112 1.00 9.28  ? 66   TYR A CA  1 
ATOM   505  C C   . TYR A 1 66  ? -7.721  1.572   -10.329 1.00 9.02  ? 66   TYR A C   1 
ATOM   506  O O   . TYR A 1 66  ? -8.032  0.525   -10.926 1.00 8.80  ? 66   TYR A O   1 
ATOM   507  C CB  . TYR A 1 66  ? -8.682  3.843   -10.955 1.00 9.54  ? 66   TYR A CB  1 
ATOM   508  C CG  . TYR A 1 66  ? -9.970  3.088   -11.054 1.00 10.94 ? 66   TYR A CG  1 
ATOM   509  C CD1 . TYR A 1 66  ? -10.577 2.834   -12.299 1.00 11.92 ? 66   TYR A CD1 1 
ATOM   510  C CD2 . TYR A 1 66  ? -10.547 2.544   -9.923  1.00 10.98 ? 66   TYR A CD2 1 
ATOM   511  C CE1 . TYR A 1 66  ? -11.754 2.068   -12.379 1.00 12.84 ? 66   TYR A CE1 1 
ATOM   512  C CE2 . TYR A 1 66  ? -11.686 1.793   -9.988  1.00 11.95 ? 66   TYR A CE2 1 
ATOM   513  C CZ  . TYR A 1 66  ? -12.299 1.550   -11.217 1.00 13.35 ? 66   TYR A CZ  1 
ATOM   514  O OH  . TYR A 1 66  ? -13.476 0.785   -11.222 1.00 14.23 ? 66   TYR A OH  1 
ATOM   515  N N   . VAL A 1 67  ? -7.517  1.627   -9.006  1.00 8.85  ? 67   VAL A N   1 
ATOM   516  C CA  . VAL A 1 67  ? -8.095  0.634   -8.076  1.00 8.59  ? 67   VAL A CA  1 
ATOM   517  C C   . VAL A 1 67  ? -8.865  1.406   -7.005  1.00 8.98  ? 67   VAL A C   1 
ATOM   518  O O   . VAL A 1 67  ? -8.524  2.574   -6.676  1.00 8.74  ? 67   VAL A O   1 
ATOM   519  C CB  . VAL A 1 67  ? -7.008  -0.271  -7.382  1.00 8.41  ? 67   VAL A CB  1 
ATOM   520  C CG1 . VAL A 1 67  ? -6.190  -1.028  -8.416  1.00 8.44  ? 67   VAL A CG1 1 
ATOM   521  C CG2 . VAL A 1 67  ? -6.015  0.525   -6.555  1.00 8.00  ? 67   VAL A CG2 1 
ATOM   522  N N   . LYS A 1 68  ? -9.903  0.766   -6.474  1.00 9.28  ? 68   LYS A N   1 
ATOM   523  C CA  . LYS A 1 68  ? -10.557 1.186   -5.255  1.00 10.11 ? 68   LYS A CA  1 
ATOM   524  C C   . LYS A 1 68  ? -10.029 0.345   -4.083  1.00 10.00 ? 68   LYS A C   1 
ATOM   525  O O   . LYS A 1 68  ? -10.077 -0.887  -4.120  1.00 10.14 ? 68   LYS A O   1 
ATOM   526  C CB  . LYS A 1 68  ? -12.060 1.031   -5.375  1.00 11.02 ? 68   LYS A CB  1 
ATOM   527  C CG  . LYS A 1 68  ? -12.675 2.245   -6.068  1.00 11.85 ? 68   LYS A CG  1 
ATOM   528  C CD  . LYS A 1 68  ? -14.163 2.171   -6.178  1.00 12.74 ? 68   LYS A CD  1 
ATOM   529  C CE  . LYS A 1 68  ? -14.632 3.323   -7.079  1.00 13.85 ? 68   LYS A CE  1 
ATOM   530  N NZ  . LYS A 1 68  ? -16.000 3.758   -6.660  1.00 14.79 ? 68   LYS A NZ  1 
ATOM   531  N N   . ASP A 1 69  ? -9.455  1.025   -3.100  1.00 9.46  ? 69   ASP A N   1 
ATOM   532  C CA  . ASP A 1 69  ? -8.936  0.400   -1.905  1.00 9.01  ? 69   ASP A CA  1 
ATOM   533  C C   . ASP A 1 69  ? -9.855  0.737   -0.751  1.00 8.84  ? 69   ASP A C   1 
ATOM   534  O O   . ASP A 1 69  ? -10.403 1.855   -0.697  1.00 9.28  ? 69   ASP A O   1 
ATOM   535  C CB  . ASP A 1 69  ? -7.529  0.899   -1.564  1.00 9.13  ? 69   ASP A CB  1 
ATOM   536  C CG  . ASP A 1 69  ? -6.446  0.354   -2.496  1.00 9.49  ? 69   ASP A CG  1 
ATOM   537  O OD1 . ASP A 1 69  ? -6.661  -0.523  -3.338  1.00 9.53  ? 69   ASP A OD1 1 
ATOM   538  O OD2 . ASP A 1 69  ? -5.336  0.844   -2.383  1.00 10.21 ? 69   ASP A OD2 1 
ATOM   539  N N   . ARG A 1 70  ? -10.013 -0.232  0.160   1.00 8.47  ? 70   ARG A N   1 
ATOM   540  C CA  . ARG A 1 70  ? -10.808 -0.102  1.373   1.00 7.76  ? 70   ARG A CA  1 
ATOM   541  C C   . ARG A 1 70  ? -9.904  -0.368  2.582   1.00 7.67  ? 70   ARG A C   1 
ATOM   542  O O   . ARG A 1 70  ? -9.257  -1.418  2.653   1.00 7.36  ? 70   ARG A O   1 
ATOM   543  C CB  . ARG A 1 70  ? -11.899 -1.149  1.360   1.00 7.99  ? 70   ARG A CB  1 
ATOM   544  C CG  . ARG A 1 70  ? -12.721 -1.191  2.660   1.00 8.32  ? 70   ARG A CG  1 
ATOM   545  C CD  . ARG A 1 70  ? -13.667 -2.366  2.607   1.00 9.14  ? 70   ARG A CD  1 
ATOM   546  N NE  . ARG A 1 70  ? -12.915 -3.591  2.825   1.00 9.39  ? 70   ARG A NE  1 
ATOM   547  C CZ  . ARG A 1 70  ? -13.386 -4.790  2.557   1.00 10.21 ? 70   ARG A CZ  1 
ATOM   548  N NH1 . ARG A 1 70  ? -14.610 -4.914  2.049   1.00 9.63  ? 70   ARG A NH1 1 
ATOM   549  N NH2 . ARG A 1 70  ? -12.615 -5.864  2.788   1.00 10.65 ? 70   ARG A NH2 1 
ATOM   550  N N   . VAL A 1 71  ? -9.878  0.575   3.524   1.00 7.73  ? 71   VAL A N   1 
ATOM   551  C CA  . VAL A 1 71  ? -9.212  0.410   4.800   1.00 7.43  ? 71   VAL A CA  1 
ATOM   552  C C   . VAL A 1 71  ? -9.894  -0.725  5.568   1.00 7.73  ? 71   VAL A C   1 
ATOM   553  O O   . VAL A 1 71  ? -11.133 -0.751  5.700   1.00 7.26  ? 71   VAL A O   1 
ATOM   554  C CB  . VAL A 1 71  ? -9.288  1.704   5.622   1.00 7.52  ? 71   VAL A CB  1 
ATOM   555  C CG1 . VAL A 1 71  ? -8.728  1.468   7.011   1.00 7.65  ? 71   VAL A CG1 1 
ATOM   556  C CG2 . VAL A 1 71  ? -8.558  2.841   4.899   1.00 7.53  ? 71   VAL A CG2 1 
ATOM   557  N N   . ASP A 1 72  ? -9.108  -1.696  6.038   1.00 7.74  ? 72   ASP A N   1 
ATOM   558  C CA  . ASP A 1 72  ? -9.695  -2.778  6.812   1.00 8.30  ? 72   ASP A CA  1 
ATOM   559  C C   . ASP A 1 72  ? -9.437  -2.589  8.314   1.00 8.47  ? 72   ASP A C   1 
ATOM   560  O O   . ASP A 1 72  ? -10.369 -2.689  9.117   1.00 8.13  ? 72   ASP A O   1 
ATOM   561  C CB  . ASP A 1 72  ? -9.160  -4.126  6.346   1.00 9.02  ? 72   ASP A CB  1 
ATOM   562  C CG  . ASP A 1 72  ? -9.552  -4.474  4.873   1.00 9.42  ? 72   ASP A CG  1 
ATOM   563  O OD1 . ASP A 1 72  ? -10.740 -4.364  4.465   1.00 10.37 ? 72   ASP A OD1 1 
ATOM   564  O OD2 . ASP A 1 72  ? -8.654  -4.909  4.131   1.00 9.30  ? 72   ASP A OD2 1 
ATOM   565  N N   . GLU A 1 73  ? -8.190  -2.319  8.695   1.00 8.58  ? 73   GLU A N   1 
ATOM   566  C CA  . GLU A 1 73  ? -7.842  -2.024  10.102  1.00 9.62  ? 73   GLU A CA  1 
ATOM   567  C C   . GLU A 1 73  ? -6.629  -1.130  10.094  1.00 9.24  ? 73   GLU A C   1 
ATOM   568  O O   . GLU A 1 73  ? -5.793  -1.242  9.203   1.00 8.48  ? 73   GLU A O   1 
ATOM   569  C CB  . GLU A 1 73  ? -7.412  -3.282  10.853  1.00 11.10 ? 73   GLU A CB  1 
ATOM   570  C CG  . GLU A 1 73  ? -8.398  -3.761  11.893  1.00 14.54 ? 73   GLU A CG  1 
ATOM   571  C CD  . GLU A 1 73  ? -8.238  -5.248  12.228  1.00 15.85 ? 73   GLU A CD  1 
ATOM   572  O OE1 . GLU A 1 73  ? -7.087  -5.780  12.085  1.00 18.84 ? 73   GLU A OE1 1 
ATOM   573  O OE2 . GLU A 1 73  ? -9.260  -5.870  12.608  1.00 15.75 ? 73   GLU A OE2 1 
ATOM   574  N N   . VAL A 1 74  ? -6.520  -0.306  11.133  1.00 9.16  ? 74   VAL A N   1 
ATOM   575  C CA  . VAL A 1 74  ? -5.404  0.603   11.340  1.00 9.29  ? 74   VAL A CA  1 
ATOM   576  C C   . VAL A 1 74  ? -5.037  0.565   12.841  1.00 9.80  ? 74   VAL A C   1 
ATOM   577  O O   . VAL A 1 74  ? -5.781  1.075   13.714  1.00 9.49  ? 74   VAL A O   1 
ATOM   578  C CB  . VAL A 1 74  ? -5.722  2.092   11.019  1.00 9.23  ? 74   VAL A CB  1 
ATOM   579  C CG1 . VAL A 1 74  ? -4.406  2.846   10.780  1.00 9.19  ? 74   VAL A CG1 1 
ATOM   580  C CG2 . VAL A 1 74  ? -6.692  2.261   9.842   1.00 9.41  ? 74   VAL A CG2 1 
ATOM   581  N N   . ASP A 1 75  ? -3.871  -0.006  13.116  1.00 9.81  ? 75   ASP A N   1 
ATOM   582  C CA  . ASP A 1 75  ? -3.396  -0.136  14.475  1.00 10.17 ? 75   ASP A CA  1 
ATOM   583  C C   . ASP A 1 75  ? -2.263  0.864   14.645  1.00 10.41 ? 75   ASP A C   1 
ATOM   584  O O   . ASP A 1 75  ? -1.168  0.653   14.131  1.00 10.99 ? 75   ASP A O   1 
ATOM   585  C CB  . ASP A 1 75  ? -2.962  -1.575  14.728  1.00 10.32 ? 75   ASP A CB  1 
ATOM   586  C CG  . ASP A 1 75  ? -2.356  -1.790  16.140  1.00 10.96 ? 75   ASP A CG  1 
ATOM   587  O OD1 . ASP A 1 75  ? -1.985  -0.845  16.867  1.00 11.08 ? 75   ASP A OD1 1 
ATOM   588  O OD2 . ASP A 1 75  ? -2.244  -2.944  16.523  1.00 11.73 ? 75   ASP A OD2 1 
ATOM   589  N N   . HIS A 1 76  ? -2.562  1.949   15.354  1.00 10.46 ? 76   HIS A N   1 
ATOM   590  C CA  . HIS A 1 76  ? -1.641  3.064   15.618  1.00 11.47 ? 76   HIS A CA  1 
ATOM   591  C C   . HIS A 1 76  ? -0.567  2.720   16.622  1.00 11.54 ? 76   HIS A C   1 
ATOM   592  O O   . HIS A 1 76  ? 0.432   3.416   16.716  1.00 11.25 ? 76   HIS A O   1 
ATOM   593  C CB  . HIS A 1 76  ? -2.421  4.286   16.108  1.00 11.79 ? 76   HIS A CB  1 
ATOM   594  C CG  . HIS A 1 76  ? -3.186  5.015   15.007  1.00 12.16 ? 76   HIS A CG  1 
ATOM   595  N ND1 . HIS A 1 76  ? -2.852  6.276   14.591  1.00 12.03 ? 76   HIS A ND1 1 
ATOM   596  C CD2 . HIS A 1 76  ? -4.283  4.614   14.223  1.00 11.71 ? 76   HIS A CD2 1 
ATOM   597  C CE1 . HIS A 1 76  ? -3.704  6.654   13.602  1.00 11.94 ? 76   HIS A CE1 1 
ATOM   598  N NE2 . HIS A 1 76  ? -4.580  5.642   13.387  1.00 12.15 ? 76   HIS A NE2 1 
ATOM   599  N N   . THR A 1 77  ? -0.742  1.609   17.330  1.00 11.31 ? 77   THR A N   1 
ATOM   600  C CA  . THR A 1 77  ? 0.184   1.194   18.405  1.00 11.00 ? 77   THR A CA  1 
ATOM   601  C C   . THR A 1 77  ? 1.288   0.349   17.787  1.00 10.53 ? 77   THR A C   1 
ATOM   602  O O   . THR A 1 77  ? 2.454   0.560   18.011  1.00 10.35 ? 77   THR A O   1 
ATOM   603  C CB  . THR A 1 77  ? -0.565  0.412   19.538  1.00 11.00 ? 77   THR A CB  1 
ATOM   604  O OG1 . THR A 1 77  ? -1.532  1.269   20.166  1.00 10.76 ? 77   THR A OG1 1 
ATOM   605  C CG2 . THR A 1 77  ? 0.394   -0.118  20.655  1.00 10.83 ? 77   THR A CG2 1 
ATOM   606  N N   . ASN A 1 78  ? 0.898   -0.598  16.972  1.00 10.19 ? 78   ASN A N   1 
ATOM   607  C CA  . ASN A 1 78  ? 1.817   -1.554  16.513  1.00 9.97  ? 78   ASN A CA  1 
ATOM   608  C C   . ASN A 1 78  ? 2.098   -1.308  15.062  1.00 10.01 ? 78   ASN A C   1 
ATOM   609  O O   . ASN A 1 78  ? 2.714   -2.176  14.430  1.00 9.61  ? 78   ASN A O   1 
ATOM   610  C CB  . ASN A 1 78  ? 1.239   -2.964  16.719  1.00 10.07 ? 78   ASN A CB  1 
ATOM   611  C CG  . ASN A 1 78  ? 0.966   -3.254  18.173  1.00 10.27 ? 78   ASN A CG  1 
ATOM   612  O OD1 . ASN A 1 78  ? 1.903   -3.322  18.979  1.00 11.10 ? 78   ASN A OD1 1 
ATOM   613  N ND2 . ASN A 1 78  ? -0.311  -3.417  18.530  1.00 10.10 ? 78   ASN A ND2 1 
ATOM   614  N N   . PHE A 1 79  ? 1.653   -0.145  14.551  1.00 9.87  ? 79   PHE A N   1 
ATOM   615  C CA  . PHE A 1 79  ? 1.949   0.288   13.150  1.00 10.34 ? 79   PHE A CA  1 
ATOM   616  C C   . PHE A 1 79  ? 1.603   -0.797  12.125  1.00 10.60 ? 79   PHE A C   1 
ATOM   617  O O   . PHE A 1 79  ? 2.442   -1.205  11.313  1.00 10.33 ? 79   PHE A O   1 
ATOM   618  C CB  . PHE A 1 79  ? 3.419   0.722   13.001  1.00 10.64 ? 79   PHE A CB  1 
ATOM   619  C CG  . PHE A 1 79  ? 3.931   1.586   14.146  1.00 11.49 ? 79   PHE A CG  1 
ATOM   620  C CD1 . PHE A 1 79  ? 3.223   2.728   14.557  1.00 11.50 ? 79   PHE A CD1 1 
ATOM   621  C CD2 . PHE A 1 79  ? 5.123   1.275   14.800  1.00 11.38 ? 79   PHE A CD2 1 
ATOM   622  C CE1 . PHE A 1 79  ? 3.700   3.521   15.603  1.00 11.56 ? 79   PHE A CE1 1 
ATOM   623  C CE2 . PHE A 1 79  ? 5.593   2.063   15.833  1.00 11.72 ? 79   PHE A CE2 1 
ATOM   624  C CZ  . PHE A 1 79  ? 4.865   3.175   16.252  1.00 11.33 ? 79   PHE A CZ  1 
ATOM   625  N N   . LYS A 1 80  ? 0.371   -1.295  12.220  1.00 10.78 ? 80   LYS A N   1 
ATOM   626  C CA  . LYS A 1 80  ? -0.156  -2.269  11.293  1.00 12.25 ? 80   LYS A CA  1 
ATOM   627  C C   . LYS A 1 80  ? -1.293  -1.628  10.511  1.00 11.90 ? 80   LYS A C   1 
ATOM   628  O O   . LYS A 1 80  ? -2.113  -0.895  11.068  1.00 11.61 ? 80   LYS A O   1 
ATOM   629  C CB  . LYS A 1 80  ? -0.690  -3.514  12.041  1.00 13.62 ? 80   LYS A CB  1 
ATOM   630  C CG  . LYS A 1 80  ? 0.347   -4.177  12.929  1.00 16.06 ? 80   LYS A CG  1 
ATOM   631  C CD  . LYS A 1 80  ? -0.217  -5.371  13.697  1.00 19.26 ? 80   LYS A CD  1 
ATOM   632  C CE  . LYS A 1 80  ? -0.945  -6.359  12.778  1.00 20.95 ? 80   LYS A CE  1 
ATOM   633  N NZ  . LYS A 1 80  ? -1.957  -7.137  13.558  1.00 22.90 ? 80   LYS A NZ  1 
ATOM   634  N N   . TYR A 1 81  ? -1.338  -1.914  9.220   1.00 11.55 ? 81   TYR A N   1 
ATOM   635  C CA  . TYR A 1 81  ? -2.365  -1.391  8.323   1.00 11.33 ? 81   TYR A CA  1 
ATOM   636  C C   . TYR A 1 81  ? -2.825  -2.505  7.384   1.00 10.86 ? 81   TYR A C   1 
ATOM   637  O O   . TYR A 1 81  ? -2.022  -2.990  6.572   1.00 9.69  ? 81   TYR A O   1 
ATOM   638  C CB  . TYR A 1 81  ? -1.754  -0.260  7.489   1.00 12.37 ? 81   TYR A CB  1 
ATOM   639  C CG  . TYR A 1 81  ? -2.726  0.471   6.585   1.00 13.51 ? 81   TYR A CG  1 
ATOM   640  C CD1 . TYR A 1 81  ? -3.778  1.207   7.103   1.00 14.62 ? 81   TYR A CD1 1 
ATOM   641  C CD2 . TYR A 1 81  ? -2.583  0.427   5.225   1.00 13.99 ? 81   TYR A CD2 1 
ATOM   642  C CE1 . TYR A 1 81  ? -4.655  1.889   6.272   1.00 15.00 ? 81   TYR A CE1 1 
ATOM   643  C CE2 . TYR A 1 81  ? -3.457  1.083   4.390   1.00 14.80 ? 81   TYR A CE2 1 
ATOM   644  C CZ  . TYR A 1 81  ? -4.477  1.820   4.916   1.00 14.84 ? 81   TYR A CZ  1 
ATOM   645  O OH  . TYR A 1 81  ? -5.326  2.455   4.058   1.00 16.24 ? 81   TYR A OH  1 
ATOM   646  N N   . ASN A 1 82  ? -4.090  -2.913  7.533   1.00 9.61  ? 82   ASN A N   1 
ATOM   647  C CA  . ASN A 1 82  ? -4.755  -3.820  6.660   1.00 9.48  ? 82   ASN A CA  1 
ATOM   648  C C   . ASN A 1 82  ? -5.761  -3.032  5.774   1.00 8.93  ? 82   ASN A C   1 
ATOM   649  O O   . ASN A 1 82  ? -6.526  -2.214  6.278   1.00 8.00  ? 82   ASN A O   1 
ATOM   650  C CB  . ASN A 1 82  ? -5.450  -4.976  7.421   1.00 11.07 ? 82   ASN A CB  1 
ATOM   651  C CG  . ASN A 1 82  ? -4.550  -5.596  8.518   1.00 12.46 ? 82   ASN A CG  1 
ATOM   652  O OD1 . ASN A 1 82  ? -3.345  -5.559  8.437   1.00 14.12 ? 82   ASN A OD1 1 
ATOM   653  N ND2 . ASN A 1 82  ? -5.144  -6.115  9.536   1.00 13.33 ? 82   ASN A ND2 1 
ATOM   654  N N   . TYR A 1 83  ? -5.680  -3.280  4.452   1.00 8.06  ? 83   TYR A N   1 
ATOM   655  C CA  . TYR A 1 83  ? -6.525  -2.675  3.412   1.00 8.19  ? 83   TYR A CA  1 
ATOM   656  C C   . TYR A 1 83  ? -6.752  -3.716  2.288   1.00 7.81  ? 83   TYR A C   1 
ATOM   657  O O   . TYR A 1 83  ? -5.937  -4.626  2.113   1.00 8.12  ? 83   TYR A O   1 
ATOM   658  C CB  . TYR A 1 83  ? -5.893  -1.362  2.855   1.00 7.99  ? 83   TYR A CB  1 
ATOM   659  C CG  . TYR A 1 83  ? -4.708  -1.593  1.934   1.00 8.60  ? 83   TYR A CG  1 
ATOM   660  C CD1 . TYR A 1 83  ? -3.424  -1.865  2.455   1.00 9.04  ? 83   TYR A CD1 1 
ATOM   661  C CD2 . TYR A 1 83  ? -4.872  -1.560  0.550   1.00 8.28  ? 83   TYR A CD2 1 
ATOM   662  C CE1 . TYR A 1 83  ? -2.335  -2.071  1.617   1.00 9.14  ? 83   TYR A CE1 1 
ATOM   663  C CE2 . TYR A 1 83  ? -3.818  -1.775  -0.289  1.00 8.91  ? 83   TYR A CE2 1 
ATOM   664  C CZ  . TYR A 1 83  ? -2.541  -2.043  0.255   1.00 9.41  ? 83   TYR A CZ  1 
ATOM   665  O OH  . TYR A 1 83  ? -1.505  -2.297  -0.600  1.00 9.72  ? 83   TYR A OH  1 
ATOM   666  N N   . SER A 1 84  ? -7.819  -3.581  1.526   1.00 7.51  ? 84   SER A N   1 
ATOM   667  C CA  . SER A 1 84  ? -8.076  -4.499  0.431   1.00 7.49  ? 84   SER A CA  1 
ATOM   668  C C   . SER A 1 84  ? -8.269  -3.730  -0.876  1.00 7.47  ? 84   SER A C   1 
ATOM   669  O O   . SER A 1 84  ? -8.959  -2.700  -0.890  1.00 7.80  ? 84   SER A O   1 
ATOM   670  C CB  . SER A 1 84  ? -9.332  -5.334  0.712   1.00 7.80  ? 84   SER A CB  1 
ATOM   671  O OG  . SER A 1 84  ? -9.151  -6.160  1.863   1.00 7.84  ? 84   SER A OG  1 
ATOM   672  N N   . VAL A 1 85  ? -7.706  -4.236  -1.975  1.00 7.53  ? 85   VAL A N   1 
ATOM   673  C CA  . VAL A 1 85  ? -8.116  -3.808  -3.316  1.00 7.68  ? 85   VAL A CA  1 
ATOM   674  C C   . VAL A 1 85  ? -9.459  -4.487  -3.614  1.00 8.35  ? 85   VAL A C   1 
ATOM   675  O O   . VAL A 1 85  ? -9.528  -5.746  -3.700  1.00 8.38  ? 85   VAL A O   1 
ATOM   676  C CB  . VAL A 1 85  ? -7.085  -4.225  -4.398  1.00 7.86  ? 85   VAL A CB  1 
ATOM   677  C CG1 . VAL A 1 85  ? -7.573  -3.770  -5.785  1.00 7.34  ? 85   VAL A CG1 1 
ATOM   678  C CG2 . VAL A 1 85  ? -5.703  -3.649  -4.069  1.00 7.23  ? 85   VAL A CG2 1 
ATOM   679  N N   A ILE A 1 86  ? -10.505 -3.672  -3.797  0.70 8.29  ? 86   ILE A N   1 
ATOM   680  N N   B ILE A 1 86  ? -10.512 -3.688  -3.793  0.30 8.43  ? 86   ILE A N   1 
ATOM   681  C CA  A ILE A 1 86  ? -11.863 -4.194  -3.918  0.70 8.53  ? 86   ILE A CA  1 
ATOM   682  C CA  B ILE A 1 86  ? -11.856 -4.247  -3.950  0.30 8.68  ? 86   ILE A CA  1 
ATOM   683  C C   A ILE A 1 86  ? -12.536 -3.978  -5.293  0.70 8.88  ? 86   ILE A C   1 
ATOM   684  C C   B ILE A 1 86  ? -12.556 -3.959  -5.292  0.30 9.03  ? 86   ILE A C   1 
ATOM   685  O O   A ILE A 1 86  ? -13.576 -4.593  -5.583  0.70 8.35  ? 86   ILE A O   1 
ATOM   686  O O   B ILE A 1 86  ? -13.626 -4.517  -5.560  0.30 8.84  ? 86   ILE A O   1 
ATOM   687  C CB  A ILE A 1 86  ? -12.776 -3.620  -2.797  0.70 8.40  ? 86   ILE A CB  1 
ATOM   688  C CB  B ILE A 1 86  ? -12.768 -3.831  -2.773  0.30 8.57  ? 86   ILE A CB  1 
ATOM   689  C CG1 A ILE A 1 86  ? -13.113 -2.122  -3.032  0.70 8.54  ? 86   ILE A CG1 1 
ATOM   690  C CG1 B ILE A 1 86  ? -12.742 -2.309  -2.570  0.30 8.61  ? 86   ILE A CG1 1 
ATOM   691  C CG2 A ILE A 1 86  ? -12.188 -3.886  -1.412  0.70 8.34  ? 86   ILE A CG2 1 
ATOM   692  C CG2 B ILE A 1 86  ? -12.361 -4.557  -1.495  0.30 8.47  ? 86   ILE A CG2 1 
ATOM   693  C CD1 A ILE A 1 86  ? -14.286 -1.625  -2.202  0.70 8.10  ? 86   ILE A CD1 1 
ATOM   694  C CD1 B ILE A 1 86  ? -13.686 -1.536  -3.481  0.30 8.38  ? 86   ILE A CD1 1 
ATOM   695  N N   . GLU A 1 87  ? -11.958 -3.103  -6.128  1.00 9.39  ? 87   GLU A N   1 
ATOM   696  C CA  . GLU A 1 87  ? -12.495 -2.811  -7.488  1.00 9.93  ? 87   GLU A CA  1 
ATOM   697  C C   . GLU A 1 87  ? -11.434 -2.216  -8.393  1.00 10.31 ? 87   GLU A C   1 
ATOM   698  O O   . GLU A 1 87  ? -10.459 -1.617  -7.896  1.00 9.16  ? 87   GLU A O   1 
ATOM   699  C CB  . GLU A 1 87  ? -13.599 -1.777  -7.374  1.00 11.80 ? 87   GLU A CB  1 
ATOM   700  C CG  . GLU A 1 87  ? -14.662 -1.803  -8.455  1.00 14.11 ? 87   GLU A CG  1 
ATOM   701  C CD  . GLU A 1 87  ? -15.315 -0.446  -8.559  1.00 16.25 ? 87   GLU A CD  1 
ATOM   702  O OE1 . GLU A 1 87  ? -16.184 -0.196  -7.700  1.00 15.56 ? 87   GLU A OE1 1 
ATOM   703  O OE2 . GLU A 1 87  ? -14.926 0.380   -9.456  1.00 19.69 ? 87   GLU A OE2 1 
ATOM   704  N N   . GLY A 1 88  ? -11.612 -2.356  -9.719  1.00 9.61  ? 88   GLY A N   1 
ATOM   705  C CA  . GLY A 1 88  ? -10.695 -1.727  -10.683 1.00 9.41  ? 88   GLY A CA  1 
ATOM   706  C C   . GLY A 1 88  ? -9.426  -2.539  -10.877 1.00 9.70  ? 88   GLY A C   1 
ATOM   707  O O   . GLY A 1 88  ? -9.178  -3.513  -10.154 1.00 9.42  ? 88   GLY A O   1 
ATOM   708  N N   . GLY A 1 89  ? -8.614  -2.171  -11.868 1.00 9.80  ? 89   GLY A N   1 
ATOM   709  C CA  . GLY A 1 89  ? -7.323  -2.829  -12.083 1.00 9.50  ? 89   GLY A CA  1 
ATOM   710  C C   . GLY A 1 89  ? -7.514  -4.331  -12.294 1.00 9.55  ? 89   GLY A C   1 
ATOM   711  O O   . GLY A 1 89  ? -8.230  -4.741  -13.175 1.00 9.67  ? 89   GLY A O   1 
ATOM   712  N N   . PRO A 1 90  ? -6.873  -5.154  -11.484 1.00 9.43  ? 90   PRO A N   1 
ATOM   713  C CA  . PRO A 1 90  ? -6.940  -6.621  -11.603 1.00 9.69  ? 90   PRO A CA  1 
ATOM   714  C C   . PRO A 1 90  ? -8.279  -7.253  -11.160 1.00 9.99  ? 90   PRO A C   1 
ATOM   715  O O   . PRO A 1 90  ? -8.550  -8.440  -11.484 1.00 9.70  ? 90   PRO A O   1 
ATOM   716  C CB  . PRO A 1 90  ? -5.823  -7.082  -10.661 1.00 9.43  ? 90   PRO A CB  1 
ATOM   717  C CG  . PRO A 1 90  ? -5.743  -6.013  -9.619  1.00 9.22  ? 90   PRO A CG  1 
ATOM   718  C CD  . PRO A 1 90  ? -6.069  -4.717  -10.329 1.00 9.36  ? 90   PRO A CD  1 
ATOM   719  N N   A ILE A 1 91  ? -9.098  -6.493  -10.419 0.70 9.65  ? 91   ILE A N   1 
ATOM   720  N N   B ILE A 1 91  ? -9.086  -6.500  -10.400 0.30 10.00 ? 91   ILE A N   1 
ATOM   721  C CA  A ILE A 1 91  ? -10.351 -7.023  -9.895  0.70 9.57  ? 91   ILE A CA  1 
ATOM   722  C CA  B ILE A 1 91  ? -10.381 -6.986  -9.916  0.30 10.15 ? 91   ILE A CA  1 
ATOM   723  C C   A ILE A 1 91  ? -11.386 -7.165  -11.013 0.70 10.17 ? 91   ILE A C   1 
ATOM   724  C C   B ILE A 1 91  ? -11.320 -7.218  -11.091 0.30 10.54 ? 91   ILE A C   1 
ATOM   725  O O   A ILE A 1 91  ? -11.503 -6.278  -11.849 0.70 10.68 ? 91   ILE A O   1 
ATOM   726  O O   B ILE A 1 91  ? -11.316 -6.449  -12.045 0.30 10.76 ? 91   ILE A O   1 
ATOM   727  C CB  A ILE A 1 91  ? -10.898 -6.132  -8.762  0.70 9.07  ? 91   ILE A CB  1 
ATOM   728  C CB  B ILE A 1 91  ? -11.052 -5.987  -8.952  0.30 9.94  ? 91   ILE A CB  1 
ATOM   729  C CG1 A ILE A 1 91  ? -9.793  -5.846  -7.711  0.70 8.51  ? 91   ILE A CG1 1 
ATOM   730  C CG1 B ILE A 1 91  ? -10.209 -5.780  -7.691  0.30 9.69  ? 91   ILE A CG1 1 
ATOM   731  C CG2 A ILE A 1 91  ? -12.177 -6.738  -8.174  0.70 8.62  ? 91   ILE A CG2 1 
ATOM   732  C CG2 B ILE A 1 91  ? -12.443 -6.470  -8.566  0.30 9.84  ? 91   ILE A CG2 1 
ATOM   733  C CD1 A ILE A 1 91  ? -9.280  -7.076  -6.962  0.70 8.07  ? 91   ILE A CD1 1 
ATOM   734  C CD1 B ILE A 1 91  ? -8.726  -5.884  -7.920  0.30 9.52  ? 91   ILE A CD1 1 
ATOM   735  N N   . GLY A 1 92  ? -12.119 -8.278  -11.026 1.00 10.66 ? 92   GLY A N   1 
ATOM   736  C CA  . GLY A 1 92  ? -13.036 -8.622  -12.123 1.00 12.39 ? 92   GLY A CA  1 
ATOM   737  C C   . GLY A 1 92  ? -13.428 -10.093 -12.070 1.00 14.12 ? 92   GLY A C   1 
ATOM   738  O O   . GLY A 1 92  ? -13.497 -10.673 -10.986 1.00 14.16 ? 92   GLY A O   1 
ATOM   739  N N   . ASP A 1 93  ? -13.667 -10.693 -13.232 1.00 14.92 ? 93   ASP A N   1 
ATOM   740  C CA  . ASP A 1 93  ? -14.244 -12.027 -13.316 1.00 17.86 ? 93   ASP A CA  1 
ATOM   741  C C   . ASP A 1 93  ? -13.231 -13.131 -13.019 1.00 18.11 ? 93   ASP A C   1 
ATOM   742  O O   . ASP A 1 93  ? -13.592 -14.301 -13.070 1.00 18.97 ? 93   ASP A O   1 
ATOM   743  C CB  . ASP A 1 93  ? -14.920 -12.262 -14.694 1.00 20.07 ? 93   ASP A CB  1 
ATOM   744  C CG  . ASP A 1 93  ? -13.934 -12.209 -15.871 1.00 23.81 ? 93   ASP A CG  1 
ATOM   745  O OD1 . ASP A 1 93  ? -12.688 -12.249 -15.657 1.00 25.34 ? 93   ASP A OD1 1 
ATOM   746  O OD2 . ASP A 1 93  ? -14.399 -12.105 -17.046 1.00 28.36 ? 93   ASP A OD2 1 
ATOM   747  N N   . THR A 1 94  ? -11.986 -12.760 -12.722 1.00 17.97 ? 94   THR A N   1 
ATOM   748  C CA  . THR A 1 94  ? -10.906 -13.738 -12.344 1.00 18.98 ? 94   THR A CA  1 
ATOM   749  C C   . THR A 1 94  ? -10.324 -13.552 -10.919 1.00 16.76 ? 94   THR A C   1 
ATOM   750  O O   . THR A 1 94  ? -9.593  -14.423 -10.411 1.00 16.67 ? 94   THR A O   1 
ATOM   751  C CB  . THR A 1 94  ? -9.714  -13.694 -13.337 1.00 20.97 ? 94   THR A CB  1 
ATOM   752  O OG1 . THR A 1 94  ? -9.116  -12.380 -13.338 1.00 25.30 ? 94   THR A OG1 1 
ATOM   753  C CG2 . THR A 1 94  ? -10.164 -14.036 -14.763 1.00 22.59 ? 94   THR A CG2 1 
ATOM   754  N N   . LEU A 1 95  ? -10.643 -12.414 -10.300 1.00 13.92 ? 95   LEU A N   1 
ATOM   755  C CA  . LEU A 1 95  ? -10.087 -12.044 -8.995  1.00 12.42 ? 95   LEU A CA  1 
ATOM   756  C C   . LEU A 1 95  ? -11.138 -11.182 -8.301  1.00 12.08 ? 95   LEU A C   1 
ATOM   757  O O   . LEU A 1 95  ? -11.559 -10.140 -8.845  1.00 11.25 ? 95   LEU A O   1 
ATOM   758  C CB  . LEU A 1 95  ? -8.738  -11.306 -9.169  1.00 10.78 ? 95   LEU A CB  1 
ATOM   759  C CG  . LEU A 1 95  ? -8.024  -10.777 -7.908  1.00 10.14 ? 95   LEU A CG  1 
ATOM   760  C CD1 . LEU A 1 95  ? -7.269  -11.866 -7.138  1.00 9.69  ? 95   LEU A CD1 1 
ATOM   761  C CD2 . LEU A 1 95  ? -7.120  -9.638  -8.259  1.00 9.81  ? 95   LEU A CD2 1 
ATOM   762  N N   . GLU A 1 96  ? -11.608 -11.651 -7.150  1.00 11.71 ? 96   GLU A N   1 
ATOM   763  C CA  . GLU A 1 96  ? -12.589 -10.901 -6.330  1.00 13.13 ? 96   GLU A CA  1 
ATOM   764  C C   . GLU A 1 96  ? -11.983 -9.739  -5.480  1.00 11.27 ? 96   GLU A C   1 
ATOM   765  O O   . GLU A 1 96  ? -12.548 -8.641  -5.389  1.00 10.55 ? 96   GLU A O   1 
ATOM   766  C CB  . GLU A 1 96  ? -13.400 -11.854 -5.425  1.00 16.61 ? 96   GLU A CB  1 
ATOM   767  C CG  . GLU A 1 96  ? -13.515 -13.321 -5.922  1.00 23.24 ? 96   GLU A CG  1 
ATOM   768  C CD  . GLU A 1 96  ? -13.830 -14.328 -4.783  1.00 28.26 ? 96   GLU A CD  1 
ATOM   769  O OE1 . GLU A 1 96  ? -12.946 -14.628 -3.934  1.00 29.03 ? 96   GLU A OE1 1 
ATOM   770  O OE2 . GLU A 1 96  ? -14.987 -14.826 -4.701  1.00 34.84 ? 96   GLU A OE2 1 
ATOM   771  N N   . LYS A 1 97  ? -10.848 -9.982  -4.847  1.00 9.95  ? 97   LYS A N   1 
ATOM   772  C CA  . LYS A 1 97  ? -10.284 -9.006  -3.947  1.00 9.24  ? 97   LYS A CA  1 
ATOM   773  C C   . LYS A 1 97  ? -8.792  -9.316  -3.673  1.00 8.56  ? 97   LYS A C   1 
ATOM   774  O O   . LYS A 1 97  ? -8.376  -10.464 -3.761  1.00 8.16  ? 97   LYS A O   1 
ATOM   775  C CB  . LYS A 1 97  ? -11.152 -9.031  -2.665  1.00 9.72  ? 97   LYS A CB  1 
ATOM   776  C CG  . LYS A 1 97  ? -10.586 -8.496  -1.362  1.00 9.55  ? 97   LYS A CG  1 
ATOM   777  C CD  . LYS A 1 97  ? -11.585 -8.762  -0.200  1.00 9.39  ? 97   LYS A CD  1 
ATOM   778  C CE  . LYS A 1 97  ? -11.475 -10.146 0.442   1.00 9.25  ? 97   LYS A CE  1 
ATOM   779  N NZ  . LYS A 1 97  ? -12.039 -10.111 1.827   1.00 9.22  ? 97   LYS A NZ  1 
ATOM   780  N N   . ILE A 1 98  ? -7.992  -8.297  -3.368  1.00 7.83  ? 98   ILE A N   1 
ATOM   781  C CA  . ILE A 1 98  ? -6.673  -8.548  -2.837  1.00 7.99  ? 98   ILE A CA  1 
ATOM   782  C C   . ILE A 1 98  ? -6.689  -7.947  -1.420  1.00 8.26  ? 98   ILE A C   1 
ATOM   783  O O   . ILE A 1 98  ? -6.905  -6.770  -1.289  1.00 8.01  ? 98   ILE A O   1 
ATOM   784  C CB  . ILE A 1 98  ? -5.561  -7.882  -3.656  1.00 7.52  ? 98   ILE A CB  1 
ATOM   785  C CG1 . ILE A 1 98  ? -5.681  -8.213  -5.158  1.00 7.29  ? 98   ILE A CG1 1 
ATOM   786  C CG2 . ILE A 1 98  ? -4.152  -8.205  -3.081  1.00 7.57  ? 98   ILE A CG2 1 
ATOM   787  C CD1 . ILE A 1 98  ? -4.786  -7.351  -6.028  1.00 7.27  ? 98   ILE A CD1 1 
ATOM   788  N N   . SER A 1 99  ? -6.488  -8.763  -0.389  1.00 9.00  ? 99   SER A N   1 
ATOM   789  C CA  . SER A 1 99  ? -6.318  -8.283  1.004   1.00 10.34 ? 99   SER A CA  1 
ATOM   790  C C   . SER A 1 99  ? -4.876  -8.126  1.368   1.00 10.63 ? 99   SER A C   1 
ATOM   791  O O   . SER A 1 99  ? -4.100  -8.995  1.140   1.00 11.12 ? 99   SER A O   1 
ATOM   792  C CB  . SER A 1 99  ? -6.906  -9.277  1.975   1.00 10.80 ? 99   SER A CB  1 
ATOM   793  O OG  . SER A 1 99  ? -8.282  -9.373  1.682   1.00 15.58 ? 99   SER A OG  1 
ATOM   794  N N   . ASN A 1 100 ? -4.511  -7.020  1.968   1.00 12.19 ? 100  ASN A N   1 
ATOM   795  C CA  . ASN A 1 100 ? -3.111  -6.732  2.228   1.00 11.79 ? 100  ASN A CA  1 
ATOM   796  C C   . ASN A 1 100 ? -2.931  -6.444  3.698   1.00 13.27 ? 100  ASN A C   1 
ATOM   797  O O   . ASN A 1 100 ? -3.831  -5.891  4.345   1.00 13.24 ? 100  ASN A O   1 
ATOM   798  C CB  . ASN A 1 100 ? -2.690  -5.517  1.421   1.00 11.93 ? 100  ASN A CB  1 
ATOM   799  C CG  . ASN A 1 100 ? -2.982  -5.684  -0.057  1.00 11.99 ? 100  ASN A CG  1 
ATOM   800  O OD1 . ASN A 1 100 ? -2.239  -6.368  -0.751  1.00 12.87 ? 100  ASN A OD1 1 
ATOM   801  N ND2 . ASN A 1 100 ? -4.078  -5.107  -0.530  1.00 11.15 ? 100  ASN A ND2 1 
ATOM   802  N N   . GLU A 1 101 ? -1.760  -6.788  4.223   1.00 14.14 ? 101  GLU A N   1 
ATOM   803  C CA  . GLU A 1 101 ? -1.380  -6.465  5.597   1.00 15.25 ? 101  GLU A CA  1 
ATOM   804  C C   . GLU A 1 101 ? 0.032   -5.900  5.614   1.00 15.37 ? 101  GLU A C   1 
ATOM   805  O O   . GLU A 1 101 ? 0.967   -6.585  5.124   1.00 14.52 ? 101  GLU A O   1 
ATOM   806  C CB  . GLU A 1 101 ? -1.384  -7.743  6.434   1.00 17.38 ? 101  GLU A CB  1 
ATOM   807  C CG  . GLU A 1 101 ? -2.735  -8.432  6.494   1.00 21.64 ? 101  GLU A CG  1 
ATOM   808  C CD  . GLU A 1 101 ? -2.909  -9.304  7.731   1.00 26.18 ? 101  GLU A CD  1 
ATOM   809  O OE1 . GLU A 1 101 ? -1.964  -9.341  8.593   1.00 28.08 ? 101  GLU A OE1 1 
ATOM   810  O OE2 . GLU A 1 101 ? -4.012  -9.924  7.840   1.00 26.79 ? 101  GLU A OE2 1 
ATOM   811  N N   . ILE A 1 102 ? 0.186   -4.670  6.125   1.00 13.85 ? 102  ILE A N   1 
ATOM   812  C CA  . ILE A 1 102 ? 1.518   -4.032  6.321   1.00 14.39 ? 102  ILE A CA  1 
ATOM   813  C C   . ILE A 1 102 ? 1.818   -3.805  7.803   1.00 13.69 ? 102  ILE A C   1 
ATOM   814  O O   . ILE A 1 102 ? 1.001   -3.184  8.482   1.00 14.05 ? 102  ILE A O   1 
ATOM   815  C CB  . ILE A 1 102 ? 1.617   -2.664  5.630   1.00 14.87 ? 102  ILE A CB  1 
ATOM   816  C CG1 . ILE A 1 102 ? 1.241   -2.783  4.153   1.00 15.89 ? 102  ILE A CG1 1 
ATOM   817  C CG2 . ILE A 1 102 ? 3.027   -2.056  5.800   1.00 14.42 ? 102  ILE A CG2 1 
ATOM   818  C CD1 . ILE A 1 102 ? 0.876   -1.463  3.540   1.00 16.79 ? 102  ILE A CD1 1 
ATOM   819  N N   A LYS A 1 103 ? 2.954   -4.311  8.289   0.70 13.54 ? 103  LYS A N   1 
ATOM   820  N N   B LYS A 1 103 ? 2.928   -4.337  8.311   0.30 12.66 ? 103  LYS A N   1 
ATOM   821  C CA  A LYS A 1 103 ? 3.405   -4.054  9.665   0.70 14.38 ? 103  LYS A CA  1 
ATOM   822  C CA  B LYS A 1 103 ? 3.381   -3.987  9.660   0.30 12.25 ? 103  LYS A CA  1 
ATOM   823  C C   A LYS A 1 103 ? 4.787   -3.416  9.603   0.70 13.47 ? 103  LYS A C   1 
ATOM   824  C C   B LYS A 1 103 ? 4.765   -3.391  9.579   0.30 12.17 ? 103  LYS A C   1 
ATOM   825  O O   A LYS A 1 103 ? 5.660   -3.871  8.836   0.70 13.98 ? 103  LYS A O   1 
ATOM   826  O O   B LYS A 1 103 ? 5.609   -3.849  8.795   0.30 12.50 ? 103  LYS A O   1 
ATOM   827  C CB  A LYS A 1 103 ? 3.507   -5.344  10.500  0.70 16.25 ? 103  LYS A CB  1 
ATOM   828  C CB  B LYS A 1 103 ? 3.402   -5.186  10.613  0.30 11.83 ? 103  LYS A CB  1 
ATOM   829  C CG  A LYS A 1 103 ? 2.507   -6.458  10.174  0.70 19.66 ? 103  LYS A CG  1 
ATOM   830  C CG  B LYS A 1 103 ? 3.894   -4.838  12.017  0.30 11.44 ? 103  LYS A CG  1 
ATOM   831  C CD  A LYS A 1 103 ? 2.864   -7.752  10.928  0.70 22.59 ? 103  LYS A CD  1 
ATOM   832  C CD  B LYS A 1 103 ? 4.100   -6.083  12.864  0.30 11.73 ? 103  LYS A CD  1 
ATOM   833  C CE  A LYS A 1 103 ? 1.653   -8.670  11.096  0.70 25.43 ? 103  LYS A CE  1 
ATOM   834  C CE  B LYS A 1 103 ? 4.160   -5.750  14.347  0.30 11.74 ? 103  LYS A CE  1 
ATOM   835  N NZ  A LYS A 1 103 ? 1.479   -9.155  12.508  0.70 27.60 ? 103  LYS A NZ  1 
ATOM   836  N NZ  B LYS A 1 103 ? 4.430   -6.955  15.185  0.30 11.96 ? 103  LYS A NZ  1 
ATOM   837  N N   . ILE A 1 104 ? 4.988   -2.362  10.383  1.00 11.99 ? 104  ILE A N   1 
ATOM   838  C CA  . ILE A 1 104 ? 6.272   -1.664  10.391  1.00 11.57 ? 104  ILE A CA  1 
ATOM   839  C C   . ILE A 1 104 ? 6.834   -1.834  11.767  1.00 11.57 ? 104  ILE A C   1 
ATOM   840  O O   . ILE A 1 104 ? 6.176   -1.474  12.752  1.00 11.11 ? 104  ILE A O   1 
ATOM   841  C CB  . ILE A 1 104 ? 6.174   -0.164  10.005  1.00 11.08 ? 104  ILE A CB  1 
ATOM   842  C CG1 . ILE A 1 104 ? 5.399   0.028   8.692   1.00 10.44 ? 104  ILE A CG1 1 
ATOM   843  C CG2 . ILE A 1 104 ? 7.565   0.471   9.897   1.00 10.44 ? 104  ILE A CG2 1 
ATOM   844  C CD1 . ILE A 1 104 ? 5.411   1.456   8.203   1.00 9.91  ? 104  ILE A CD1 1 
ATOM   845  N N   A VAL A 1 105 ? 8.027   -2.436  11.825  0.60 11.79 ? 105  VAL A N   1 
ATOM   846  N N   B VAL A 1 105 ? 8.052   -2.376  11.821  0.40 11.75 ? 105  VAL A N   1 
ATOM   847  C CA  A VAL A 1 105 ? 8.762   -2.689  13.056  0.60 12.34 ? 105  VAL A CA  1 
ATOM   848  C CA  B VAL A 1 105 ? 8.748   -2.716  13.049  0.40 12.17 ? 105  VAL A CA  1 
ATOM   849  C C   A VAL A 1 105 ? 10.035  -1.834  13.177  0.60 12.73 ? 105  VAL A C   1 
ATOM   850  C C   B VAL A 1 105 ? 10.051  -1.907  13.205  0.40 12.66 ? 105  VAL A C   1 
ATOM   851  O O   A VAL A 1 105 ? 10.849  -1.744  12.250  0.60 12.02 ? 105  VAL A O   1 
ATOM   852  O O   B VAL A 1 105 ? 10.900  -1.908  12.306  0.40 12.25 ? 105  VAL A O   1 
ATOM   853  C CB  A VAL A 1 105 ? 9.100   -4.200  13.217  0.60 12.92 ? 105  VAL A CB  1 
ATOM   854  C CB  B VAL A 1 105 ? 9.062   -4.231  13.060  0.40 12.34 ? 105  VAL A CB  1 
ATOM   855  C CG1 A VAL A 1 105 ? 9.891   -4.716  12.029  0.60 13.04 ? 105  VAL A CG1 1 
ATOM   856  C CG1 B VAL A 1 105 ? 9.944   -4.610  14.249  0.40 11.95 ? 105  VAL A CG1 1 
ATOM   857  C CG2 A VAL A 1 105 ? 9.863   -4.484  14.509  0.60 12.34 ? 105  VAL A CG2 1 
ATOM   858  C CG2 B VAL A 1 105 ? 7.767   -5.047  13.035  0.40 12.07 ? 105  VAL A CG2 1 
ATOM   859  N N   . ALA A 1 106 ? 10.187  -1.217  14.342  1.00 13.06 ? 106  ALA A N   1 
ATOM   860  C CA  . ALA A 1 106 ? 11.386  -0.464  14.703  1.00 14.18 ? 106  ALA A CA  1 
ATOM   861  C C   . ALA A 1 106 ? 12.604  -1.379  14.709  1.00 15.65 ? 106  ALA A C   1 
ATOM   862  O O   . ALA A 1 106 ? 12.506  -2.489  15.207  1.00 15.82 ? 106  ALA A O   1 
ATOM   863  C CB  . ALA A 1 106 ? 11.208  0.104   16.101  1.00 14.45 ? 106  ALA A CB  1 
ATOM   864  N N   . THR A 1 107 ? 13.744  -0.918  14.187  1.00 16.48 ? 107  THR A N   1 
ATOM   865  C CA  . THR A 1 107 ? 14.993  -1.648  14.380  1.00 17.93 ? 107  THR A CA  1 
ATOM   866  C C   . THR A 1 107 ? 15.980  -0.830  15.251  1.00 18.66 ? 107  THR A C   1 
ATOM   867  O O   . THR A 1 107 ? 15.834  0.388   15.388  1.00 21.25 ? 107  THR A O   1 
ATOM   868  C CB  . THR A 1 107 ? 15.611  -2.119  13.057  1.00 18.04 ? 107  THR A CB  1 
ATOM   869  O OG1 . THR A 1 107 ? 15.799  -0.991  12.217  1.00 20.64 ? 107  THR A OG1 1 
ATOM   870  C CG2 . THR A 1 107 ? 14.693  -3.105  12.362  1.00 18.21 ? 107  THR A CG2 1 
ATOM   871  N N   . PRO A 1 108 ? 16.975  -1.505  15.867  1.00 19.40 ? 108  PRO A N   1 
ATOM   872  C CA  . PRO A 1 108 ? 17.845  -0.814  16.829  1.00 18.56 ? 108  PRO A CA  1 
ATOM   873  C C   . PRO A 1 108 ? 18.654  0.338   16.209  1.00 17.99 ? 108  PRO A C   1 
ATOM   874  O O   . PRO A 1 108 ? 18.911  1.346   16.891  1.00 16.97 ? 108  PRO A O   1 
ATOM   875  C CB  . PRO A 1 108 ? 18.767  -1.930  17.335  1.00 18.66 ? 108  PRO A CB  1 
ATOM   876  C CG  . PRO A 1 108 ? 18.111  -3.217  16.949  1.00 19.54 ? 108  PRO A CG  1 
ATOM   877  C CD  . PRO A 1 108 ? 17.324  -2.934  15.715  1.00 18.55 ? 108  PRO A CD  1 
ATOM   878  N N   . ASP A 1 109 ? 19.034  0.206   14.932  1.00 17.43 ? 109  ASP A N   1 
ATOM   879  C CA  . ASP A 1 109 ? 19.748  1.293   14.211  1.00 17.15 ? 109  ASP A CA  1 
ATOM   880  C C   . ASP A 1 109 ? 19.010  2.632   13.966  1.00 16.74 ? 109  ASP A C   1 
ATOM   881  O O   . ASP A 1 109 ? 19.618  3.574   13.420  1.00 17.19 ? 109  ASP A O   1 
ATOM   882  C CB  . ASP A 1 109 ? 20.384  0.792   12.913  1.00 19.18 ? 109  ASP A CB  1 
ATOM   883  C CG  . ASP A 1 109 ? 19.402  0.087   12.004  1.00 20.69 ? 109  ASP A CG  1 
ATOM   884  O OD1 . ASP A 1 109 ? 18.152  0.240   12.175  1.00 20.50 ? 109  ASP A OD1 1 
ATOM   885  O OD2 . ASP A 1 109 ? 19.900  -0.626  11.098  1.00 22.34 ? 109  ASP A OD2 1 
ATOM   886  N N   . GLY A 1 110 ? 17.753  2.744   14.407  1.00 13.63 ? 110  GLY A N   1 
ATOM   887  C CA  . GLY A 1 110 ? 16.937  3.913   14.119  1.00 12.65 ? 110  GLY A CA  1 
ATOM   888  C C   . GLY A 1 110 ? 16.146  3.819   12.809  1.00 11.29 ? 110  GLY A C   1 
ATOM   889  O O   . GLY A 1 110 ? 15.460  4.751   12.425  1.00 10.69 ? 110  GLY A O   1 
ATOM   890  N N   . GLY A 1 111 ? 16.237  2.695   12.127  1.00 10.51 ? 111  GLY A N   1 
ATOM   891  C CA  . GLY A 1 111 ? 15.450  2.485   10.920  1.00 10.51 ? 111  GLY A CA  1 
ATOM   892  C C   . GLY A 1 111 ? 14.250  1.597   11.207  1.00 10.30 ? 111  GLY A C   1 
ATOM   893  O O   . GLY A 1 111 ? 13.845  1.467   12.344  1.00 9.87  ? 111  GLY A O   1 
ATOM   894  N N   . SER A 1 112 ? 13.686  0.958   10.179  1.00 10.11 ? 112  SER A N   1 
ATOM   895  C CA  . SER A 1 112 ? 12.498  0.092   10.375  1.00 10.22 ? 112  SER A CA  1 
ATOM   896  C C   . SER A 1 112 ? 12.479  -1.048  9.376   1.00 10.39 ? 112  SER A C   1 
ATOM   897  O O   . SER A 1 112 ? 13.242  -1.074  8.400   1.00 10.18 ? 112  SER A O   1 
ATOM   898  C CB  . SER A 1 112 ? 11.182  0.903   10.284  1.00 10.09 ? 112  SER A CB  1 
ATOM   899  O OG  . SER A 1 112 ? 11.131  1.641   9.071   1.00 10.26 ? 112  SER A OG  1 
ATOM   900  N N   . ILE A 1 113 ? 11.606  -2.007  9.619   1.00 11.40 ? 113  ILE A N   1 
ATOM   901  C CA  . ILE A 1 113 ? 11.378  -3.068  8.661   1.00 12.32 ? 113  ILE A CA  1 
ATOM   902  C C   . ILE A 1 113 ? 9.885   -3.069  8.355   1.00 13.10 ? 113  ILE A C   1 
ATOM   903  O O   . ILE A 1 113 ? 9.068   -2.846  9.248   1.00 12.35 ? 113  ILE A O   1 
ATOM   904  C CB  . ILE A 1 113 ? 11.878  -4.430  9.163   1.00 13.15 ? 113  ILE A CB  1 
ATOM   905  C CG1 . ILE A 1 113 ? 13.378  -4.573  8.869   1.00 14.02 ? 113  ILE A CG1 1 
ATOM   906  C CG2 . ILE A 1 113 ? 11.177  -5.553  8.420   1.00 14.48 ? 113  ILE A CG2 1 
ATOM   907  C CD1 . ILE A 1 113 ? 14.147  -5.490  9.814   1.00 14.33 ? 113  ILE A CD1 1 
ATOM   908  N N   . LEU A 1 114 ? 9.545   -3.276  7.083   1.00 13.40 ? 114  LEU A N   1 
ATOM   909  C CA  . LEU A 1 114 ? 8.158   -3.359  6.693   1.00 13.99 ? 114  LEU A CA  1 
ATOM   910  C C   . LEU A 1 114 ? 7.910   -4.743  6.231   1.00 15.06 ? 114  LEU A C   1 
ATOM   911  O O   . LEU A 1 114 ? 8.682   -5.259  5.423   1.00 15.37 ? 114  LEU A O   1 
ATOM   912  C CB  . LEU A 1 114 ? 7.815   -2.410  5.577   1.00 13.55 ? 114  LEU A CB  1 
ATOM   913  C CG  . LEU A 1 114 ? 7.999   -0.924  5.825   1.00 13.77 ? 114  LEU A CG  1 
ATOM   914  C CD1 . LEU A 1 114 ? 9.448   -0.512  5.570   1.00 13.27 ? 114  LEU A CD1 1 
ATOM   915  C CD2 . LEU A 1 114 ? 7.051   -0.188  4.871   1.00 13.84 ? 114  LEU A CD2 1 
ATOM   916  N N   . LYS A 1 115 ? 6.863   -5.342  6.787   1.00 15.23 ? 115  LYS A N   1 
ATOM   917  C CA  . LYS A 1 115 ? 6.466   -6.688  6.449   1.00 18.10 ? 115  LYS A CA  1 
ATOM   918  C C   . LYS A 1 115 ? 5.111   -6.629  5.738   1.00 16.88 ? 115  LYS A C   1 
ATOM   919  O O   . LYS A 1 115 ? 4.138   -6.033  6.222   1.00 15.37 ? 115  LYS A O   1 
ATOM   920  C CB  . LYS A 1 115 ? 6.406   -7.567  7.712   1.00 21.67 ? 115  LYS A CB  1 
ATOM   921  C CG  . LYS A 1 115 ? 7.698   -7.534  8.544   1.00 24.76 ? 115  LYS A CG  1 
ATOM   922  C CD  . LYS A 1 115 ? 7.531   -8.205  9.904   1.00 28.72 ? 115  LYS A CD  1 
ATOM   923  C CE  . LYS A 1 115 ? 8.850   -8.760  10.444  1.00 31.54 ? 115  LYS A CE  1 
ATOM   924  N NZ  . LYS A 1 115 ? 8.693   -9.769  11.546  1.00 33.88 ? 115  LYS A NZ  1 
ATOM   925  N N   . ILE A 1 116 ? 5.056   -7.222  4.557   1.00 16.96 ? 116  ILE A N   1 
ATOM   926  C CA  . ILE A 1 116 ? 3.933   -7.012  3.664   1.00 17.41 ? 116  ILE A CA  1 
ATOM   927  C C   . ILE A 1 116 ? 3.393   -8.399  3.332   1.00 18.44 ? 116  ILE A C   1 
ATOM   928  O O   . ILE A 1 116 ? 4.150   -9.275  2.873   1.00 16.59 ? 116  ILE A O   1 
ATOM   929  C CB  . ILE A 1 116 ? 4.407   -6.285  2.387   1.00 19.02 ? 116  ILE A CB  1 
ATOM   930  C CG1 . ILE A 1 116 ? 5.002   -4.915  2.739   1.00 19.46 ? 116  ILE A CG1 1 
ATOM   931  C CG2 . ILE A 1 116 ? 3.303   -6.139  1.330   1.00 18.00 ? 116  ILE A CG2 1 
ATOM   932  C CD1 . ILE A 1 116 ? 6.518   -4.861  2.659   1.00 21.00 ? 116  ILE A CD1 1 
ATOM   933  N N   . SER A 1 117 ? 2.098   -8.578  3.591   1.00 17.60 ? 117  SER A N   1 
ATOM   934  C CA  . SER A 1 117 ? 1.332   -9.738  3.161   1.00 18.94 ? 117  SER A CA  1 
ATOM   935  C C   . SER A 1 117 ? 0.242   -9.320  2.144   1.00 19.01 ? 117  SER A C   1 
ATOM   936  O O   . SER A 1 117 ? -0.487  -8.341  2.369   1.00 15.62 ? 117  SER A O   1 
ATOM   937  C CB  . SER A 1 117 ? 0.698   -10.431 4.380   1.00 20.73 ? 117  SER A CB  1 
ATOM   938  O OG  . SER A 1 117 ? 0.067   -11.668 4.015   1.00 24.69 ? 117  SER A OG  1 
ATOM   939  N N   . ASN A 1 118 ? 0.167   -10.057 1.027   1.00 19.73 ? 118  ASN A N   1 
ATOM   940  C CA  . ASN A 1 118 ? -0.879  -9.899  0.000   1.00 21.56 ? 118  ASN A CA  1 
ATOM   941  C C   . ASN A 1 118 ? -1.558  -11.230 -0.251  1.00 21.62 ? 118  ASN A C   1 
ATOM   942  O O   . ASN A 1 118 ? -0.906  -12.163 -0.755  1.00 21.39 ? 118  ASN A O   1 
ATOM   943  C CB  . ASN A 1 118 ? -0.306  -9.425  -1.323  1.00 23.47 ? 118  ASN A CB  1 
ATOM   944  C CG  . ASN A 1 118 ? 0.560   -8.202  -1.182  1.00 26.04 ? 118  ASN A CG  1 
ATOM   945  O OD1 . ASN A 1 118 ? 0.224   -7.249  -0.473  1.00 28.85 ? 118  ASN A OD1 1 
ATOM   946  N ND2 . ASN A 1 118 ? 1.695   -8.220  -1.855  1.00 27.96 ? 118  ASN A ND2 1 
ATOM   947  N N   . LYS A 1 119 ? -2.850  -11.286 0.079   1.00 19.63 ? 119  LYS A N   1 
ATOM   948  C CA  . LYS A 1 119 ? -3.765  -12.418 -0.205  1.00 19.58 ? 119  LYS A CA  1 
ATOM   949  C C   . LYS A 1 119 ? -4.734  -12.121 -1.384  1.00 16.33 ? 119  LYS A C   1 
ATOM   950  O O   . LYS A 1 119 ? -5.643  -11.306 -1.258  1.00 13.64 ? 119  LYS A O   1 
ATOM   951  C CB  . LYS A 1 119 ? -4.627  -12.764 1.025   1.00 20.59 ? 119  LYS A CB  1 
ATOM   952  C CG  . LYS A 1 119 ? -3.893  -13.300 2.247   1.00 24.35 ? 119  LYS A CG  1 
ATOM   953  C CD  . LYS A 1 119 ? -4.922  -13.672 3.320   1.00 27.70 ? 119  LYS A CD  1 
ATOM   954  C CE  . LYS A 1 119 ? -4.314  -14.372 4.547   1.00 30.97 ? 119  LYS A CE  1 
ATOM   955  N NZ  . LYS A 1 119 ? -4.053  -15.834 4.328   1.00 30.52 ? 119  LYS A NZ  1 
ATOM   956  N N   . TYR A 1 120 ? -4.536  -12.812 -2.496  1.00 14.06 ? 120  TYR A N   1 
ATOM   957  C CA  . TYR A 1 120 ? -5.421  -12.724 -3.618  1.00 13.60 ? 120  TYR A CA  1 
ATOM   958  C C   . TYR A 1 120 ? -6.575  -13.735 -3.513  1.00 13.31 ? 120  TYR A C   1 
ATOM   959  O O   . TYR A 1 120 ? -6.332  -14.952 -3.412  1.00 13.09 ? 120  TYR A O   1 
ATOM   960  C CB  . TYR A 1 120 ? -4.605  -12.989 -4.883  1.00 13.56 ? 120  TYR A CB  1 
ATOM   961  C CG  . TYR A 1 120 ? -3.538  -11.938 -5.201  1.00 13.16 ? 120  TYR A CG  1 
ATOM   962  C CD1 . TYR A 1 120 ? -2.429  -11.784 -4.394  1.00 12.75 ? 120  TYR A CD1 1 
ATOM   963  C CD2 . TYR A 1 120 ? -3.646  -11.139 -6.342  1.00 12.92 ? 120  TYR A CD2 1 
ATOM   964  C CE1 . TYR A 1 120 ? -1.444  -10.844 -4.697  1.00 13.44 ? 120  TYR A CE1 1 
ATOM   965  C CE2 . TYR A 1 120 ? -2.673  -10.180 -6.664  1.00 13.33 ? 120  TYR A CE2 1 
ATOM   966  C CZ  . TYR A 1 120 ? -1.578  -10.032 -5.825  1.00 13.56 ? 120  TYR A CZ  1 
ATOM   967  O OH  . TYR A 1 120 ? -0.597  -9.127  -6.139  1.00 14.75 ? 120  TYR A OH  1 
ATOM   968  N N   . HIS A 1 121 ? -7.815  -13.238 -3.518  1.00 12.42 ? 121  HIS A N   1 
ATOM   969  C CA  . HIS A 1 121 ? -8.997  -14.079 -3.488  1.00 13.36 ? 121  HIS A CA  1 
ATOM   970  C C   . HIS A 1 121 ? -9.519  -14.257 -4.872  1.00 14.11 ? 121  HIS A C   1 
ATOM   971  O O   . HIS A 1 121 ? -9.908  -13.277 -5.527  1.00 12.23 ? 121  HIS A O   1 
ATOM   972  C CB  . HIS A 1 121 ? -10.076 -13.453 -2.624  1.00 12.83 ? 121  HIS A CB  1 
ATOM   973  C CG  . HIS A 1 121 ? -9.707  -13.370 -1.188  1.00 13.06 ? 121  HIS A CG  1 
ATOM   974  N ND1 . HIS A 1 121 ? -10.224 -14.190 -0.279  1.00 14.00 ? 121  HIS A ND1 1 
ATOM   975  C CD2 . HIS A 1 121 ? -8.815  -12.538 -0.515  1.00 12.78 ? 121  HIS A CD2 1 
ATOM   976  C CE1 . HIS A 1 121 ? -9.700  -13.895 0.942   1.00 13.50 ? 121  HIS A CE1 1 
ATOM   977  N NE2 . HIS A 1 121 ? -8.831  -12.896 0.784   1.00 13.50 ? 121  HIS A NE2 1 
ATOM   978  N N   . THR A 1 122 ? -9.564  -15.502 -5.328  1.00 15.86 ? 122  THR A N   1 
ATOM   979  C CA  . THR A 1 122 ? -9.903  -15.763 -6.729  1.00 20.76 ? 122  THR A CA  1 
ATOM   980  C C   . THR A 1 122 ? -11.275 -16.398 -6.904  1.00 25.76 ? 122  THR A C   1 
ATOM   981  O O   . THR A 1 122 ? -11.708 -17.228 -6.095  1.00 26.22 ? 122  THR A O   1 
ATOM   982  C CB  . THR A 1 122 ? -8.845  -16.648 -7.494  1.00 20.44 ? 122  THR A CB  1 
ATOM   983  O OG1 . THR A 1 122 ? -8.559  -17.857 -6.778  1.00 21.15 ? 122  THR A OG1 1 
ATOM   984  C CG2 . THR A 1 122 ? -7.517  -15.939 -7.732  1.00 19.44 ? 122  THR A CG2 1 
ATOM   985  N N   . LYS A 1 123 ? -11.934 -16.022 -8.003  1.00 33.92 ? 123  LYS A N   1 
ATOM   986  C CA  . LYS A 1 123 ? -13.195 -16.640 -8.423  1.00 37.22 ? 123  LYS A CA  1 
ATOM   987  C C   . LYS A 1 123 ? -12.959 -18.116 -8.777  1.00 37.92 ? 123  LYS A C   1 
ATOM   988  O O   . LYS A 1 123 ? -12.550 -18.468 -9.896  1.00 40.49 ? 123  LYS A O   1 
ATOM   989  C CB  . LYS A 1 123 ? -13.826 -15.850 -9.582  1.00 38.51 ? 123  LYS A CB  1 
ATOM   990  C CG  . LYS A 1 123 ? -14.288 -14.444 -9.179  1.00 41.73 ? 123  LYS A CG  1 
ATOM   991  C CD  . LYS A 1 123 ? -15.250 -13.816 -10.191 1.00 39.87 ? 123  LYS A CD  1 
ATOM   992  C CE  . LYS A 1 123 ? -15.472 -12.326 -9.940  1.00 40.07 ? 123  LYS A CE  1 
ATOM   993  N NZ  . LYS A 1 123 ? -16.631 -11.890 -9.072  1.00 41.34 ? 123  LYS A NZ  1 
ATOM   994  N N   . GLY A 1 124 ? -13.203 -18.986 -7.811  1.00 39.33 ? 124  GLY A N   1 
ATOM   995  C CA  . GLY A 1 124 ? -12.640 -20.312 -7.921  1.00 45.62 ? 124  GLY A CA  1 
ATOM   996  C C   . GLY A 1 124 ? -11.109 -20.134 -7.961  1.00 50.18 ? 124  GLY A C   1 
ATOM   997  O O   . GLY A 1 124 ? -10.527 -19.592 -6.995  1.00 51.07 ? 124  GLY A O   1 
ATOM   998  N N   . ASP A 1 125 ? -10.463 -20.523 -9.074  1.00 42.80 ? 125  ASP A N   1 
ATOM   999  C CA  . ASP A 1 125 ? -9.019  -20.821 -9.044  1.00 41.23 ? 125  ASP A CA  1 
ATOM   1000 C C   . ASP A 1 125 ? -8.165  -20.240 -10.162 1.00 41.26 ? 125  ASP A C   1 
ATOM   1001 O O   . ASP A 1 125 ? -7.386  -20.956 -10.796 1.00 40.83 ? 125  ASP A O   1 
ATOM   1002 C CB  . ASP A 1 125 ? -8.810  -22.336 -9.003  1.00 37.11 ? 125  ASP A CB  1 
ATOM   1003 C CG  . ASP A 1 125 ? -9.758  -23.033 -8.044  1.00 35.88 ? 125  ASP A CG  1 
ATOM   1004 O OD1 . ASP A 1 125 ? -10.393 -24.010 -8.400  1.00 36.81 ? 125  ASP A OD1 1 
ATOM   1005 O OD2 . ASP A 1 125 ? -9.839  -22.540 -6.821  1.00 36.32 ? 125  ASP A OD2 1 
ATOM   1006 N N   . HIS A 1 126 ? -8.278  -18.945 -10.398 1.00 42.61 ? 126  HIS A N   1 
ATOM   1007 C CA  . HIS A 1 126 ? -7.517  -18.363 -11.495 1.00 43.72 ? 126  HIS A CA  1 
ATOM   1008 C C   . HIS A 1 126 ? -6.144  -17.969 -11.054 1.00 41.42 ? 126  HIS A C   1 
ATOM   1009 O O   . HIS A 1 126 ? -5.960  -16.971 -10.347 1.00 42.07 ? 126  HIS A O   1 
ATOM   1010 C CB  . HIS A 1 126 ? -8.280  -17.229 -12.154 1.00 47.18 ? 126  HIS A CB  1 
ATOM   1011 C CG  . HIS A 1 126 ? -9.635  -17.642 -12.648 1.00 52.16 ? 126  HIS A CG  1 
ATOM   1012 N ND1 . HIS A 1 126 ? -9.832  -18.148 -13.880 1.00 54.39 ? 126  HIS A ND1 1 
ATOM   1013 C CD2 . HIS A 1 126 ? -10.878 -17.638 -12.017 1.00 53.62 ? 126  HIS A CD2 1 
ATOM   1014 C CE1 . HIS A 1 126 ? -11.137 -18.444 -14.035 1.00 56.27 ? 126  HIS A CE1 1 
ATOM   1015 N NE2 . HIS A 1 126 ? -11.772 -18.138 -12.892 1.00 56.09 ? 126  HIS A NE2 1 
ATOM   1016 N N   . GLU A 1 127 ? -5.166  -18.765 -11.484 1.00 36.26 ? 127  GLU A N   1 
ATOM   1017 C CA  . GLU A 1 127 ? -3.806  -18.696 -10.965 1.00 35.26 ? 127  GLU A CA  1 
ATOM   1018 C C   . GLU A 1 127 ? -3.173  -17.294 -11.030 1.00 35.81 ? 127  GLU A C   1 
ATOM   1019 O O   . GLU A 1 127 ? -2.948  -16.725 -12.114 1.00 35.95 ? 127  GLU A O   1 
ATOM   1020 C CB  . GLU A 1 127 ? -2.918  -19.728 -11.658 1.00 33.12 ? 127  GLU A CB  1 
ATOM   1021 C CG  . GLU A 1 127 ? -1.562  -19.875 -11.003 1.00 34.35 ? 127  GLU A CG  1 
ATOM   1022 C CD  . GLU A 1 127 ? -0.561  -20.678 -11.835 1.00 34.44 ? 127  GLU A CD  1 
ATOM   1023 O OE1 . GLU A 1 127 ? -0.745  -20.808 -13.080 1.00 34.55 ? 127  GLU A OE1 1 
ATOM   1024 O OE2 . GLU A 1 127 ? 0.419   -21.178 -11.229 1.00 29.91 ? 127  GLU A OE2 1 
ATOM   1025 N N   . VAL A 1 128 ? -2.877  -16.758 -9.852  1.00 33.26 ? 128  VAL A N   1 
ATOM   1026 C CA  . VAL A 1 128 ? -2.190  -15.485 -9.737  1.00 32.35 ? 128  VAL A CA  1 
ATOM   1027 C C   . VAL A 1 128 ? -0.729  -15.644 -10.205 1.00 35.17 ? 128  VAL A C   1 
ATOM   1028 O O   . VAL A 1 128 ? -0.027  -16.562 -9.762  1.00 34.38 ? 128  VAL A O   1 
ATOM   1029 C CB  . VAL A 1 128 ? -2.306  -14.886 -8.301  1.00 30.19 ? 128  VAL A CB  1 
ATOM   1030 C CG1 . VAL A 1 128 ? -1.690  -13.498 -8.265  1.00 30.10 ? 128  VAL A CG1 1 
ATOM   1031 C CG2 . VAL A 1 128 ? -3.764  -14.828 -7.847  1.00 26.62 ? 128  VAL A CG2 1 
ATOM   1032 N N   . LYS A 1 129 ? -0.301  -14.740 -11.101 1.00 38.26 ? 129  LYS A N   1 
ATOM   1033 C CA  . LYS A 1 129 ? 0.994   -14.806 -11.806 1.00 39.35 ? 129  LYS A CA  1 
ATOM   1034 C C   . LYS A 1 129 ? 2.144   -14.084 -11.058 1.00 40.02 ? 129  LYS A C   1 
ATOM   1035 O O   . LYS A 1 129 ? 1.895   -13.142 -10.309 1.00 38.73 ? 129  LYS A O   1 
ATOM   1036 C CB  . LYS A 1 129 ? 0.814   -14.221 -13.214 1.00 40.94 ? 129  LYS A CB  1 
ATOM   1037 C CG  . LYS A 1 129 ? 1.902   -14.573 -14.214 1.00 44.46 ? 129  LYS A CG  1 
ATOM   1038 C CD  . LYS A 1 129 ? 1.886   -16.038 -14.647 1.00 47.91 ? 129  LYS A CD  1 
ATOM   1039 C CE  . LYS A 1 129 ? 3.292   -16.636 -14.714 1.00 44.70 ? 129  LYS A CE  1 
ATOM   1040 N NZ  . LYS A 1 129 ? 3.735   -17.108 -13.364 1.00 46.44 ? 129  LYS A NZ  1 
ATOM   1041 N N   . ALA A 1 130 ? 3.388   -14.538 -11.261 1.00 37.99 ? 130  ALA A N   1 
ATOM   1042 C CA  . ALA A 1 130 ? 4.599   -13.924 -10.656 1.00 39.19 ? 130  ALA A CA  1 
ATOM   1043 C C   . ALA A 1 130 ? 4.789   -12.478 -11.094 1.00 36.77 ? 130  ALA A C   1 
ATOM   1044 O O   . ALA A 1 130 ? 5.410   -11.678 -10.385 1.00 38.28 ? 130  ALA A O   1 
ATOM   1045 C CB  . ALA A 1 130 ? 5.847   -14.723 -11.019 1.00 36.02 ? 130  ALA A CB  1 
ATOM   1046 N N   . GLU A 1 131 ? 4.258   -12.157 -12.270 1.00 36.14 ? 131  GLU A N   1 
ATOM   1047 C CA  . GLU A 1 131 ? 4.412   -10.829 -12.843 1.00 35.98 ? 131  GLU A CA  1 
ATOM   1048 C C   . GLU A 1 131 ? 3.455   -9.806  -12.197 1.00 34.25 ? 131  GLU A C   1 
ATOM   1049 O O   . GLU A 1 131 ? 3.843   -8.655  -11.990 1.00 33.56 ? 131  GLU A O   1 
ATOM   1050 C CB  . GLU A 1 131 ? 4.310   -10.879 -14.371 1.00 40.98 ? 131  GLU A CB  1 
ATOM   1051 C CG  . GLU A 1 131 ? 5.547   -11.492 -15.068 1.00 48.95 ? 131  GLU A CG  1 
ATOM   1052 C CD  . GLU A 1 131 ? 5.508   -13.025 -15.320 1.00 52.00 ? 131  GLU A CD  1 
ATOM   1053 O OE1 . GLU A 1 131 ? 4.682   -13.777 -14.724 1.00 48.55 ? 131  GLU A OE1 1 
ATOM   1054 O OE2 . GLU A 1 131 ? 6.341   -13.493 -16.137 1.00 50.28 ? 131  GLU A OE2 1 
ATOM   1055 N N   . GLN A 1 132 ? 2.244   -10.237 -11.835 1.00 30.17 ? 132  GLN A N   1 
ATOM   1056 C CA  . GLN A 1 132 ? 1.321   -9.406  -11.045 1.00 30.24 ? 132  GLN A CA  1 
ATOM   1057 C C   . GLN A 1 132 ? 1.828   -9.106  -9.622  1.00 27.75 ? 132  GLN A C   1 
ATOM   1058 O O   . GLN A 1 132 ? 1.549   -8.032  -9.045  1.00 24.80 ? 132  GLN A O   1 
ATOM   1059 C CB  . GLN A 1 132 ? -0.088  -10.028 -10.978 1.00 33.46 ? 132  GLN A CB  1 
ATOM   1060 C CG  . GLN A 1 132 ? -1.181  -9.108  -10.429 1.00 35.92 ? 132  GLN A CG  1 
ATOM   1061 C CD  . GLN A 1 132 ? -1.177  -7.696  -11.040 1.00 41.08 ? 132  GLN A CD  1 
ATOM   1062 O OE1 . GLN A 1 132 ? -0.495  -6.763  -10.544 1.00 41.33 ? 132  GLN A OE1 1 
ATOM   1063 N NE2 . GLN A 1 132 ? -1.958  -7.523  -12.107 1.00 41.39 ? 132  GLN A NE2 1 
ATOM   1064 N N   . VAL A 1 133 ? 2.576   -10.063 -9.080  1.00 25.36 ? 133  VAL A N   1 
ATOM   1065 C CA  . VAL A 1 133 ? 3.088   -9.990  -7.724  1.00 23.90 ? 133  VAL A CA  1 
ATOM   1066 C C   . VAL A 1 133 ? 4.306   -9.034  -7.708  1.00 23.68 ? 133  VAL A C   1 
ATOM   1067 O O   . VAL A 1 133 ? 4.340   -8.069  -6.922  1.00 21.61 ? 133  VAL A O   1 
ATOM   1068 C CB  . VAL A 1 133 ? 3.291   -11.434 -7.158  1.00 24.49 ? 133  VAL A CB  1 
ATOM   1069 C CG1 . VAL A 1 133 ? 4.020   -11.438 -5.829  1.00 25.46 ? 133  VAL A CG1 1 
ATOM   1070 C CG2 . VAL A 1 133 ? 1.926   -12.114 -6.980  1.00 23.73 ? 133  VAL A CG2 1 
ATOM   1071 N N   . LYS A 1 134 ? 5.262   -9.277  -8.618  1.00 21.60 ? 134  LYS A N   1 
ATOM   1072 C CA  . LYS A 1 134 ? 6.363   -8.351  -8.903  1.00 21.10 ? 134  LYS A CA  1 
ATOM   1073 C C   . LYS A 1 134 ? 5.881   -6.901  -9.085  1.00 19.64 ? 134  LYS A C   1 
ATOM   1074 O O   . LYS A 1 134 ? 6.363   -6.010  -8.378  1.00 18.81 ? 134  LYS A O   1 
ATOM   1075 C CB  . LYS A 1 134 ? 7.146   -8.815  -10.139 1.00 22.22 ? 134  LYS A CB  1 
ATOM   1076 C CG  . LYS A 1 134 ? 8.499   -8.145  -10.361 1.00 24.40 ? 134  LYS A CG  1 
ATOM   1077 C CD  . LYS A 1 134 ? 9.230   -8.731  -11.581 1.00 23.43 ? 134  LYS A CD  1 
ATOM   1078 C CE  . LYS A 1 134 ? 8.842   -8.083  -12.913 1.00 26.63 ? 134  LYS A CE  1 
ATOM   1079 N NZ  . LYS A 1 134 ? 9.891   -7.236  -13.587 1.00 29.30 ? 134  LYS A NZ  1 
ATOM   1080 N N   . ALA A 1 135 ? 4.934   -6.668  -10.009 1.00 18.28 ? 135  ALA A N   1 
ATOM   1081 C CA  . ALA A 1 135 ? 4.427   -5.319  -10.282 1.00 18.02 ? 135  ALA A CA  1 
ATOM   1082 C C   . ALA A 1 135 ? 3.934   -4.649  -8.995  1.00 16.99 ? 135  ALA A C   1 
ATOM   1083 O O   . ALA A 1 135 ? 4.270   -3.477  -8.725  1.00 15.01 ? 135  ALA A O   1 
ATOM   1084 C CB  . ALA A 1 135 ? 3.323   -5.326  -11.335 1.00 17.98 ? 135  ALA A CB  1 
ATOM   1085 N N   . SER A 1 136 ? 3.174   -5.408  -8.202  1.00 16.62 ? 136  SER A N   1 
ATOM   1086 C CA  . SER A 1 136 ? 2.689   -4.936  -6.906  1.00 18.34 ? 136  SER A CA  1 
ATOM   1087 C C   . SER A 1 136 ? 3.843   -4.525  -5.965  1.00 18.01 ? 136  SER A C   1 
ATOM   1088 O O   . SER A 1 136 ? 3.837   -3.411  -5.416  1.00 15.98 ? 136  SER A O   1 
ATOM   1089 C CB  . SER A 1 136 ? 1.800   -5.996  -6.235  1.00 21.02 ? 136  SER A CB  1 
ATOM   1090 O OG  . SER A 1 136 ? 1.285   -5.497  -5.004  1.00 23.53 ? 136  SER A OG  1 
ATOM   1091 N N   . LYS A 1 137 ? 4.826   -5.417  -5.804  1.00 18.02 ? 137  LYS A N   1 
ATOM   1092 C CA  . LYS A 1 137 ? 5.972   -5.171  -4.919  1.00 19.20 ? 137  LYS A CA  1 
ATOM   1093 C C   . LYS A 1 137 ? 6.754   -3.996  -5.427  1.00 18.26 ? 137  LYS A C   1 
ATOM   1094 O O   . LYS A 1 137 ? 7.186   -3.149  -4.660  1.00 17.60 ? 137  LYS A O   1 
ATOM   1095 C CB  . LYS A 1 137 ? 6.937   -6.373  -4.810  1.00 21.13 ? 137  LYS A CB  1 
ATOM   1096 C CG  . LYS A 1 137 ? 8.240   -5.984  -4.073  1.00 25.62 ? 137  LYS A CG  1 
ATOM   1097 C CD  . LYS A 1 137 ? 9.257   -7.122  -3.885  1.00 29.92 ? 137  LYS A CD  1 
ATOM   1098 C CE  . LYS A 1 137 ? 9.739   -7.739  -5.195  1.00 32.70 ? 137  LYS A CE  1 
ATOM   1099 N NZ  . LYS A 1 137 ? 10.745  -8.818  -4.949  1.00 33.40 ? 137  LYS A NZ  1 
ATOM   1100 N N   . GLU A 1 138 ? 6.920   -3.929  -6.739  1.00 18.27 ? 138  GLU A N   1 
ATOM   1101 C CA  . GLU A 1 138 ? 7.674   -2.828  -7.283  1.00 18.28 ? 138  GLU A CA  1 
ATOM   1102 C C   . GLU A 1 138 ? 6.964   -1.510  -7.036  1.00 16.68 ? 138  GLU A C   1 
ATOM   1103 O O   . GLU A 1 138 ? 7.592   -0.526  -6.648  1.00 16.70 ? 138  GLU A O   1 
ATOM   1104 C CB  . GLU A 1 138 ? 7.958   -3.082  -8.748  1.00 22.52 ? 138  GLU A CB  1 
ATOM   1105 C CG  . GLU A 1 138 ? 8.789   -4.342  -8.874  1.00 28.42 ? 138  GLU A CG  1 
ATOM   1106 C CD  . GLU A 1 138 ? 9.532   -4.433  -10.179 1.00 34.09 ? 138  GLU A CD  1 
ATOM   1107 O OE1 . GLU A 1 138 ? 8.838   -4.472  -11.227 1.00 38.02 ? 138  GLU A OE1 1 
ATOM   1108 O OE2 . GLU A 1 138 ? 10.798  -4.488  -10.133 1.00 39.45 ? 138  GLU A OE2 1 
ATOM   1109 N N   . MET A 1 139 ? 5.665   -1.452  -7.256  1.00 15.81 ? 139  MET A N   1 
ATOM   1110 C CA  A MET A 1 139 ? 5.012   -0.183  -7.021  0.70 16.95 ? 139  MET A CA  1 
ATOM   1111 C CA  B MET A 1 139 ? 4.907   -0.224  -7.006  0.30 15.32 ? 139  MET A CA  1 
ATOM   1112 C C   . MET A 1 139 ? 5.113   0.223   -5.556  1.00 15.82 ? 139  MET A C   1 
ATOM   1113 O O   . MET A 1 139 ? 5.358   1.397   -5.272  1.00 16.07 ? 139  MET A O   1 
ATOM   1114 C CB  A MET A 1 139 ? 3.570   -0.180  -7.455  0.70 18.56 ? 139  MET A CB  1 
ATOM   1115 C CB  B MET A 1 139 ? 3.417   -0.443  -7.298  0.30 14.23 ? 139  MET A CB  1 
ATOM   1116 C CG  A MET A 1 139 ? 2.904   1.131   -7.089  0.70 19.89 ? 139  MET A CG  1 
ATOM   1117 C CG  B MET A 1 139 ? 2.509   0.691   -6.838  0.30 13.30 ? 139  MET A CG  1 
ATOM   1118 S SD  A MET A 1 139 ? 1.181   0.959   -7.501  0.70 25.29 ? 139  MET A SD  1 
ATOM   1119 S SD  B MET A 1 139 ? 2.910   2.275   -7.598  0.30 11.83 ? 139  MET A SD  1 
ATOM   1120 C CE  A MET A 1 139 ? 1.287   1.301   -9.266  0.70 21.33 ? 139  MET A CE  1 
ATOM   1121 C CE  B MET A 1 139 ? 2.049   2.174   -9.163  0.30 11.90 ? 139  MET A CE  1 
ATOM   1122 N N   . GLY A 1 140 ? 4.966   -0.732  -4.632  1.00 15.79 ? 140  GLY A N   1 
ATOM   1123 C CA  . GLY A 1 140 ? 5.135   -0.435  -3.197  1.00 15.72 ? 140  GLY A CA  1 
ATOM   1124 C C   . GLY A 1 140 ? 6.519   0.122   -2.848  1.00 14.69 ? 140  GLY A C   1 
ATOM   1125 O O   . GLY A 1 140 ? 6.634   1.075   -2.055  1.00 13.65 ? 140  GLY A O   1 
ATOM   1126 N N   . GLU A 1 141 ? 7.557   -0.448  -3.474  1.00 15.45 ? 141  GLU A N   1 
ATOM   1127 C CA  . GLU A 1 141 ? 8.956   0.005   -3.242  1.00 16.99 ? 141  GLU A CA  1 
ATOM   1128 C C   . GLU A 1 141 ? 9.154   1.381   -3.778  1.00 15.28 ? 141  GLU A C   1 
ATOM   1129 O O   . GLU A 1 141 ? 9.844   2.181   -3.166  1.00 15.46 ? 141  GLU A O   1 
ATOM   1130 C CB  . GLU A 1 141 ? 10.001  -0.873  -3.942  1.00 20.07 ? 141  GLU A CB  1 
ATOM   1131 C CG  . GLU A 1 141 ? 9.927   -2.344  -3.593  1.00 25.67 ? 141  GLU A CG  1 
ATOM   1132 C CD  . GLU A 1 141 ? 10.346  -2.641  -2.179  1.00 29.13 ? 141  GLU A CD  1 
ATOM   1133 O OE1 . GLU A 1 141 ? 11.150  -1.866  -1.592  1.00 29.78 ? 141  GLU A OE1 1 
ATOM   1134 O OE2 . GLU A 1 141 ? 9.852   -3.672  -1.665  1.00 34.39 ? 141  GLU A OE2 1 
ATOM   1135 N N   . THR A 1 142 ? 8.590   1.643   -4.956  1.00 13.95 ? 142  THR A N   1 
ATOM   1136 C CA  . THR A 1 142 ? 8.696   2.979   -5.557  1.00 13.19 ? 142  THR A CA  1 
ATOM   1137 C C   . THR A 1 142 ? 8.057   4.012   -4.635  1.00 11.65 ? 142  THR A C   1 
ATOM   1138 O O   . THR A 1 142 ? 8.641   5.047   -4.356  1.00 11.37 ? 142  THR A O   1 
ATOM   1139 C CB  . THR A 1 142 ? 8.034   3.019   -6.932  1.00 12.93 ? 142  THR A CB  1 
ATOM   1140 O OG1 . THR A 1 142 ? 8.715   2.087   -7.737  1.00 13.00 ? 142  THR A OG1 1 
ATOM   1141 C CG2 . THR A 1 142 ? 8.128   4.431   -7.602  1.00 13.04 ? 142  THR A CG2 1 
ATOM   1142 N N   . LEU A 1 143 ? 6.871   3.677   -4.141  1.00 11.05 ? 143  LEU A N   1 
ATOM   1143 C CA  . LEU A 1 143 ? 6.145   4.522   -3.222  1.00 9.94  ? 143  LEU A CA  1 
ATOM   1144 C C   . LEU A 1 143 ? 6.996   4.708   -1.980  1.00 9.92  ? 143  LEU A C   1 
ATOM   1145 O O   . LEU A 1 143 ? 7.237   5.848   -1.574  1.00 9.81  ? 143  LEU A O   1 
ATOM   1146 C CB  . LEU A 1 143 ? 4.779   3.903   -2.875  1.00 9.36  ? 143  LEU A CB  1 
ATOM   1147 C CG  . LEU A 1 143 ? 3.794   3.927   -4.056  1.00 9.84  ? 143  LEU A CG  1 
ATOM   1148 C CD1 . LEU A 1 143 ? 2.405   3.477   -3.605  1.00 9.39  ? 143  LEU A CD1 1 
ATOM   1149 C CD2 . LEU A 1 143 ? 3.737   5.284   -4.788  1.00 9.53  ? 143  LEU A CD2 1 
ATOM   1150 N N   . LEU A 1 144 ? 7.450   3.601   -1.373  1.00 9.72  ? 144  LEU A N   1 
ATOM   1151 C CA  . LEU A 1 144 ? 8.231   3.693   -0.113  1.00 9.86  ? 144  LEU A CA  1 
ATOM   1152 C C   . LEU A 1 144 ? 9.481   4.565   -0.279  1.00 9.86  ? 144  LEU A C   1 
ATOM   1153 O O   . LEU A 1 144 ? 9.765   5.449   0.542   1.00 9.27  ? 144  LEU A O   1 
ATOM   1154 C CB  . LEU A 1 144 ? 8.641   2.294   0.396   1.00 9.42  ? 144  LEU A CB  1 
ATOM   1155 C CG  . LEU A 1 144 ? 9.631   2.304   1.556   1.00 9.41  ? 144  LEU A CG  1 
ATOM   1156 C CD1 . LEU A 1 144 ? 8.906   3.000   2.724   1.00 8.96  ? 144  LEU A CD1 1 
ATOM   1157 C CD2 . LEU A 1 144 ? 10.073  0.873   1.907   1.00 8.88  ? 144  LEU A CD2 1 
ATOM   1158 N N   . ARG A 1 145 ? 10.221  4.324   -1.356  1.00 10.36 ? 145  ARG A N   1 
ATOM   1159 C CA  . ARG A 1 145 ? 11.420  5.140   -1.631  1.00 11.44 ? 145  ARG A CA  1 
ATOM   1160 C C   . ARG A 1 145 ? 11.163  6.637   -1.838  1.00 10.21 ? 145  ARG A C   1 
ATOM   1161 O O   . ARG A 1 145 ? 11.932  7.478   -1.347  1.00 9.77  ? 145  ARG A O   1 
ATOM   1162 C CB  . ARG A 1 145 ? 12.248  4.559   -2.799  1.00 12.87 ? 145  ARG A CB  1 
ATOM   1163 C CG  . ARG A 1 145 ? 12.733  3.142   -2.533  1.00 15.39 ? 145  ARG A CG  1 
ATOM   1164 C CD  . ARG A 1 145 ? 13.505  3.011   -1.204  1.00 16.39 ? 145  ARG A CD  1 
ATOM   1165 N NE  . ARG A 1 145 ? 13.641  1.609   -0.823  1.00 18.50 ? 145  ARG A NE  1 
ATOM   1166 C CZ  . ARG A 1 145 ? 13.702  1.133   0.429   1.00 19.93 ? 145  ARG A CZ  1 
ATOM   1167 N NH1 . ARG A 1 145 ? 13.622  1.940   1.491   1.00 20.22 ? 145  ARG A NH1 1 
ATOM   1168 N NH2 . ARG A 1 145 ? 13.813  -0.175  0.612   1.00 18.23 ? 145  ARG A NH2 1 
ATOM   1169 N N   . ALA A 1 146 ? 10.117  6.981   -2.592  1.00 9.87  ? 146  ALA A N   1 
ATOM   1170 C CA  . ALA A 1 146 ? 9.751   8.413   -2.772  1.00 9.15  ? 146  ALA A CA  1 
ATOM   1171 C C   . ALA A 1 146 ? 9.408   9.075   -1.420  1.00 8.85  ? 146  ALA A C   1 
ATOM   1172 O O   . ALA A 1 146 ? 9.886   10.147  -1.113  1.00 8.83  ? 146  ALA A O   1 
ATOM   1173 C CB  . ALA A 1 146 ? 8.600   8.574   -3.772  1.00 9.84  ? 146  ALA A CB  1 
ATOM   1174 N N   . VAL A 1 147 ? 8.628   8.401   -0.587  1.00 9.07  ? 147  VAL A N   1 
ATOM   1175 C CA  . VAL A 1 147 ? 8.312   8.918   0.756   1.00 8.83  ? 147  VAL A CA  1 
ATOM   1176 C C   . VAL A 1 147 ? 9.536   9.035   1.624   1.00 8.93  ? 147  VAL A C   1 
ATOM   1177 O O   . VAL A 1 147 ? 9.729   10.047  2.251   1.00 8.72  ? 147  VAL A O   1 
ATOM   1178 C CB  . VAL A 1 147 ? 7.236   8.096   1.487   1.00 8.83  ? 147  VAL A CB  1 
ATOM   1179 C CG1 . VAL A 1 147 ? 7.062   8.609   2.923   1.00 8.52  ? 147  VAL A CG1 1 
ATOM   1180 C CG2 . VAL A 1 147 ? 5.920   8.234   0.740   1.00 9.23  ? 147  VAL A CG2 1 
ATOM   1181 N N   . GLU A 1 148 ? 10.367  7.994   1.638   1.00 9.73  ? 148  GLU A N   1 
ATOM   1182 C CA  . GLU A 1 148 ? 11.608  7.977   2.392   1.00 11.08 ? 148  GLU A CA  1 
ATOM   1183 C C   . GLU A 1 148 ? 12.467  9.159   1.993   1.00 10.89 ? 148  GLU A C   1 
ATOM   1184 O O   . GLU A 1 148 ? 12.938  9.910   2.839   1.00 10.16 ? 148  GLU A O   1 
ATOM   1185 C CB  . GLU A 1 148 ? 12.298  6.665   2.118   1.00 13.20 ? 148  GLU A CB  1 
ATOM   1186 C CG  . GLU A 1 148 ? 13.507  6.341   2.959   1.00 16.05 ? 148  GLU A CG  1 
ATOM   1187 C CD  . GLU A 1 148 ? 13.911  4.898   2.706   1.00 18.33 ? 148  GLU A CD  1 
ATOM   1188 O OE1 . GLU A 1 148 ? 14.294  4.570   1.564   1.00 21.43 ? 148  GLU A OE1 1 
ATOM   1189 O OE2 . GLU A 1 148 ? 13.809  4.075   3.626   1.00 18.89 ? 148  GLU A OE2 1 
ATOM   1190 N N   . SER A 1 149 ? 12.605  9.378   0.690   1.00 10.63 ? 149  SER A N   1 
ATOM   1191 C CA  . SER A 1 149 ? 13.380  10.513  0.257   1.00 11.06 ? 149  SER A CA  1 
ATOM   1192 C C   . SER A 1 149 ? 12.783  11.871  0.716   1.00 11.18 ? 149  SER A C   1 
ATOM   1193 O O   . SER A 1 149 ? 13.520  12.795  1.156   1.00 10.32 ? 149  SER A O   1 
ATOM   1194 C CB  . SER A 1 149 ? 13.566  10.462  -1.250  1.00 12.28 ? 149  SER A CB  1 
ATOM   1195 O OG  . SER A 1 149 ? 14.422  11.480  -1.611  1.00 14.11 ? 149  SER A OG  1 
ATOM   1196 N N   . TYR A 1 150 ? 11.458  11.995  0.653   1.00 10.44 ? 150  TYR A N   1 
ATOM   1197 C CA  . TYR A 1 150 ? 10.819  13.230  1.153   1.00 10.63 ? 150  TYR A CA  1 
ATOM   1198 C C   . TYR A 1 150 ? 11.034  13.435  2.677   1.00 9.77  ? 150  TYR A C   1 
ATOM   1199 O O   . TYR A 1 150 ? 11.281  14.549  3.117   1.00 9.51  ? 150  TYR A O   1 
ATOM   1200 C CB  . TYR A 1 150 ? 9.332   13.246  0.776   1.00 11.45 ? 150  TYR A CB  1 
ATOM   1201 C CG  . TYR A 1 150 ? 8.550   14.463  1.238   1.00 12.76 ? 150  TYR A CG  1 
ATOM   1202 C CD1 . TYR A 1 150 ? 8.066   14.533  2.549   1.00 13.30 ? 150  TYR A CD1 1 
ATOM   1203 C CD2 . TYR A 1 150 ? 8.272   15.525  0.364   1.00 12.72 ? 150  TYR A CD2 1 
ATOM   1204 C CE1 . TYR A 1 150 ? 7.341   15.633  3.006   1.00 14.87 ? 150  TYR A CE1 1 
ATOM   1205 C CE2 . TYR A 1 150 ? 7.548   16.626  0.798   1.00 13.48 ? 150  TYR A CE2 1 
ATOM   1206 C CZ  . TYR A 1 150 ? 7.081   16.671  2.127   1.00 14.82 ? 150  TYR A CZ  1 
ATOM   1207 O OH  . TYR A 1 150 ? 6.346   17.729  2.627   1.00 17.34 ? 150  TYR A OH  1 
ATOM   1208 N N   . LEU A 1 151 ? 10.956  12.355  3.458   1.00 8.75  ? 151  LEU A N   1 
ATOM   1209 C CA  . LEU A 1 151 ? 11.151  12.447  4.913   1.00 8.37  ? 151  LEU A CA  1 
ATOM   1210 C C   . LEU A 1 151 ? 12.611  12.759  5.289   1.00 8.29  ? 151  LEU A C   1 
ATOM   1211 O O   . LEU A 1 151 ? 12.850  13.453  6.288   1.00 8.64  ? 151  LEU A O   1 
ATOM   1212 C CB  . LEU A 1 151 ? 10.621  11.199  5.659   1.00 7.87  ? 151  LEU A CB  1 
ATOM   1213 C CG  . LEU A 1 151 ? 9.114   10.827  5.528   1.00 8.07  ? 151  LEU A CG  1 
ATOM   1214 C CD1 . LEU A 1 151 ? 8.746   9.476   6.152   1.00 7.74  ? 151  LEU A CD1 1 
ATOM   1215 C CD2 . LEU A 1 151 ? 8.253   11.917  6.164   1.00 8.07  ? 151  LEU A CD2 1 
ATOM   1216 N N   . LEU A 1 152 ? 13.569  12.228  4.529   1.00 8.06  ? 152  LEU A N   1 
ATOM   1217 C CA  . LEU A 1 152 ? 14.996  12.583  4.719   1.00 8.30  ? 152  LEU A CA  1 
ATOM   1218 C C   . LEU A 1 152 ? 15.210  14.064  4.487   1.00 8.85  ? 152  LEU A C   1 
ATOM   1219 O O   . LEU A 1 152 ? 15.999  14.711  5.191   1.00 8.52  ? 152  LEU A O   1 
ATOM   1220 C CB  . LEU A 1 152 ? 15.903  11.793  3.762   1.00 7.74  ? 152  LEU A CB  1 
ATOM   1221 C CG  . LEU A 1 152 ? 16.080  10.324  4.101   1.00 7.64  ? 152  LEU A CG  1 
ATOM   1222 C CD1 . LEU A 1 152 ? 16.671  9.552   2.921   1.00 7.87  ? 152  LEU A CD1 1 
ATOM   1223 C CD2 . LEU A 1 152 ? 16.922  10.101  5.356   1.00 7.46  ? 152  LEU A CD2 1 
ATOM   1224 N N   . ALA A 1 153 ? 14.509  14.587  3.477   1.00 9.37  ? 153  ALA A N   1 
ATOM   1225 C CA  . ALA A 1 153 ? 14.701  15.974  2.992   1.00 10.64 ? 153  ALA A CA  1 
ATOM   1226 C C   . ALA A 1 153 ? 13.899  16.992  3.784   1.00 11.84 ? 153  ALA A C   1 
ATOM   1227 O O   . ALA A 1 153 ? 14.274  18.144  3.816   1.00 12.64 ? 153  ALA A O   1 
ATOM   1228 C CB  . ALA A 1 153 ? 14.355  16.081  1.503   1.00 10.35 ? 153  ALA A CB  1 
ATOM   1229 N N   . HIS A 1 154 ? 12.803  16.574  4.424   1.00 12.13 ? 154  HIS A N   1 
ATOM   1230 C CA  . HIS A 1 154 ? 11.985  17.497  5.171   1.00 13.69 ? 154  HIS A CA  1 
ATOM   1231 C C   . HIS A 1 154 ? 11.921  17.031  6.597   1.00 14.12 ? 154  HIS A C   1 
ATOM   1232 O O   . HIS A 1 154 ? 11.022  16.255  6.961   1.00 13.92 ? 154  HIS A O   1 
ATOM   1233 C CB  . HIS A 1 154 ? 10.586  17.552  4.548   1.00 13.75 ? 154  HIS A CB  1 
ATOM   1234 C CG  . HIS A 1 154 ? 10.582  18.075  3.136   1.00 15.24 ? 154  HIS A CG  1 
ATOM   1235 N ND1 . HIS A 1 154 ? 10.863  17.298  2.080   1.00 16.14 ? 154  HIS A ND1 1 
ATOM   1236 C CD2 . HIS A 1 154 ? 10.331  19.344  2.629   1.00 15.94 ? 154  HIS A CD2 1 
ATOM   1237 C CE1 . HIS A 1 154 ? 10.819  18.035  0.950   1.00 16.63 ? 154  HIS A CE1 1 
ATOM   1238 N NE2 . HIS A 1 154 ? 10.470  19.275  1.279   1.00 17.01 ? 154  HIS A NE2 1 
ATOM   1239 N N   . SER A 1 155 ? 12.839  17.523  7.428   1.00 14.75 ? 155  SER A N   1 
ATOM   1240 C CA  . SER A 1 155 ? 12.987  17.013  8.820   1.00 15.50 ? 155  SER A CA  1 
ATOM   1241 C C   . SER A 1 155 ? 11.839  17.418  9.762   1.00 15.88 ? 155  SER A C   1 
ATOM   1242 O O   . SER A 1 155 ? 11.514  16.699  10.709  1.00 15.22 ? 155  SER A O   1 
ATOM   1243 C CB  . SER A 1 155 ? 14.327  17.414  9.409   1.00 15.09 ? 155  SER A CB  1 
ATOM   1244 O OG  . SER A 1 155 ? 14.341  18.796  9.694   1.00 15.54 ? 155  SER A OG  1 
ATOM   1245 N N   . ASP A 1 156 ? 11.242  18.563  9.475   1.00 16.84 ? 156  ASP A N   1 
ATOM   1246 C CA  . ASP A 1 156 ? 10.057  18.995  10.176  1.00 20.08 ? 156  ASP A CA  1 
ATOM   1247 C C   . ASP A 1 156 ? 8.796   18.183  9.833   1.00 19.50 ? 156  ASP A C   1 
ATOM   1248 O O   . ASP A 1 156 ? 7.862   18.158  10.610  1.00 21.15 ? 156  ASP A O   1 
ATOM   1249 C CB  . ASP A 1 156 ? 9.828   20.499  9.905   1.00 25.08 ? 156  ASP A CB  1 
ATOM   1250 C CG  . ASP A 1 156 ? 10.870  21.410  10.617  1.00 30.03 ? 156  ASP A CG  1 
ATOM   1251 O OD1 . ASP A 1 156 ? 11.971  20.924  10.928  1.00 33.82 ? 156  ASP A OD1 1 
ATOM   1252 O OD2 . ASP A 1 156 ? 10.587  22.614  10.878  1.00 36.47 ? 156  ASP A OD2 1 
ATOM   1253 N N   . ALA A 1 157 ? 8.747   17.516  8.677   1.00 19.64 ? 157  ALA A N   1 
ATOM   1254 C CA  . ALA A 1 157 ? 7.502   16.816  8.282   1.00 19.20 ? 157  ALA A CA  1 
ATOM   1255 C C   . ALA A 1 157 ? 7.242   15.504  9.082   1.00 19.28 ? 157  ALA A C   1 
ATOM   1256 O O   . ALA A 1 157 ? 8.135   14.641  9.213   1.00 18.03 ? 157  ALA A O   1 
ATOM   1257 C CB  . ALA A 1 157 ? 7.463   16.588  6.767   1.00 17.53 ? 157  ALA A CB  1 
ATOM   1258 N N   . TYR A 1 158 ? 6.026   15.384  9.637   1.00 19.44 ? 158  TYR A N   1 
ATOM   1259 C CA  . TYR A 1 158 ? 5.574   14.181  10.366  1.00 20.09 ? 158  TYR A CA  1 
ATOM   1260 C C   . TYR A 1 158 ? 6.263   13.833  11.685  1.00 24.59 ? 158  TYR A C   1 
ATOM   1261 O O   . TYR A 1 158 ? 6.284   12.639  12.063  1.00 24.45 ? 158  TYR A O   1 
ATOM   1262 C CB  . TYR A 1 158 ? 5.572   12.949  9.450   1.00 18.63 ? 158  TYR A CB  1 
ATOM   1263 C CG  . TYR A 1 158 ? 4.766   13.194  8.198   1.00 16.65 ? 158  TYR A CG  1 
ATOM   1264 C CD1 . TYR A 1 158 ? 3.364   13.070  8.217   1.00 15.44 ? 158  TYR A CD1 1 
ATOM   1265 C CD2 . TYR A 1 158 ? 5.397   13.600  7.014   1.00 15.33 ? 158  TYR A CD2 1 
ATOM   1266 C CE1 . TYR A 1 158 ? 2.622   13.330  7.078   1.00 15.17 ? 158  TYR A CE1 1 
ATOM   1267 C CE2 . TYR A 1 158 ? 4.669   13.864  5.861   1.00 14.90 ? 158  TYR A CE2 1 
ATOM   1268 C CZ  . TYR A 1 158 ? 3.293   13.715  5.891   1.00 15.07 ? 158  TYR A CZ  1 
ATOM   1269 O OH  . TYR A 1 158 ? 2.581   13.968  4.752   1.00 14.90 ? 158  TYR A OH  1 
ATOM   1270 N N   . ASN A 1 159 ? 6.790   14.855  12.378  1.00 27.73 ? 159  ASN A N   1 
ATOM   1271 C CA  . ASN A 1 159 ? 7.196   14.760  13.804  1.00 34.29 ? 159  ASN A CA  1 
ATOM   1272 C C   . ASN A 1 159 ? 5.993   14.768  14.769  1.00 39.48 ? 159  ASN A C   1 
ATOM   1273 O O   . ASN A 1 159 ? 5.576   13.716  15.280  1.00 41.89 ? 159  ASN A O   1 
ATOM   1274 C CB  . ASN A 1 159 ? 8.119   15.899  14.203  1.00 34.66 ? 159  ASN A CB  1 
ATOM   1275 C CG  . ASN A 1 159 ? 9.390   15.948  13.373  1.00 36.08 ? 159  ASN A CG  1 
ATOM   1276 O OD1 . ASN A 1 159 ? 9.342   15.775  12.164  1.00 36.88 ? 159  ASN A OD1 1 
ATOM   1277 N ND2 . ASN A 1 159 ? 10.534  16.223  14.022  1.00 33.10 ? 159  ASN A ND2 1 
HETATM 1278 C C1  . DMX B 2 .   ? -4.915  4.187   0.513   1.00 38.15 ? 1160 DMX A C1  1 
HETATM 1279 C C2  . DMX B 2 .   ? -4.664  2.864   0.891   1.00 36.84 ? 1160 DMX A C2  1 
HETATM 1280 C C3  . DMX B 2 .   ? -3.340  2.448   1.060   1.00 41.13 ? 1160 DMX A C3  1 
HETATM 1281 C C4  . DMX B 2 .   ? -2.250  3.316   0.825   1.00 41.84 ? 1160 DMX A C4  1 
HETATM 1282 C C5  . DMX B 2 .   ? -2.547  4.636   0.444   1.00 38.19 ? 1160 DMX A C5  1 
HETATM 1283 C C6  . DMX B 2 .   ? -3.859  5.084   0.291   1.00 37.81 ? 1160 DMX A C6  1 
HETATM 1284 C C7  . DMX B 2 .   ? -0.750  2.907   0.981   1.00 44.59 ? 1160 DMX A C7  1 
HETATM 1285 N N8  . DMX B 2 .   ? -0.278  1.499   0.764   1.00 45.47 ? 1160 DMX A N8  1 
HETATM 1286 C C9  . DMX B 2 .   ? 1.175   1.341   0.474   1.00 46.44 ? 1160 DMX A C9  1 
HETATM 1287 C C10 . DMX B 2 .   ? 3.080   -0.341  -0.087  1.00 62.20 ? 1160 DMX A C10 1 
HETATM 1288 S S11 . DMX B 2 .   ? 3.842   -1.781  0.374   1.00 82.70 ? 1160 DMX A S11 1 
HETATM 1289 C C12 . DMX B 2 .   ? -0.525  0.859   2.057   1.00 42.27 ? 1160 DMX A C12 1 
HETATM 1290 C C13 . DMX B 2 .   ? -1.026  0.905   -0.369  1.00 41.89 ? 1160 DMX A C13 1 
HETATM 1291 O O14 . DMX B 2 .   ? 3.715   -1.920  2.000   1.00 78.22 ? 1160 DMX A O14 1 
HETATM 1292 O O15 . DMX B 2 .   ? 5.467   -1.779  0.038   1.00 68.29 ? 1160 DMX A O15 1 
HETATM 1293 O O16 . DMX B 2 .   ? 3.109   -3.061  -0.362  1.00 76.03 ? 1160 DMX A O16 1 
HETATM 1294 C C17 . DMX B 2 .   ? 1.655   -0.126  0.451   1.00 51.86 ? 1160 DMX A C17 1 
HETATM 1295 S S   . SO4 C 3 .   ? 5.471   20.377  0.386   1.00 46.68 ? 1161 SO4 A S   1 
HETATM 1296 O O1  . SO4 C 3 .   ? 5.338   21.609  1.218   1.00 39.40 ? 1161 SO4 A O1  1 
HETATM 1297 O O2  . SO4 C 3 .   ? 5.138   19.278  1.325   1.00 46.21 ? 1161 SO4 A O2  1 
HETATM 1298 O O3  . SO4 C 3 .   ? 6.845   20.195  -0.172  1.00 49.80 ? 1161 SO4 A O3  1 
HETATM 1299 O O4  . SO4 C 3 .   ? 4.576   20.411  -0.797  1.00 42.79 ? 1161 SO4 A O4  1 
HETATM 1300 S S   . SO4 D 3 .   ? 9.193   -15.311 -15.372 1.00 47.70 ? 1162 SO4 A S   1 
HETATM 1301 O O1  . SO4 D 3 .   ? 8.979   -15.420 -16.839 1.00 47.30 ? 1162 SO4 A O1  1 
HETATM 1302 O O2  . SO4 D 3 .   ? 9.618   -13.940 -14.982 1.00 51.23 ? 1162 SO4 A O2  1 
HETATM 1303 O O3  . SO4 D 3 .   ? 10.258  -16.267 -14.962 1.00 50.14 ? 1162 SO4 A O3  1 
HETATM 1304 O O4  . SO4 D 3 .   ? 7.914   -15.606 -14.691 1.00 48.61 ? 1162 SO4 A O4  1 
HETATM 1305 S S   . SO4 E 3 .   ? -4.897  -1.160  20.043  1.00 72.75 ? 1163 SO4 A S   1 
HETATM 1306 O O1  . SO4 E 3 .   ? -4.104  -2.270  19.433  1.00 65.47 ? 1163 SO4 A O1  1 
HETATM 1307 O O2  . SO4 E 3 .   ? -5.242  -0.111  19.047  1.00 65.71 ? 1163 SO4 A O2  1 
HETATM 1308 O O3  . SO4 E 3 .   ? -4.047  -0.530  21.082  1.00 78.69 ? 1163 SO4 A O3  1 
HETATM 1309 O O4  . SO4 E 3 .   ? -6.138  -1.689  20.670  1.00 66.38 ? 1163 SO4 A O4  1 
HETATM 1310 O O   . HOH F 4 .   ? -0.620  -19.290 -1.150  1.00 11.14 ? 2001 HOH A O   1 
HETATM 1311 O O   . HOH F 4 .   ? 2.554   -18.048 -2.631  1.00 16.95 ? 2002 HOH A O   1 
HETATM 1312 O O   . HOH F 4 .   ? 3.640   -9.529  -0.334  1.00 24.00 ? 2003 HOH A O   1 
HETATM 1313 O O   . HOH F 4 .   ? 5.900   -14.333 -1.320  1.00 23.15 ? 2004 HOH A O   1 
HETATM 1314 O O   . HOH F 4 .   ? 8.877   -14.963 3.693   1.00 31.92 ? 2005 HOH A O   1 
HETATM 1315 O O   . HOH F 4 .   ? 9.821   -6.160  -1.097  1.00 35.27 ? 2006 HOH A O   1 
HETATM 1316 O O   . HOH F 4 .   ? 12.896  -9.904  9.762   1.00 37.82 ? 2007 HOH A O   1 
HETATM 1317 O O   . HOH F 4 .   ? 13.928  -7.338  6.299   1.00 30.77 ? 2008 HOH A O   1 
HETATM 1318 O O   . HOH F 4 .   ? 13.503  -4.531  -0.794  1.00 34.60 ? 2009 HOH A O   1 
HETATM 1319 O O   . HOH F 4 .   ? 16.776  0.569   4.422   1.00 30.28 ? 2010 HOH A O   1 
HETATM 1320 O O   . HOH F 4 .   ? 15.890  -1.356  9.107   1.00 22.81 ? 2011 HOH A O   1 
HETATM 1321 O O   . HOH F 4 .   ? 17.956  -0.033  7.612   1.00 28.19 ? 2012 HOH A O   1 
HETATM 1322 O O   . HOH F 4 .   ? -19.058 8.476   -5.286  1.00 31.70 ? 2013 HOH A O   1 
HETATM 1323 O O   . HOH F 4 .   ? 2.716   6.713   13.921  1.00 12.48 ? 2014 HOH A O   1 
HETATM 1324 O O   . HOH F 4 .   ? 9.662   7.515   14.901  1.00 14.23 ? 2015 HOH A O   1 
HETATM 1325 O O   . HOH F 4 .   ? 13.049  10.396  11.049  1.00 8.17  ? 2016 HOH A O   1 
HETATM 1326 O O   . HOH F 4 .   ? -0.525  11.477  9.281   1.00 20.45 ? 2017 HOH A O   1 
HETATM 1327 O O   . HOH F 4 .   ? -4.123  12.764  -16.135 1.00 42.72 ? 2018 HOH A O   1 
HETATM 1328 O O   . HOH F 4 .   ? -5.346  6.978   -19.681 1.00 8.34  ? 2019 HOH A O   1 
HETATM 1329 O O   . HOH F 4 .   ? -1.242  5.140   2.906   1.00 25.89 ? 2020 HOH A O   1 
HETATM 1330 O O   . HOH F 4 .   ? -4.626  6.195   4.494   1.00 28.14 ? 2021 HOH A O   1 
HETATM 1331 O O   . HOH F 4 .   ? 0.266   -2.083  -12.440 1.00 29.71 ? 2022 HOH A O   1 
HETATM 1332 O O   . HOH F 4 .   ? -10.836 0.086   -15.454 1.00 17.65 ? 2023 HOH A O   1 
HETATM 1333 O O   . HOH F 4 .   ? -12.297 1.709   -16.538 1.00 14.98 ? 2024 HOH A O   1 
HETATM 1334 O O   . HOH F 4 .   ? -3.922  8.741   3.825   1.00 26.79 ? 2025 HOH A O   1 
HETATM 1335 O O   . HOH F 4 .   ? -4.524  11.339  5.481   1.00 39.51 ? 2026 HOH A O   1 
HETATM 1336 O O   . HOH F 4 .   ? -1.032  15.185  -3.013  1.00 16.38 ? 2027 HOH A O   1 
HETATM 1337 O O   . HOH F 4 .   ? -2.382  -6.150  21.620  1.00 29.04 ? 2028 HOH A O   1 
HETATM 1338 O O   . HOH F 4 .   ? -2.665  -10.412 15.643  1.00 44.13 ? 2029 HOH A O   1 
HETATM 1339 O O   . HOH F 4 .   ? 0.350   13.398  -9.068  1.00 17.37 ? 2030 HOH A O   1 
HETATM 1340 O O   . HOH F 4 .   ? -15.601 -5.251  -9.915  1.00 22.60 ? 2031 HOH A O   1 
HETATM 1341 O O   . HOH F 4 .   ? -5.335  -12.071 -11.196 1.00 29.61 ? 2032 HOH A O   1 
HETATM 1342 O O   . HOH F 4 .   ? 9.377   10.234  -6.689  1.00 25.33 ? 2033 HOH A O   1 
HETATM 1343 O O   . HOH F 4 .   ? -4.869  9.422   -14.198 1.00 14.89 ? 2034 HOH A O   1 
HETATM 1344 O O   . HOH F 4 .   ? -8.319  8.970   -8.034  1.00 7.94  ? 2035 HOH A O   1 
HETATM 1345 O O   . HOH F 4 .   ? -4.846  13.242  -5.191  1.00 9.21  ? 2036 HOH A O   1 
HETATM 1346 O O   . HOH F 4 .   ? -10.612 9.562   -8.721  1.00 14.01 ? 2037 HOH A O   1 
HETATM 1347 O O   . HOH F 4 .   ? -15.359 11.957  0.719   1.00 21.80 ? 2038 HOH A O   1 
HETATM 1348 O O   . HOH F 4 .   ? -9.620  8.914   5.452   1.00 28.87 ? 2039 HOH A O   1 
HETATM 1349 O O   . HOH F 4 .   ? -15.419 11.196  3.791   1.00 22.45 ? 2040 HOH A O   1 
HETATM 1350 O O   . HOH F 4 .   ? -18.091 10.236  -2.856  1.00 33.08 ? 2041 HOH A O   1 
HETATM 1351 O O   . HOH F 4 .   ? -21.504 6.508   -1.335  1.00 47.54 ? 2042 HOH A O   1 
HETATM 1352 O O   . HOH F 4 .   ? -22.849 9.037   2.663   1.00 31.45 ? 2043 HOH A O   1 
HETATM 1353 O O   . HOH F 4 .   ? -15.915 6.498   8.656   1.00 8.04  ? 2044 HOH A O   1 
HETATM 1354 O O   . HOH F 4 .   ? -9.477  11.714  9.617   1.00 32.25 ? 2045 HOH A O   1 
HETATM 1355 O O   . HOH F 4 .   ? -10.885 11.097  5.830   1.00 24.87 ? 2046 HOH A O   1 
HETATM 1356 O O   . HOH F 4 .   ? -13.667 5.717   10.000  1.00 10.99 ? 2047 HOH A O   1 
HETATM 1357 O O   . HOH F 4 .   ? -6.016  5.736   8.664   1.00 18.61 ? 2048 HOH A O   1 
HETATM 1358 O O   . HOH F 4 .   ? -14.353 3.214   10.597  1.00 6.16  ? 2049 HOH A O   1 
HETATM 1359 O O   . HOH F 4 .   ? -16.988 0.350   3.792   1.00 9.70  ? 2050 HOH A O   1 
HETATM 1360 O O   . HOH F 4 .   ? 17.600  2.036   -0.310  1.00 37.87 ? 2051 HOH A O   1 
HETATM 1361 O O   . HOH F 4 .   ? -15.197 4.902   -10.108 1.00 32.37 ? 2052 HOH A O   1 
HETATM 1362 O O   . HOH F 4 .   ? -9.082  6.963   -12.721 1.00 24.21 ? 2053 HOH A O   1 
HETATM 1363 O O   . HOH F 4 .   ? -6.255  6.828   -14.464 1.00 9.80  ? 2054 HOH A O   1 
HETATM 1364 O O   . HOH F 4 .   ? -3.752  4.617   -16.288 1.00 7.53  ? 2055 HOH A O   1 
HETATM 1365 O O   . HOH F 4 .   ? -1.377  10.844  -16.376 1.00 14.59 ? 2056 HOH A O   1 
HETATM 1366 O O   . HOH F 4 .   ? 1.428   10.789  -20.670 1.00 31.69 ? 2057 HOH A O   1 
HETATM 1367 O O   . HOH F 4 .   ? -3.331  5.060   -20.526 1.00 7.52  ? 2058 HOH A O   1 
HETATM 1368 O O   . HOH F 4 .   ? -3.832  3.226   -18.398 1.00 7.07  ? 2059 HOH A O   1 
HETATM 1369 O O   . HOH F 4 .   ? -3.523  -2.729  -19.860 1.00 7.85  ? 2060 HOH A O   1 
HETATM 1370 O O   . HOH F 4 .   ? -6.339  -0.505  -18.190 1.00 7.20  ? 2061 HOH A O   1 
HETATM 1371 O O   . HOH F 4 .   ? -1.445  0.312   -13.048 1.00 20.20 ? 2062 HOH A O   1 
HETATM 1372 O O   . HOH F 4 .   ? -8.022  -0.912  -15.899 1.00 14.94 ? 2063 HOH A O   1 
HETATM 1373 O O   . HOH F 4 .   ? -12.361 3.532   -19.056 1.00 36.83 ? 2064 HOH A O   1 
HETATM 1374 O O   . HOH F 4 .   ? -13.879 -1.831  -12.838 1.00 17.39 ? 2065 HOH A O   1 
HETATM 1375 O O   . HOH F 4 .   ? -3.488  -0.446  -4.103  1.00 22.05 ? 2066 HOH A O   1 
HETATM 1376 O O   . HOH F 4 .   ? -10.363 -8.273  3.121   1.00 16.42 ? 2067 HOH A O   1 
HETATM 1377 O O   . HOH F 4 .   ? -12.796 -4.975  6.854   1.00 25.19 ? 2068 HOH A O   1 
HETATM 1378 O O   . HOH F 4 .   ? -6.674  -6.601  4.752   1.00 14.69 ? 2069 HOH A O   1 
HETATM 1379 O O   . HOH F 4 .   ? -6.501  -8.821  12.428  1.00 50.48 ? 2070 HOH A O   1 
HETATM 1380 O O   . HOH F 4 .   ? -8.164  -6.791  8.853   1.00 29.53 ? 2071 HOH A O   1 
HETATM 1381 O O   . HOH F 4 .   ? -5.377  1.984   16.176  1.00 10.12 ? 2072 HOH A O   1 
HETATM 1382 O O   . HOH F 4 .   ? -3.605  -5.008  15.499  1.00 30.46 ? 2073 HOH A O   1 
HETATM 1383 O O   . HOH F 4 .   ? -1.017  8.158   16.372  1.00 20.81 ? 2074 HOH A O   1 
HETATM 1384 O O   . HOH F 4 .   ? -6.408  6.189   11.346  1.00 18.60 ? 2075 HOH A O   1 
HETATM 1385 O O   . HOH F 4 .   ? 3.555   2.849   19.627  1.00 17.93 ? 2076 HOH A O   1 
HETATM 1386 O O   . HOH F 4 .   ? 5.713   -2.128  15.175  1.00 26.65 ? 2077 HOH A O   1 
HETATM 1387 O O   . HOH F 4 .   ? 4.500   -3.473  18.840  1.00 19.20 ? 2078 HOH A O   1 
HETATM 1388 O O   . HOH F 4 .   ? -1.083  -3.618  21.195  1.00 12.05 ? 2079 HOH A O   1 
HETATM 1389 O O   . HOH F 4 .   ? -2.323  -9.727  12.091  1.00 37.24 ? 2080 HOH A O   1 
HETATM 1390 O O   . HOH F 4 .   ? -1.011  -5.918  9.477   1.00 23.76 ? 2081 HOH A O   1 
HETATM 1391 O O   . HOH F 4 .   ? -1.856  -2.811  -3.108  1.00 24.00 ? 2082 HOH A O   1 
HETATM 1392 O O   . HOH F 4 .   ? -15.551 -6.030  -7.426  1.00 22.81 ? 2083 HOH A O   1 
HETATM 1393 O O   . HOH F 4 .   ? -13.359 -4.099  -10.844 1.00 13.78 ? 2084 HOH A O   1 
HETATM 1394 O O   . HOH F 4 .   ? -11.003 -4.277  -13.264 1.00 18.86 ? 2085 HOH A O   1 
HETATM 1395 O O   . HOH F 4 .   ? -10.400 -10.134 -12.748 1.00 11.92 ? 2086 HOH A O   1 
HETATM 1396 O O   . HOH F 4 .   ? -6.421  -9.687  -12.138 1.00 22.76 ? 2087 HOH A O   1 
HETATM 1397 O O   . HOH F 4 .   ? -15.397 -9.455  -9.062  1.00 24.68 ? 2088 HOH A O   1 
HETATM 1398 O O   . HOH F 4 .   ? -16.983 -15.024 -12.736 1.00 42.15 ? 2089 HOH A O   1 
HETATM 1399 O O   . HOH F 4 .   ? -14.913 -8.428  -6.692  1.00 12.74 ? 2090 HOH A O   1 
HETATM 1400 O O   . HOH F 4 .   ? -13.347 -12.321 -1.778  1.00 18.52 ? 2091 HOH A O   1 
HETATM 1401 O O   . HOH F 4 .   ? -2.080  -5.243  -3.701  1.00 18.89 ? 2092 HOH A O   1 
HETATM 1402 O O   . HOH F 4 .   ? 8.371   -1.350  16.921  1.00 29.57 ? 2093 HOH A O   1 
HETATM 1403 O O   . HOH F 4 .   ? 20.165  4.035   16.854  1.00 11.70 ? 2094 HOH A O   1 
HETATM 1404 O O   . HOH F 4 .   ? 18.862  -3.113  11.962  1.00 39.93 ? 2095 HOH A O   1 
HETATM 1405 O O   . HOH F 4 .   ? 8.308   -12.301 10.833  1.00 38.58 ? 2096 HOH A O   1 
HETATM 1406 O O   . HOH F 4 .   ? 5.834   -10.234 12.902  1.00 29.18 ? 2097 HOH A O   1 
HETATM 1407 O O   . HOH F 4 .   ? 1.646   -9.440  -4.377  1.00 22.77 ? 2098 HOH A O   1 
HETATM 1408 O O   . HOH F 4 .   ? -3.297  -15.950 7.398   1.00 36.57 ? 2099 HOH A O   1 
HETATM 1409 O O   . HOH F 4 .   ? -2.065  -7.376  -8.235  1.00 38.51 ? 2100 HOH A O   1 
HETATM 1410 O O   . HOH F 4 .   ? -11.221 -25.177 -6.513  1.00 30.15 ? 2101 HOH A O   1 
HETATM 1411 O O   . HOH F 4 .   ? -6.484  -20.258 -14.793 1.00 33.46 ? 2102 HOH A O   1 
HETATM 1412 O O   . HOH F 4 .   ? 0.627   -6.041  -13.810 1.00 39.63 ? 2103 HOH A O   1 
HETATM 1413 O O   . HOH F 4 .   ? -1.595  -7.031  -15.655 1.00 46.33 ? 2104 HOH A O   1 
HETATM 1414 O O   . HOH F 4 .   ? 10.787  -5.590  -14.696 1.00 24.82 ? 2105 HOH A O   1 
HETATM 1415 O O   . HOH F 4 .   ? 4.614   -1.924  -10.852 1.00 38.31 ? 2106 HOH A O   1 
HETATM 1416 O O   . HOH F 4 .   ? 7.289   -3.523  -1.582  1.00 30.28 ? 2107 HOH A O   1 
HETATM 1417 O O   . HOH F 4 .   ? -0.503  -2.194  -9.613  1.00 34.77 ? 2108 HOH A O   1 
HETATM 1418 O O   . HOH F 4 .   ? 10.471  5.888   -6.220  1.00 19.81 ? 2109 HOH A O   1 
HETATM 1419 O O   . HOH F 4 .   ? 15.081  6.677   -0.407  1.00 20.32 ? 2110 HOH A O   1 
HETATM 1420 O O   . HOH F 4 .   ? 16.637  2.838   2.279   1.00 25.64 ? 2111 HOH A O   1 
HETATM 1421 O O   . HOH F 4 .   ? 10.333  12.354  -2.824  1.00 16.87 ? 2112 HOH A O   1 
HETATM 1422 O O   . HOH F 4 .   ? 10.963  20.291  7.103   1.00 23.11 ? 2113 HOH A O   1 
HETATM 1423 O O   . HOH F 4 .   ? 5.772   17.758  12.402  1.00 23.76 ? 2114 HOH A O   1 
HETATM 1424 O O   . HOH F 4 .   ? 7.523   21.269  13.013  1.00 32.52 ? 2115 HOH A O   1 
HETATM 1425 O O   . HOH F 4 .   ? 11.112  21.274  15.760  1.00 37.45 ? 2116 HOH A O   1 
HETATM 1426 O O   . HOH F 4 .   ? 3.720   17.302  9.068   1.00 20.28 ? 2117 HOH A O   1 
HETATM 1427 O O   . HOH F 4 .   ? 6.028   11.112  13.977  1.00 23.39 ? 2118 HOH A O   1 
HETATM 1428 O O   . HOH F 4 .   ? 11.893  -13.250 -13.298 1.00 26.38 ? 2119 HOH A O   1 
HETATM 1429 O O   . HOH F 4 .   ? 9.718   -15.589 -10.477 1.00 21.44 ? 2120 HOH A O   1 
# 
loop_
_pdbx_poly_seq_scheme.asym_id 
_pdbx_poly_seq_scheme.entity_id 
_pdbx_poly_seq_scheme.seq_id 
_pdbx_poly_seq_scheme.mon_id 
_pdbx_poly_seq_scheme.ndb_seq_num 
_pdbx_poly_seq_scheme.pdb_seq_num 
_pdbx_poly_seq_scheme.auth_seq_num 
_pdbx_poly_seq_scheme.pdb_mon_id 
_pdbx_poly_seq_scheme.auth_mon_id 
_pdbx_poly_seq_scheme.pdb_strand_id 
_pdbx_poly_seq_scheme.pdb_ins_code 
_pdbx_poly_seq_scheme.hetero 
A 1 1   GLY 1   1   1   GLY GLY A . n 
A 1 2   VAL 2   2   2   VAL VAL A . n 
A 1 3   PHE 3   3   3   PHE PHE A . n 
A 1 4   ASN 4   4   4   ASN ASN A . n 
A 1 5   TYR 5   5   5   TYR TYR A . n 
A 1 6   GLU 6   6   6   GLU GLU A . n 
A 1 7   THR 7   7   7   THR THR A . n 
A 1 8   GLU 8   8   8   GLU GLU A . n 
A 1 9   THR 9   9   9   THR THR A . n 
A 1 10  THR 10  10  10  THR THR A . n 
A 1 11  SER 11  11  11  SER SER A . n 
A 1 12  VAL 12  12  12  VAL VAL A . n 
A 1 13  ILE 13  13  13  ILE ILE A . n 
A 1 14  PRO 14  14  14  PRO PRO A . n 
A 1 15  ALA 15  15  15  ALA ALA A . n 
A 1 16  ALA 16  16  16  ALA ALA A . n 
A 1 17  ARG 17  17  17  ARG ARG A . n 
A 1 18  LEU 18  18  18  LEU LEU A . n 
A 1 19  PHE 19  19  19  PHE PHE A . n 
A 1 20  LYS 20  20  20  LYS LYS A . n 
A 1 21  ALA 21  21  21  ALA ALA A . n 
A 1 22  PHE 22  22  22  PHE PHE A . n 
A 1 23  ILE 23  23  23  ILE ILE A . n 
A 1 24  LEU 24  24  24  LEU LEU A . n 
A 1 25  ASP 25  25  25  ASP ASP A . n 
A 1 26  GLY 26  26  26  GLY GLY A . n 
A 1 27  ASP 27  27  27  ASP ASP A . n 
A 1 28  ASN 28  28  28  ASN ASN A . n 
A 1 29  LEU 29  29  29  LEU LEU A . n 
A 1 30  PHE 30  30  30  PHE PHE A . n 
A 1 31  PRO 31  31  31  PRO PRO A . n 
A 1 32  LYS 32  32  32  LYS LYS A . n 
A 1 33  VAL 33  33  33  VAL VAL A . n 
A 1 34  ALA 34  34  34  ALA ALA A . n 
A 1 35  PRO 35  35  35  PRO PRO A . n 
A 1 36  GLN 36  36  36  GLN GLN A . n 
A 1 37  ALA 37  37  37  ALA ALA A . n 
A 1 38  ILE 38  38  38  ILE ILE A . n 
A 1 39  SER 39  39  39  SER SER A . n 
A 1 40  SER 40  40  40  SER SER A . n 
A 1 41  VAL 41  41  41  VAL VAL A . n 
A 1 42  GLU 42  42  42  GLU GLU A . n 
A 1 43  ASN 43  43  43  ASN ASN A . n 
A 1 44  ILE 44  44  44  ILE ILE A . n 
A 1 45  GLU 45  45  45  GLU GLU A . n 
A 1 46  GLY 46  46  46  GLY GLY A . n 
A 1 47  ASN 47  47  47  ASN ASN A . n 
A 1 48  GLY 48  48  48  GLY GLY A . n 
A 1 49  GLY 49  49  49  GLY GLY A . n 
A 1 50  PRO 50  50  50  PRO PRO A . n 
A 1 51  GLY 51  51  51  GLY GLY A . n 
A 1 52  THR 52  52  52  THR THR A . n 
A 1 53  ILE 53  53  53  ILE ILE A . n 
A 1 54  LYS 54  54  54  LYS LYS A . n 
A 1 55  LYS 55  55  55  LYS LYS A . n 
A 1 56  ILE 56  56  56  ILE ILE A . n 
A 1 57  SER 57  57  57  SER SER A . n 
A 1 58  PHE 58  58  58  PHE PHE A . n 
A 1 59  PRO 59  59  59  PRO PRO A . n 
A 1 60  GLU 60  60  60  GLU GLU A . n 
A 1 61  GLY 61  61  61  GLY GLY A . n 
A 1 62  PHE 62  62  62  PHE PHE A . n 
A 1 63  PRO 63  63  63  PRO PRO A . n 
A 1 64  PHE 64  64  64  PHE PHE A . n 
A 1 65  LYS 65  65  65  LYS LYS A . n 
A 1 66  TYR 66  66  66  TYR TYR A . n 
A 1 67  VAL 67  67  67  VAL VAL A . n 
A 1 68  LYS 68  68  68  LYS LYS A . n 
A 1 69  ASP 69  69  69  ASP ASP A . n 
A 1 70  ARG 70  70  70  ARG ARG A . n 
A 1 71  VAL 71  71  71  VAL VAL A . n 
A 1 72  ASP 72  72  72  ASP ASP A . n 
A 1 73  GLU 73  73  73  GLU GLU A . n 
A 1 74  VAL 74  74  74  VAL VAL A . n 
A 1 75  ASP 75  75  75  ASP ASP A . n 
A 1 76  HIS 76  76  76  HIS HIS A . n 
A 1 77  THR 77  77  77  THR THR A . n 
A 1 78  ASN 78  78  78  ASN ASN A . n 
A 1 79  PHE 79  79  79  PHE PHE A . n 
A 1 80  LYS 80  80  80  LYS LYS A . n 
A 1 81  TYR 81  81  81  TYR TYR A . n 
A 1 82  ASN 82  82  82  ASN ASN A . n 
A 1 83  TYR 83  83  83  TYR TYR A . n 
A 1 84  SER 84  84  84  SER SER A . n 
A 1 85  VAL 85  85  85  VAL VAL A . n 
A 1 86  ILE 86  86  86  ILE ILE A . n 
A 1 87  GLU 87  87  87  GLU GLU A . n 
A 1 88  GLY 88  88  88  GLY GLY A . n 
A 1 89  GLY 89  89  89  GLY GLY A . n 
A 1 90  PRO 90  90  90  PRO PRO A . n 
A 1 91  ILE 91  91  91  ILE ILE A . n 
A 1 92  GLY 92  92  92  GLY GLY A . n 
A 1 93  ASP 93  93  93  ASP ASP A . n 
A 1 94  THR 94  94  94  THR THR A . n 
A 1 95  LEU 95  95  95  LEU LEU A . n 
A 1 96  GLU 96  96  96  GLU GLU A . n 
A 1 97  LYS 97  97  97  LYS LYS A . n 
A 1 98  ILE 98  98  98  ILE ILE A . n 
A 1 99  SER 99  99  99  SER SER A . n 
A 1 100 ASN 100 100 100 ASN ASN A . n 
A 1 101 GLU 101 101 101 GLU GLU A . n 
A 1 102 ILE 102 102 102 ILE ILE A . n 
A 1 103 LYS 103 103 103 LYS LYS A . n 
A 1 104 ILE 104 104 104 ILE ILE A . n 
A 1 105 VAL 105 105 105 VAL VAL A . n 
A 1 106 ALA 106 106 106 ALA ALA A . n 
A 1 107 THR 107 107 107 THR THR A . n 
A 1 108 PRO 108 108 108 PRO PRO A . n 
A 1 109 ASP 109 109 109 ASP ASP A . n 
A 1 110 GLY 110 110 110 GLY GLY A . n 
A 1 111 GLY 111 111 111 GLY GLY A . n 
A 1 112 SER 112 112 112 SER SER A . n 
A 1 113 ILE 113 113 113 ILE ILE A . n 
A 1 114 LEU 114 114 114 LEU LEU A . n 
A 1 115 LYS 115 115 115 LYS LYS A . n 
A 1 116 ILE 116 116 116 ILE ILE A . n 
A 1 117 SER 117 117 117 SER SER A . n 
A 1 118 ASN 118 118 118 ASN ASN A . n 
A 1 119 LYS 119 119 119 LYS LYS A . n 
A 1 120 TYR 120 120 120 TYR TYR A . n 
A 1 121 HIS 121 121 121 HIS HIS A . n 
A 1 122 THR 122 122 122 THR THR A . n 
A 1 123 LYS 123 123 123 LYS LYS A . n 
A 1 124 GLY 124 124 124 GLY GLY A . n 
A 1 125 ASP 125 125 125 ASP ASP A . n 
A 1 126 HIS 126 126 126 HIS HIS A . n 
A 1 127 GLU 127 127 127 GLU GLU A . n 
A 1 128 VAL 128 128 128 VAL VAL A . n 
A 1 129 LYS 129 129 129 LYS LYS A . n 
A 1 130 ALA 130 130 130 ALA ALA A . n 
A 1 131 GLU 131 131 131 GLU GLU A . n 
A 1 132 GLN 132 132 132 GLN GLN A . n 
A 1 133 VAL 133 133 133 VAL VAL A . n 
A 1 134 LYS 134 134 134 LYS LYS A . n 
A 1 135 ALA 135 135 135 ALA ALA A . n 
A 1 136 SER 136 136 136 SER SER A . n 
A 1 137 LYS 137 137 137 LYS LYS A . n 
A 1 138 GLU 138 138 138 GLU GLU A . n 
A 1 139 MET 139 139 139 MET MET A . n 
A 1 140 GLY 140 140 140 GLY GLY A . n 
A 1 141 GLU 141 141 141 GLU GLU A . n 
A 1 142 THR 142 142 142 THR THR A . n 
A 1 143 LEU 143 143 143 LEU LEU A . n 
A 1 144 LEU 144 144 144 LEU LEU A . n 
A 1 145 ARG 145 145 145 ARG ARG A . n 
A 1 146 ALA 146 146 146 ALA ALA A . n 
A 1 147 VAL 147 147 147 VAL VAL A . n 
A 1 148 GLU 148 148 148 GLU GLU A . n 
A 1 149 SER 149 149 149 SER SER A . n 
A 1 150 TYR 150 150 150 TYR TYR A . n 
A 1 151 LEU 151 151 151 LEU LEU A . n 
A 1 152 LEU 152 152 152 LEU LEU A . n 
A 1 153 ALA 153 153 153 ALA ALA A . n 
A 1 154 HIS 154 154 154 HIS HIS A . n 
A 1 155 SER 155 155 155 SER SER A . n 
A 1 156 ASP 156 156 156 ASP ASP A . n 
A 1 157 ALA 157 157 157 ALA ALA A . n 
A 1 158 TYR 158 158 158 TYR TYR A . n 
A 1 159 ASN 159 159 159 ASN ASN A . n 
# 
loop_
_pdbx_nonpoly_scheme.asym_id 
_pdbx_nonpoly_scheme.entity_id 
_pdbx_nonpoly_scheme.mon_id 
_pdbx_nonpoly_scheme.ndb_seq_num 
_pdbx_nonpoly_scheme.pdb_seq_num 
_pdbx_nonpoly_scheme.auth_seq_num 
_pdbx_nonpoly_scheme.pdb_mon_id 
_pdbx_nonpoly_scheme.auth_mon_id 
_pdbx_nonpoly_scheme.pdb_strand_id 
_pdbx_nonpoly_scheme.pdb_ins_code 
B 2 DMX 1   1160 1160 DMX DMX A . 
C 3 SO4 1   1161 1161 SO4 SO4 A . 
D 3 SO4 1   1162 1162 SO4 SO4 A . 
E 3 SO4 1   1163 1163 SO4 SO4 A . 
F 4 HOH 1   2001 2001 HOH HOH A . 
F 4 HOH 2   2002 2002 HOH HOH A . 
F 4 HOH 3   2003 2003 HOH HOH A . 
F 4 HOH 4   2004 2004 HOH HOH A . 
F 4 HOH 5   2005 2005 HOH HOH A . 
F 4 HOH 6   2006 2006 HOH HOH A . 
F 4 HOH 7   2007 2007 HOH HOH A . 
F 4 HOH 8   2008 2008 HOH HOH A . 
F 4 HOH 9   2009 2009 HOH HOH A . 
F 4 HOH 10  2010 2010 HOH HOH A . 
F 4 HOH 11  2011 2011 HOH HOH A . 
F 4 HOH 12  2012 2012 HOH HOH A . 
F 4 HOH 13  2013 2013 HOH HOH A . 
F 4 HOH 14  2014 2014 HOH HOH A . 
F 4 HOH 15  2015 2015 HOH HOH A . 
F 4 HOH 16  2016 2016 HOH HOH A . 
F 4 HOH 17  2017 2017 HOH HOH A . 
F 4 HOH 18  2018 2018 HOH HOH A . 
F 4 HOH 19  2019 2019 HOH HOH A . 
F 4 HOH 20  2020 2020 HOH HOH A . 
F 4 HOH 21  2021 2021 HOH HOH A . 
F 4 HOH 22  2022 2022 HOH HOH A . 
F 4 HOH 23  2023 2023 HOH HOH A . 
F 4 HOH 24  2024 2024 HOH HOH A . 
F 4 HOH 25  2025 2025 HOH HOH A . 
F 4 HOH 26  2026 2026 HOH HOH A . 
F 4 HOH 27  2027 2027 HOH HOH A . 
F 4 HOH 28  2028 2028 HOH HOH A . 
F 4 HOH 29  2029 2029 HOH HOH A . 
F 4 HOH 30  2030 2030 HOH HOH A . 
F 4 HOH 31  2031 2031 HOH HOH A . 
F 4 HOH 32  2032 2032 HOH HOH A . 
F 4 HOH 33  2033 2033 HOH HOH A . 
F 4 HOH 34  2034 2034 HOH HOH A . 
F 4 HOH 35  2035 2035 HOH HOH A . 
F 4 HOH 36  2036 2036 HOH HOH A . 
F 4 HOH 37  2037 2037 HOH HOH A . 
F 4 HOH 38  2038 2038 HOH HOH A . 
F 4 HOH 39  2039 2039 HOH HOH A . 
F 4 HOH 40  2040 2040 HOH HOH A . 
F 4 HOH 41  2041 2041 HOH HOH A . 
F 4 HOH 42  2042 2042 HOH HOH A . 
F 4 HOH 43  2043 2043 HOH HOH A . 
F 4 HOH 44  2044 2044 HOH HOH A . 
F 4 HOH 45  2045 2045 HOH HOH A . 
F 4 HOH 46  2046 2046 HOH HOH A . 
F 4 HOH 47  2047 2047 HOH HOH A . 
F 4 HOH 48  2048 2048 HOH HOH A . 
F 4 HOH 49  2049 2049 HOH HOH A . 
F 4 HOH 50  2050 2050 HOH HOH A . 
F 4 HOH 51  2051 2051 HOH HOH A . 
F 4 HOH 52  2052 2052 HOH HOH A . 
F 4 HOH 53  2053 2053 HOH HOH A . 
F 4 HOH 54  2054 2054 HOH HOH A . 
F 4 HOH 55  2055 2055 HOH HOH A . 
F 4 HOH 56  2056 2056 HOH HOH A . 
F 4 HOH 57  2057 2057 HOH HOH A . 
F 4 HOH 58  2058 2058 HOH HOH A . 
F 4 HOH 59  2059 2059 HOH HOH A . 
F 4 HOH 60  2060 2060 HOH HOH A . 
F 4 HOH 61  2061 2061 HOH HOH A . 
F 4 HOH 62  2062 2062 HOH HOH A . 
F 4 HOH 63  2063 2063 HOH HOH A . 
F 4 HOH 64  2064 2064 HOH HOH A . 
F 4 HOH 65  2065 2065 HOH HOH A . 
F 4 HOH 66  2066 2066 HOH HOH A . 
F 4 HOH 67  2067 2067 HOH HOH A . 
F 4 HOH 68  2068 2068 HOH HOH A . 
F 4 HOH 69  2069 2069 HOH HOH A . 
F 4 HOH 70  2070 2070 HOH HOH A . 
F 4 HOH 71  2071 2071 HOH HOH A . 
F 4 HOH 72  2072 2072 HOH HOH A . 
F 4 HOH 73  2073 2073 HOH HOH A . 
F 4 HOH 74  2074 2074 HOH HOH A . 
F 4 HOH 75  2075 2075 HOH HOH A . 
F 4 HOH 76  2076 2076 HOH HOH A . 
F 4 HOH 77  2077 2077 HOH HOH A . 
F 4 HOH 78  2078 2078 HOH HOH A . 
F 4 HOH 79  2079 2079 HOH HOH A . 
F 4 HOH 80  2080 2080 HOH HOH A . 
F 4 HOH 81  2081 2081 HOH HOH A . 
F 4 HOH 82  2082 2082 HOH HOH A . 
F 4 HOH 83  2083 2083 HOH HOH A . 
F 4 HOH 84  2084 2084 HOH HOH A . 
F 4 HOH 85  2085 2085 HOH HOH A . 
F 4 HOH 86  2086 2086 HOH HOH A . 
F 4 HOH 87  2087 2087 HOH HOH A . 
F 4 HOH 88  2088 2088 HOH HOH A . 
F 4 HOH 89  2089 2089 HOH HOH A . 
F 4 HOH 90  2090 2090 HOH HOH A . 
F 4 HOH 91  2091 2091 HOH HOH A . 
F 4 HOH 92  2092 2092 HOH HOH A . 
F 4 HOH 93  2093 2093 HOH HOH A . 
F 4 HOH 94  2094 2094 HOH HOH A . 
F 4 HOH 95  2095 2095 HOH HOH A . 
F 4 HOH 96  2096 2096 HOH HOH A . 
F 4 HOH 97  2097 2097 HOH HOH A . 
F 4 HOH 98  2098 2098 HOH HOH A . 
F 4 HOH 99  2099 2099 HOH HOH A . 
F 4 HOH 100 2100 2100 HOH HOH A . 
F 4 HOH 101 2101 2101 HOH HOH A . 
F 4 HOH 102 2102 2102 HOH HOH A . 
F 4 HOH 103 2103 2103 HOH HOH A . 
F 4 HOH 104 2104 2104 HOH HOH A . 
F 4 HOH 105 2105 2105 HOH HOH A . 
F 4 HOH 106 2106 2106 HOH HOH A . 
F 4 HOH 107 2107 2107 HOH HOH A . 
F 4 HOH 108 2108 2108 HOH HOH A . 
F 4 HOH 109 2109 2109 HOH HOH A . 
F 4 HOH 110 2110 2110 HOH HOH A . 
F 4 HOH 111 2111 2111 HOH HOH A . 
F 4 HOH 112 2112 2112 HOH HOH A . 
F 4 HOH 113 2113 2113 HOH HOH A . 
F 4 HOH 114 2114 2114 HOH HOH A . 
F 4 HOH 115 2115 2115 HOH HOH A . 
F 4 HOH 116 2116 2116 HOH HOH A . 
F 4 HOH 117 2117 2117 HOH HOH A . 
F 4 HOH 118 2118 2118 HOH HOH A . 
F 4 HOH 119 2119 2119 HOH HOH A . 
F 4 HOH 120 2120 2120 HOH HOH A . 
# 
_pdbx_struct_assembly.id                   1 
_pdbx_struct_assembly.details              author_and_software_defined_assembly 
_pdbx_struct_assembly.method_details       PISA 
_pdbx_struct_assembly.oligomeric_details   monomeric 
_pdbx_struct_assembly.oligomeric_count     1 
# 
_pdbx_struct_assembly_gen.assembly_id       1 
_pdbx_struct_assembly_gen.oper_expression   1 
_pdbx_struct_assembly_gen.asym_id_list      A,B,C,D,E,F 
# 
_pdbx_struct_oper_list.id                   1 
_pdbx_struct_oper_list.type                 'identity operation' 
_pdbx_struct_oper_list.name                 1_555 
_pdbx_struct_oper_list.symmetry_operation   x,y,z 
_pdbx_struct_oper_list.matrix[1][1]         1.0000000000 
_pdbx_struct_oper_list.matrix[1][2]         0.0000000000 
_pdbx_struct_oper_list.matrix[1][3]         0.0000000000 
_pdbx_struct_oper_list.vector[1]            0.0000000000 
_pdbx_struct_oper_list.matrix[2][1]         0.0000000000 
_pdbx_struct_oper_list.matrix[2][2]         1.0000000000 
_pdbx_struct_oper_list.matrix[2][3]         0.0000000000 
_pdbx_struct_oper_list.vector[2]            0.0000000000 
_pdbx_struct_oper_list.matrix[3][1]         0.0000000000 
_pdbx_struct_oper_list.matrix[3][2]         0.0000000000 
_pdbx_struct_oper_list.matrix[3][3]         1.0000000000 
_pdbx_struct_oper_list.vector[3]            0.0000000000 
# 
loop_
_pdbx_audit_revision_history.ordinal 
_pdbx_audit_revision_history.data_content_type 
_pdbx_audit_revision_history.major_revision 
_pdbx_audit_revision_history.minor_revision 
_pdbx_audit_revision_history.revision_date 
1 'Structure model' 1 0 2012-05-30 
2 'Structure model' 1 1 2012-08-15 
3 'Structure model' 1 2 2017-07-05 
4 'Structure model' 1 3 2023-12-20 
# 
_pdbx_audit_revision_details.ordinal             1 
_pdbx_audit_revision_details.revision_ordinal    1 
_pdbx_audit_revision_details.data_content_type   'Structure model' 
_pdbx_audit_revision_details.provider            repository 
_pdbx_audit_revision_details.type                'Initial release' 
_pdbx_audit_revision_details.description         ? 
_pdbx_audit_revision_details.details             ? 
# 
loop_
_pdbx_audit_revision_group.ordinal 
_pdbx_audit_revision_group.revision_ordinal 
_pdbx_audit_revision_group.data_content_type 
_pdbx_audit_revision_group.group 
1 2 'Structure model' 'Database references'    
2 3 'Structure model' 'Data collection'        
3 4 'Structure model' 'Data collection'        
4 4 'Structure model' 'Database references'    
5 4 'Structure model' 'Derived calculations'   
6 4 'Structure model' Other                    
7 4 'Structure model' 'Refinement description' 
# 
loop_
_pdbx_audit_revision_category.ordinal 
_pdbx_audit_revision_category.revision_ordinal 
_pdbx_audit_revision_category.data_content_type 
_pdbx_audit_revision_category.category 
1 3 'Structure model' diffrn_source                 
2 4 'Structure model' chem_comp_atom                
3 4 'Structure model' chem_comp_bond                
4 4 'Structure model' database_2                    
5 4 'Structure model' pdbx_database_status          
6 4 'Structure model' pdbx_initial_refinement_model 
7 4 'Structure model' struct_site                   
# 
loop_
_pdbx_audit_revision_item.ordinal 
_pdbx_audit_revision_item.revision_ordinal 
_pdbx_audit_revision_item.data_content_type 
_pdbx_audit_revision_item.item 
1 3 'Structure model' '_diffrn_source.type'                  
2 4 'Structure model' '_database_2.pdbx_DOI'                 
3 4 'Structure model' '_database_2.pdbx_database_accession'  
4 4 'Structure model' '_pdbx_database_status.status_code_sf' 
5 4 'Structure model' '_struct_site.pdbx_auth_asym_id'       
6 4 'Structure model' '_struct_site.pdbx_auth_comp_id'       
7 4 'Structure model' '_struct_site.pdbx_auth_seq_id'        
# 
loop_
_software.name 
_software.classification 
_software.version 
_software.citation_id 
_software.pdbx_ordinal 
REFMAC  refinement       5.6.0117 ? 1 
iMOSFLM 'data reduction' .        ? 2 
SCALA   'data scaling'   .        ? 3 
PHASER  phasing          .        ? 4 
# 
_pdbx_entry_details.entry_id                 4A8G 
_pdbx_entry_details.compound_details         ? 
_pdbx_entry_details.source_details           ? 
_pdbx_entry_details.nonpolymer_details       ? 
_pdbx_entry_details.sequence_details         
;THE UNIPROT SEQUENCE IS FURTHER PROCESSED INTO A MATURE
FORM. STARTING METHIONINE OF MATURE PROTEIN IS CLEAVED.
;
_pdbx_entry_details.has_ligand_of_interest   ? 
# 
_pdbx_validate_close_contact.id               1 
_pdbx_validate_close_contact.PDB_model_num    1 
_pdbx_validate_close_contact.auth_atom_id_1   NZ 
_pdbx_validate_close_contact.auth_asym_id_1   A 
_pdbx_validate_close_contact.auth_comp_id_1   LYS 
_pdbx_validate_close_contact.auth_seq_id_1    134 
_pdbx_validate_close_contact.PDB_ins_code_1   ? 
_pdbx_validate_close_contact.label_alt_id_1   ? 
_pdbx_validate_close_contact.auth_atom_id_2   O 
_pdbx_validate_close_contact.auth_asym_id_2   A 
_pdbx_validate_close_contact.auth_comp_id_2   HOH 
_pdbx_validate_close_contact.auth_seq_id_2    2105 
_pdbx_validate_close_contact.PDB_ins_code_2   ? 
_pdbx_validate_close_contact.label_alt_id_2   ? 
_pdbx_validate_close_contact.dist             2.18 
# 
loop_
_pdbx_validate_torsion.id 
_pdbx_validate_torsion.PDB_model_num 
_pdbx_validate_torsion.auth_comp_id 
_pdbx_validate_torsion.auth_asym_id 
_pdbx_validate_torsion.auth_seq_id 
_pdbx_validate_torsion.PDB_ins_code 
_pdbx_validate_torsion.label_alt_id 
_pdbx_validate_torsion.phi 
_pdbx_validate_torsion.psi 
1 1 ILE A 23  ? ? -95.36 -64.93 
2 1 LYS A 123 ? ? -64.52 95.39  
# 
loop_
_chem_comp_atom.comp_id 
_chem_comp_atom.atom_id 
_chem_comp_atom.type_symbol 
_chem_comp_atom.pdbx_aromatic_flag 
_chem_comp_atom.pdbx_stereo_config 
_chem_comp_atom.pdbx_ordinal 
ALA N    N N N 1   
ALA CA   C N S 2   
ALA C    C N N 3   
ALA O    O N N 4   
ALA CB   C N N 5   
ALA OXT  O N N 6   
ALA H    H N N 7   
ALA H2   H N N 8   
ALA HA   H N N 9   
ALA HB1  H N N 10  
ALA HB2  H N N 11  
ALA HB3  H N N 12  
ALA HXT  H N N 13  
ARG N    N N N 14  
ARG CA   C N S 15  
ARG C    C N N 16  
ARG O    O N N 17  
ARG CB   C N N 18  
ARG CG   C N N 19  
ARG CD   C N N 20  
ARG NE   N N N 21  
ARG CZ   C N N 22  
ARG NH1  N N N 23  
ARG NH2  N N N 24  
ARG OXT  O N N 25  
ARG H    H N N 26  
ARG H2   H N N 27  
ARG HA   H N N 28  
ARG HB2  H N N 29  
ARG HB3  H N N 30  
ARG HG2  H N N 31  
ARG HG3  H N N 32  
ARG HD2  H N N 33  
ARG HD3  H N N 34  
ARG HE   H N N 35  
ARG HH11 H N N 36  
ARG HH12 H N N 37  
ARG HH21 H N N 38  
ARG HH22 H N N 39  
ARG HXT  H N N 40  
ASN N    N N N 41  
ASN CA   C N S 42  
ASN C    C N N 43  
ASN O    O N N 44  
ASN CB   C N N 45  
ASN CG   C N N 46  
ASN OD1  O N N 47  
ASN ND2  N N N 48  
ASN OXT  O N N 49  
ASN H    H N N 50  
ASN H2   H N N 51  
ASN HA   H N N 52  
ASN HB2  H N N 53  
ASN HB3  H N N 54  
ASN HD21 H N N 55  
ASN HD22 H N N 56  
ASN HXT  H N N 57  
ASP N    N N N 58  
ASP CA   C N S 59  
ASP C    C N N 60  
ASP O    O N N 61  
ASP CB   C N N 62  
ASP CG   C N N 63  
ASP OD1  O N N 64  
ASP OD2  O N N 65  
ASP OXT  O N N 66  
ASP H    H N N 67  
ASP H2   H N N 68  
ASP HA   H N N 69  
ASP HB2  H N N 70  
ASP HB3  H N N 71  
ASP HD2  H N N 72  
ASP HXT  H N N 73  
DMX C1   C Y N 74  
DMX C2   C Y N 75  
DMX C3   C Y N 76  
DMX C4   C Y N 77  
DMX C5   C Y N 78  
DMX C6   C Y N 79  
DMX C7   C N N 80  
DMX N8   N N N 81  
DMX C9   C N N 82  
DMX C10  C N N 83  
DMX S11  S N N 84  
DMX C12  C N N 85  
DMX C13  C N N 86  
DMX O14  O N N 87  
DMX O15  O N N 88  
DMX O16  O N N 89  
DMX C17  C N N 90  
DMX H1   H N N 91  
DMX H2   H N N 92  
DMX H3   H N N 93  
DMX H5   H N N 94  
DMX H6   H N N 95  
DMX H71  H N N 96  
DMX H72  H N N 97  
DMX H91  H N N 98  
DMX H92  H N N 99  
DMX H101 H N N 100 
DMX H102 H N N 101 
DMX H121 H N N 102 
DMX H122 H N N 103 
DMX H123 H N N 104 
DMX H131 H N N 105 
DMX H132 H N N 106 
DMX H133 H N N 107 
DMX H171 H N N 108 
DMX H172 H N N 109 
GLN N    N N N 110 
GLN CA   C N S 111 
GLN C    C N N 112 
GLN O    O N N 113 
GLN CB   C N N 114 
GLN CG   C N N 115 
GLN CD   C N N 116 
GLN OE1  O N N 117 
GLN NE2  N N N 118 
GLN OXT  O N N 119 
GLN H    H N N 120 
GLN H2   H N N 121 
GLN HA   H N N 122 
GLN HB2  H N N 123 
GLN HB3  H N N 124 
GLN HG2  H N N 125 
GLN HG3  H N N 126 
GLN HE21 H N N 127 
GLN HE22 H N N 128 
GLN HXT  H N N 129 
GLU N    N N N 130 
GLU CA   C N S 131 
GLU C    C N N 132 
GLU O    O N N 133 
GLU CB   C N N 134 
GLU CG   C N N 135 
GLU CD   C N N 136 
GLU OE1  O N N 137 
GLU OE2  O N N 138 
GLU OXT  O N N 139 
GLU H    H N N 140 
GLU H2   H N N 141 
GLU HA   H N N 142 
GLU HB2  H N N 143 
GLU HB3  H N N 144 
GLU HG2  H N N 145 
GLU HG3  H N N 146 
GLU HE2  H N N 147 
GLU HXT  H N N 148 
GLY N    N N N 149 
GLY CA   C N N 150 
GLY C    C N N 151 
GLY O    O N N 152 
GLY OXT  O N N 153 
GLY H    H N N 154 
GLY H2   H N N 155 
GLY HA2  H N N 156 
GLY HA3  H N N 157 
GLY HXT  H N N 158 
HIS N    N N N 159 
HIS CA   C N S 160 
HIS C    C N N 161 
HIS O    O N N 162 
HIS CB   C N N 163 
HIS CG   C Y N 164 
HIS ND1  N Y N 165 
HIS CD2  C Y N 166 
HIS CE1  C Y N 167 
HIS NE2  N Y N 168 
HIS OXT  O N N 169 
HIS H    H N N 170 
HIS H2   H N N 171 
HIS HA   H N N 172 
HIS HB2  H N N 173 
HIS HB3  H N N 174 
HIS HD1  H N N 175 
HIS HD2  H N N 176 
HIS HE1  H N N 177 
HIS HE2  H N N 178 
HIS HXT  H N N 179 
HOH O    O N N 180 
HOH H1   H N N 181 
HOH H2   H N N 182 
ILE N    N N N 183 
ILE CA   C N S 184 
ILE C    C N N 185 
ILE O    O N N 186 
ILE CB   C N S 187 
ILE CG1  C N N 188 
ILE CG2  C N N 189 
ILE CD1  C N N 190 
ILE OXT  O N N 191 
ILE H    H N N 192 
ILE H2   H N N 193 
ILE HA   H N N 194 
ILE HB   H N N 195 
ILE HG12 H N N 196 
ILE HG13 H N N 197 
ILE HG21 H N N 198 
ILE HG22 H N N 199 
ILE HG23 H N N 200 
ILE HD11 H N N 201 
ILE HD12 H N N 202 
ILE HD13 H N N 203 
ILE HXT  H N N 204 
LEU N    N N N 205 
LEU CA   C N S 206 
LEU C    C N N 207 
LEU O    O N N 208 
LEU CB   C N N 209 
LEU CG   C N N 210 
LEU CD1  C N N 211 
LEU CD2  C N N 212 
LEU OXT  O N N 213 
LEU H    H N N 214 
LEU H2   H N N 215 
LEU HA   H N N 216 
LEU HB2  H N N 217 
LEU HB3  H N N 218 
LEU HG   H N N 219 
LEU HD11 H N N 220 
LEU HD12 H N N 221 
LEU HD13 H N N 222 
LEU HD21 H N N 223 
LEU HD22 H N N 224 
LEU HD23 H N N 225 
LEU HXT  H N N 226 
LYS N    N N N 227 
LYS CA   C N S 228 
LYS C    C N N 229 
LYS O    O N N 230 
LYS CB   C N N 231 
LYS CG   C N N 232 
LYS CD   C N N 233 
LYS CE   C N N 234 
LYS NZ   N N N 235 
LYS OXT  O N N 236 
LYS H    H N N 237 
LYS H2   H N N 238 
LYS HA   H N N 239 
LYS HB2  H N N 240 
LYS HB3  H N N 241 
LYS HG2  H N N 242 
LYS HG3  H N N 243 
LYS HD2  H N N 244 
LYS HD3  H N N 245 
LYS HE2  H N N 246 
LYS HE3  H N N 247 
LYS HZ1  H N N 248 
LYS HZ2  H N N 249 
LYS HZ3  H N N 250 
LYS HXT  H N N 251 
MET N    N N N 252 
MET CA   C N S 253 
MET C    C N N 254 
MET O    O N N 255 
MET CB   C N N 256 
MET CG   C N N 257 
MET SD   S N N 258 
MET CE   C N N 259 
MET OXT  O N N 260 
MET H    H N N 261 
MET H2   H N N 262 
MET HA   H N N 263 
MET HB2  H N N 264 
MET HB3  H N N 265 
MET HG2  H N N 266 
MET HG3  H N N 267 
MET HE1  H N N 268 
MET HE2  H N N 269 
MET HE3  H N N 270 
MET HXT  H N N 271 
PHE N    N N N 272 
PHE CA   C N S 273 
PHE C    C N N 274 
PHE O    O N N 275 
PHE CB   C N N 276 
PHE CG   C Y N 277 
PHE CD1  C Y N 278 
PHE CD2  C Y N 279 
PHE CE1  C Y N 280 
PHE CE2  C Y N 281 
PHE CZ   C Y N 282 
PHE OXT  O N N 283 
PHE H    H N N 284 
PHE H2   H N N 285 
PHE HA   H N N 286 
PHE HB2  H N N 287 
PHE HB3  H N N 288 
PHE HD1  H N N 289 
PHE HD2  H N N 290 
PHE HE1  H N N 291 
PHE HE2  H N N 292 
PHE HZ   H N N 293 
PHE HXT  H N N 294 
PRO N    N N N 295 
PRO CA   C N S 296 
PRO C    C N N 297 
PRO O    O N N 298 
PRO CB   C N N 299 
PRO CG   C N N 300 
PRO CD   C N N 301 
PRO OXT  O N N 302 
PRO H    H N N 303 
PRO HA   H N N 304 
PRO HB2  H N N 305 
PRO HB3  H N N 306 
PRO HG2  H N N 307 
PRO HG3  H N N 308 
PRO HD2  H N N 309 
PRO HD3  H N N 310 
PRO HXT  H N N 311 
SER N    N N N 312 
SER CA   C N S 313 
SER C    C N N 314 
SER O    O N N 315 
SER CB   C N N 316 
SER OG   O N N 317 
SER OXT  O N N 318 
SER H    H N N 319 
SER H2   H N N 320 
SER HA   H N N 321 
SER HB2  H N N 322 
SER HB3  H N N 323 
SER HG   H N N 324 
SER HXT  H N N 325 
SO4 S    S N N 326 
SO4 O1   O N N 327 
SO4 O2   O N N 328 
SO4 O3   O N N 329 
SO4 O4   O N N 330 
THR N    N N N 331 
THR CA   C N S 332 
THR C    C N N 333 
THR O    O N N 334 
THR CB   C N R 335 
THR OG1  O N N 336 
THR CG2  C N N 337 
THR OXT  O N N 338 
THR H    H N N 339 
THR H2   H N N 340 
THR HA   H N N 341 
THR HB   H N N 342 
THR HG1  H N N 343 
THR HG21 H N N 344 
THR HG22 H N N 345 
THR HG23 H N N 346 
THR HXT  H N N 347 
TYR N    N N N 348 
TYR CA   C N S 349 
TYR C    C N N 350 
TYR O    O N N 351 
TYR CB   C N N 352 
TYR CG   C Y N 353 
TYR CD1  C Y N 354 
TYR CD2  C Y N 355 
TYR CE1  C Y N 356 
TYR CE2  C Y N 357 
TYR CZ   C Y N 358 
TYR OH   O N N 359 
TYR OXT  O N N 360 
TYR H    H N N 361 
TYR H2   H N N 362 
TYR HA   H N N 363 
TYR HB2  H N N 364 
TYR HB3  H N N 365 
TYR HD1  H N N 366 
TYR HD2  H N N 367 
TYR HE1  H N N 368 
TYR HE2  H N N 369 
TYR HH   H N N 370 
TYR HXT  H N N 371 
VAL N    N N N 372 
VAL CA   C N S 373 
VAL C    C N N 374 
VAL O    O N N 375 
VAL CB   C N N 376 
VAL CG1  C N N 377 
VAL CG2  C N N 378 
VAL OXT  O N N 379 
VAL H    H N N 380 
VAL H2   H N N 381 
VAL HA   H N N 382 
VAL HB   H N N 383 
VAL HG11 H N N 384 
VAL HG12 H N N 385 
VAL HG13 H N N 386 
VAL HG21 H N N 387 
VAL HG22 H N N 388 
VAL HG23 H N N 389 
VAL HXT  H N N 390 
# 
loop_
_chem_comp_bond.comp_id 
_chem_comp_bond.atom_id_1 
_chem_comp_bond.atom_id_2 
_chem_comp_bond.value_order 
_chem_comp_bond.pdbx_aromatic_flag 
_chem_comp_bond.pdbx_stereo_config 
_chem_comp_bond.pdbx_ordinal 
ALA N   CA   sing N N 1   
ALA N   H    sing N N 2   
ALA N   H2   sing N N 3   
ALA CA  C    sing N N 4   
ALA CA  CB   sing N N 5   
ALA CA  HA   sing N N 6   
ALA C   O    doub N N 7   
ALA C   OXT  sing N N 8   
ALA CB  HB1  sing N N 9   
ALA CB  HB2  sing N N 10  
ALA CB  HB3  sing N N 11  
ALA OXT HXT  sing N N 12  
ARG N   CA   sing N N 13  
ARG N   H    sing N N 14  
ARG N   H2   sing N N 15  
ARG CA  C    sing N N 16  
ARG CA  CB   sing N N 17  
ARG CA  HA   sing N N 18  
ARG C   O    doub N N 19  
ARG C   OXT  sing N N 20  
ARG CB  CG   sing N N 21  
ARG CB  HB2  sing N N 22  
ARG CB  HB3  sing N N 23  
ARG CG  CD   sing N N 24  
ARG CG  HG2  sing N N 25  
ARG CG  HG3  sing N N 26  
ARG CD  NE   sing N N 27  
ARG CD  HD2  sing N N 28  
ARG CD  HD3  sing N N 29  
ARG NE  CZ   sing N N 30  
ARG NE  HE   sing N N 31  
ARG CZ  NH1  sing N N 32  
ARG CZ  NH2  doub N N 33  
ARG NH1 HH11 sing N N 34  
ARG NH1 HH12 sing N N 35  
ARG NH2 HH21 sing N N 36  
ARG NH2 HH22 sing N N 37  
ARG OXT HXT  sing N N 38  
ASN N   CA   sing N N 39  
ASN N   H    sing N N 40  
ASN N   H2   sing N N 41  
ASN CA  C    sing N N 42  
ASN CA  CB   sing N N 43  
ASN CA  HA   sing N N 44  
ASN C   O    doub N N 45  
ASN C   OXT  sing N N 46  
ASN CB  CG   sing N N 47  
ASN CB  HB2  sing N N 48  
ASN CB  HB3  sing N N 49  
ASN CG  OD1  doub N N 50  
ASN CG  ND2  sing N N 51  
ASN ND2 HD21 sing N N 52  
ASN ND2 HD22 sing N N 53  
ASN OXT HXT  sing N N 54  
ASP N   CA   sing N N 55  
ASP N   H    sing N N 56  
ASP N   H2   sing N N 57  
ASP CA  C    sing N N 58  
ASP CA  CB   sing N N 59  
ASP CA  HA   sing N N 60  
ASP C   O    doub N N 61  
ASP C   OXT  sing N N 62  
ASP CB  CG   sing N N 63  
ASP CB  HB2  sing N N 64  
ASP CB  HB3  sing N N 65  
ASP CG  OD1  doub N N 66  
ASP CG  OD2  sing N N 67  
ASP OD2 HD2  sing N N 68  
ASP OXT HXT  sing N N 69  
DMX C1  C2   sing Y N 70  
DMX C1  C6   doub Y N 71  
DMX C1  H1   sing N N 72  
DMX C2  C3   doub Y N 73  
DMX C2  H2   sing N N 74  
DMX C3  C4   sing Y N 75  
DMX C3  H3   sing N N 76  
DMX C4  C5   doub Y N 77  
DMX C4  C7   sing N N 78  
DMX C5  C6   sing Y N 79  
DMX C5  H5   sing N N 80  
DMX C6  H6   sing N N 81  
DMX C7  N8   sing N N 82  
DMX C7  H71  sing N N 83  
DMX C7  H72  sing N N 84  
DMX N8  C9   sing N N 85  
DMX N8  C12  sing N N 86  
DMX N8  C13  sing N N 87  
DMX C9  C17  sing N N 88  
DMX C9  H91  sing N N 89  
DMX C9  H92  sing N N 90  
DMX C10 S11  sing N N 91  
DMX C10 C17  sing N N 92  
DMX C10 H101 sing N N 93  
DMX C10 H102 sing N N 94  
DMX S11 O14  sing N N 95  
DMX S11 O15  doub N N 96  
DMX S11 O16  doub N N 97  
DMX C12 H121 sing N N 98  
DMX C12 H122 sing N N 99  
DMX C12 H123 sing N N 100 
DMX C13 H131 sing N N 101 
DMX C13 H132 sing N N 102 
DMX C13 H133 sing N N 103 
DMX C17 H171 sing N N 104 
DMX C17 H172 sing N N 105 
GLN N   CA   sing N N 106 
GLN N   H    sing N N 107 
GLN N   H2   sing N N 108 
GLN CA  C    sing N N 109 
GLN CA  CB   sing N N 110 
GLN CA  HA   sing N N 111 
GLN C   O    doub N N 112 
GLN C   OXT  sing N N 113 
GLN CB  CG   sing N N 114 
GLN CB  HB2  sing N N 115 
GLN CB  HB3  sing N N 116 
GLN CG  CD   sing N N 117 
GLN CG  HG2  sing N N 118 
GLN CG  HG3  sing N N 119 
GLN CD  OE1  doub N N 120 
GLN CD  NE2  sing N N 121 
GLN NE2 HE21 sing N N 122 
GLN NE2 HE22 sing N N 123 
GLN OXT HXT  sing N N 124 
GLU N   CA   sing N N 125 
GLU N   H    sing N N 126 
GLU N   H2   sing N N 127 
GLU CA  C    sing N N 128 
GLU CA  CB   sing N N 129 
GLU CA  HA   sing N N 130 
GLU C   O    doub N N 131 
GLU C   OXT  sing N N 132 
GLU CB  CG   sing N N 133 
GLU CB  HB2  sing N N 134 
GLU CB  HB3  sing N N 135 
GLU CG  CD   sing N N 136 
GLU CG  HG2  sing N N 137 
GLU CG  HG3  sing N N 138 
GLU CD  OE1  doub N N 139 
GLU CD  OE2  sing N N 140 
GLU OE2 HE2  sing N N 141 
GLU OXT HXT  sing N N 142 
GLY N   CA   sing N N 143 
GLY N   H    sing N N 144 
GLY N   H2   sing N N 145 
GLY CA  C    sing N N 146 
GLY CA  HA2  sing N N 147 
GLY CA  HA3  sing N N 148 
GLY C   O    doub N N 149 
GLY C   OXT  sing N N 150 
GLY OXT HXT  sing N N 151 
HIS N   CA   sing N N 152 
HIS N   H    sing N N 153 
HIS N   H2   sing N N 154 
HIS CA  C    sing N N 155 
HIS CA  CB   sing N N 156 
HIS CA  HA   sing N N 157 
HIS C   O    doub N N 158 
HIS C   OXT  sing N N 159 
HIS CB  CG   sing N N 160 
HIS CB  HB2  sing N N 161 
HIS CB  HB3  sing N N 162 
HIS CG  ND1  sing Y N 163 
HIS CG  CD2  doub Y N 164 
HIS ND1 CE1  doub Y N 165 
HIS ND1 HD1  sing N N 166 
HIS CD2 NE2  sing Y N 167 
HIS CD2 HD2  sing N N 168 
HIS CE1 NE2  sing Y N 169 
HIS CE1 HE1  sing N N 170 
HIS NE2 HE2  sing N N 171 
HIS OXT HXT  sing N N 172 
HOH O   H1   sing N N 173 
HOH O   H2   sing N N 174 
ILE N   CA   sing N N 175 
ILE N   H    sing N N 176 
ILE N   H2   sing N N 177 
ILE CA  C    sing N N 178 
ILE CA  CB   sing N N 179 
ILE CA  HA   sing N N 180 
ILE C   O    doub N N 181 
ILE C   OXT  sing N N 182 
ILE CB  CG1  sing N N 183 
ILE CB  CG2  sing N N 184 
ILE CB  HB   sing N N 185 
ILE CG1 CD1  sing N N 186 
ILE CG1 HG12 sing N N 187 
ILE CG1 HG13 sing N N 188 
ILE CG2 HG21 sing N N 189 
ILE CG2 HG22 sing N N 190 
ILE CG2 HG23 sing N N 191 
ILE CD1 HD11 sing N N 192 
ILE CD1 HD12 sing N N 193 
ILE CD1 HD13 sing N N 194 
ILE OXT HXT  sing N N 195 
LEU N   CA   sing N N 196 
LEU N   H    sing N N 197 
LEU N   H2   sing N N 198 
LEU CA  C    sing N N 199 
LEU CA  CB   sing N N 200 
LEU CA  HA   sing N N 201 
LEU C   O    doub N N 202 
LEU C   OXT  sing N N 203 
LEU CB  CG   sing N N 204 
LEU CB  HB2  sing N N 205 
LEU CB  HB3  sing N N 206 
LEU CG  CD1  sing N N 207 
LEU CG  CD2  sing N N 208 
LEU CG  HG   sing N N 209 
LEU CD1 HD11 sing N N 210 
LEU CD1 HD12 sing N N 211 
LEU CD1 HD13 sing N N 212 
LEU CD2 HD21 sing N N 213 
LEU CD2 HD22 sing N N 214 
LEU CD2 HD23 sing N N 215 
LEU OXT HXT  sing N N 216 
LYS N   CA   sing N N 217 
LYS N   H    sing N N 218 
LYS N   H2   sing N N 219 
LYS CA  C    sing N N 220 
LYS CA  CB   sing N N 221 
LYS CA  HA   sing N N 222 
LYS C   O    doub N N 223 
LYS C   OXT  sing N N 224 
LYS CB  CG   sing N N 225 
LYS CB  HB2  sing N N 226 
LYS CB  HB3  sing N N 227 
LYS CG  CD   sing N N 228 
LYS CG  HG2  sing N N 229 
LYS CG  HG3  sing N N 230 
LYS CD  CE   sing N N 231 
LYS CD  HD2  sing N N 232 
LYS CD  HD3  sing N N 233 
LYS CE  NZ   sing N N 234 
LYS CE  HE2  sing N N 235 
LYS CE  HE3  sing N N 236 
LYS NZ  HZ1  sing N N 237 
LYS NZ  HZ2  sing N N 238 
LYS NZ  HZ3  sing N N 239 
LYS OXT HXT  sing N N 240 
MET N   CA   sing N N 241 
MET N   H    sing N N 242 
MET N   H2   sing N N 243 
MET CA  C    sing N N 244 
MET CA  CB   sing N N 245 
MET CA  HA   sing N N 246 
MET C   O    doub N N 247 
MET C   OXT  sing N N 248 
MET CB  CG   sing N N 249 
MET CB  HB2  sing N N 250 
MET CB  HB3  sing N N 251 
MET CG  SD   sing N N 252 
MET CG  HG2  sing N N 253 
MET CG  HG3  sing N N 254 
MET SD  CE   sing N N 255 
MET CE  HE1  sing N N 256 
MET CE  HE2  sing N N 257 
MET CE  HE3  sing N N 258 
MET OXT HXT  sing N N 259 
PHE N   CA   sing N N 260 
PHE N   H    sing N N 261 
PHE N   H2   sing N N 262 
PHE CA  C    sing N N 263 
PHE CA  CB   sing N N 264 
PHE CA  HA   sing N N 265 
PHE C   O    doub N N 266 
PHE C   OXT  sing N N 267 
PHE CB  CG   sing N N 268 
PHE CB  HB2  sing N N 269 
PHE CB  HB3  sing N N 270 
PHE CG  CD1  doub Y N 271 
PHE CG  CD2  sing Y N 272 
PHE CD1 CE1  sing Y N 273 
PHE CD1 HD1  sing N N 274 
PHE CD2 CE2  doub Y N 275 
PHE CD2 HD2  sing N N 276 
PHE CE1 CZ   doub Y N 277 
PHE CE1 HE1  sing N N 278 
PHE CE2 CZ   sing Y N 279 
PHE CE2 HE2  sing N N 280 
PHE CZ  HZ   sing N N 281 
PHE OXT HXT  sing N N 282 
PRO N   CA   sing N N 283 
PRO N   CD   sing N N 284 
PRO N   H    sing N N 285 
PRO CA  C    sing N N 286 
PRO CA  CB   sing N N 287 
PRO CA  HA   sing N N 288 
PRO C   O    doub N N 289 
PRO C   OXT  sing N N 290 
PRO CB  CG   sing N N 291 
PRO CB  HB2  sing N N 292 
PRO CB  HB3  sing N N 293 
PRO CG  CD   sing N N 294 
PRO CG  HG2  sing N N 295 
PRO CG  HG3  sing N N 296 
PRO CD  HD2  sing N N 297 
PRO CD  HD3  sing N N 298 
PRO OXT HXT  sing N N 299 
SER N   CA   sing N N 300 
SER N   H    sing N N 301 
SER N   H2   sing N N 302 
SER CA  C    sing N N 303 
SER CA  CB   sing N N 304 
SER CA  HA   sing N N 305 
SER C   O    doub N N 306 
SER C   OXT  sing N N 307 
SER CB  OG   sing N N 308 
SER CB  HB2  sing N N 309 
SER CB  HB3  sing N N 310 
SER OG  HG   sing N N 311 
SER OXT HXT  sing N N 312 
SO4 S   O1   doub N N 313 
SO4 S   O2   doub N N 314 
SO4 S   O3   sing N N 315 
SO4 S   O4   sing N N 316 
THR N   CA   sing N N 317 
THR N   H    sing N N 318 
THR N   H2   sing N N 319 
THR CA  C    sing N N 320 
THR CA  CB   sing N N 321 
THR CA  HA   sing N N 322 
THR C   O    doub N N 323 
THR C   OXT  sing N N 324 
THR CB  OG1  sing N N 325 
THR CB  CG2  sing N N 326 
THR CB  HB   sing N N 327 
THR OG1 HG1  sing N N 328 
THR CG2 HG21 sing N N 329 
THR CG2 HG22 sing N N 330 
THR CG2 HG23 sing N N 331 
THR OXT HXT  sing N N 332 
TYR N   CA   sing N N 333 
TYR N   H    sing N N 334 
TYR N   H2   sing N N 335 
TYR CA  C    sing N N 336 
TYR CA  CB   sing N N 337 
TYR CA  HA   sing N N 338 
TYR C   O    doub N N 339 
TYR C   OXT  sing N N 340 
TYR CB  CG   sing N N 341 
TYR CB  HB2  sing N N 342 
TYR CB  HB3  sing N N 343 
TYR CG  CD1  doub Y N 344 
TYR CG  CD2  sing Y N 345 
TYR CD1 CE1  sing Y N 346 
TYR CD1 HD1  sing N N 347 
TYR CD2 CE2  doub Y N 348 
TYR CD2 HD2  sing N N 349 
TYR CE1 CZ   doub Y N 350 
TYR CE1 HE1  sing N N 351 
TYR CE2 CZ   sing Y N 352 
TYR CE2 HE2  sing N N 353 
TYR CZ  OH   sing N N 354 
TYR OH  HH   sing N N 355 
TYR OXT HXT  sing N N 356 
VAL N   CA   sing N N 357 
VAL N   H    sing N N 358 
VAL N   H2   sing N N 359 
VAL CA  C    sing N N 360 
VAL CA  CB   sing N N 361 
VAL CA  HA   sing N N 362 
VAL C   O    doub N N 363 
VAL C   OXT  sing N N 364 
VAL CB  CG1  sing N N 365 
VAL CB  CG2  sing N N 366 
VAL CB  HB   sing N N 367 
VAL CG1 HG11 sing N N 368 
VAL CG1 HG12 sing N N 369 
VAL CG1 HG13 sing N N 370 
VAL CG2 HG21 sing N N 371 
VAL CG2 HG22 sing N N 372 
VAL CG2 HG23 sing N N 373 
VAL OXT HXT  sing N N 374 
# 
loop_
_pdbx_entity_nonpoly.entity_id 
_pdbx_entity_nonpoly.name 
_pdbx_entity_nonpoly.comp_id 
2 '3-[BENZYL(DIMETHYL)AMMONIO]PROPANE-1-SULFONATE' DMX 
3 'SULFATE ION'                                    SO4 
4 water                                            HOH 
# 
_pdbx_initial_refinement_model.id               1 
_pdbx_initial_refinement_model.entity_id_list   ? 
_pdbx_initial_refinement_model.type             'experimental model' 
_pdbx_initial_refinement_model.source_name      PDB 
_pdbx_initial_refinement_model.accession_code   4A80 
_pdbx_initial_refinement_model.details          'PDB ENTRY 4A80' 
# 
